data_8VSW
#
_entry.id   8VSW
#
loop_
_entity.id
_entity.type
_entity.pdbx_description
1 polymer '4-mercaptophenol-alpha3C protein'
2 non-polymer 4-sulfanylphenol
#
_entity_poly.entity_id   1
_entity_poly.type   'polypeptide(L)'
_entity_poly.pdbx_seq_one_letter_code
;GSRVKALEEKVKALEEKVKALGGGGRIEELKKKCEELKKKIEELGGGGEVKKVEEEVKKLEEEIKKL
;
_entity_poly.pdbx_strand_id   A
#
loop_
_chem_comp.id
_chem_comp.type
_chem_comp.name
_chem_comp.formula
HTU non-polymer 4-sulfanylphenol 'C6 H6 O S'
#
# COMPACT_ATOMS: atom_id res chain seq x y z
N GLY A 1 5.01 4.04 -18.89
CA GLY A 1 4.27 2.98 -18.16
C GLY A 1 3.28 3.54 -17.17
N SER A 2 3.59 3.41 -15.88
CA SER A 2 2.72 3.91 -14.82
C SER A 2 3.52 4.44 -13.66
N ARG A 3 4.15 3.53 -12.91
CA ARG A 3 4.97 3.92 -11.75
C ARG A 3 4.10 4.49 -10.64
N VAL A 4 3.50 5.65 -10.90
CA VAL A 4 2.64 6.30 -9.90
C VAL A 4 1.22 5.75 -9.96
N LYS A 5 0.76 5.43 -11.17
CA LYS A 5 -0.57 4.87 -11.35
C LYS A 5 -0.79 3.68 -10.43
N ALA A 6 0.30 2.97 -10.15
CA ALA A 6 0.26 1.81 -9.27
C ALA A 6 0.23 2.25 -7.80
N LEU A 7 0.77 3.43 -7.54
CA LEU A 7 0.83 3.99 -6.19
C LEU A 7 -0.50 4.64 -5.80
N GLU A 8 -1.08 5.38 -6.73
CA GLU A 8 -2.33 6.09 -6.49
C GLU A 8 -3.50 5.13 -6.30
N GLU A 9 -3.50 4.03 -7.03
CA GLU A 9 -4.59 3.06 -6.95
C GLU A 9 -4.48 2.19 -5.70
N LYS A 10 -3.33 1.52 -5.55
CA LYS A 10 -3.11 0.63 -4.40
C LYS A 10 -3.48 1.30 -3.08
N VAL A 11 -3.17 2.59 -2.95
CA VAL A 11 -3.48 3.31 -1.72
C VAL A 11 -4.97 3.23 -1.37
N LYS A 12 -5.80 3.07 -2.39
CA LYS A 12 -7.23 2.98 -2.19
C LYS A 12 -7.62 1.57 -1.72
N ALA A 13 -7.07 0.56 -2.37
CA ALA A 13 -7.36 -0.82 -2.01
C ALA A 13 -6.60 -1.22 -0.74
N LEU A 14 -5.50 -0.52 -0.48
CA LEU A 14 -4.67 -0.80 0.69
C LEU A 14 -5.42 -0.50 1.99
N GLU A 15 -5.91 0.72 2.14
CA GLU A 15 -6.62 1.13 3.35
C GLU A 15 -8.08 0.65 3.35
N GLU A 16 -8.84 1.07 2.35
CA GLU A 16 -10.26 0.72 2.24
C GLU A 16 -10.52 -0.76 2.48
N LYS A 17 -9.62 -1.62 2.00
CA LYS A 17 -9.80 -3.05 2.18
C LYS A 17 -9.58 -3.47 3.62
N VAL A 18 -8.45 -3.05 4.18
CA VAL A 18 -8.12 -3.37 5.56
C VAL A 18 -9.15 -2.78 6.53
N LYS A 19 -9.62 -1.59 6.21
CA LYS A 19 -10.62 -0.92 7.05
C LYS A 19 -11.95 -1.67 7.01
N ALA A 20 -12.19 -2.37 5.91
CA ALA A 20 -13.42 -3.12 5.73
C ALA A 20 -13.24 -4.58 6.11
N LEU A 21 -11.99 -5.04 6.13
CA LEU A 21 -11.69 -6.43 6.47
C LEU A 21 -11.80 -6.66 7.97
N GLY A 22 -11.21 -5.76 8.75
CA GLY A 22 -11.27 -5.88 10.20
C GLY A 22 -10.85 -7.26 10.69
N GLY A 23 -9.60 -7.37 11.12
CA GLY A 23 -9.11 -8.64 11.62
C GLY A 23 -7.90 -8.48 12.52
N GLY A 24 -7.23 -9.60 12.81
CA GLY A 24 -6.06 -9.56 13.67
C GLY A 24 -4.96 -10.50 13.19
N GLY A 25 -3.92 -10.64 14.00
CA GLY A 25 -2.81 -11.52 13.64
C GLY A 25 -2.17 -11.11 12.33
N ARG A 26 -2.65 -11.70 11.23
CA ARG A 26 -2.11 -11.40 9.91
C ARG A 26 -2.37 -9.95 9.54
N ILE A 27 -3.48 -9.41 10.02
CA ILE A 27 -3.84 -8.02 9.74
C ILE A 27 -3.04 -7.06 10.59
N GLU A 28 -2.61 -7.52 11.77
CA GLU A 28 -1.83 -6.68 12.67
C GLU A 28 -0.62 -6.08 11.97
N GLU A 29 0.20 -6.95 11.37
CA GLU A 29 1.39 -6.51 10.66
C GLU A 29 1.04 -5.93 9.29
N LEU A 30 -0.08 -6.38 8.74
CA LEU A 30 -0.54 -5.91 7.43
C LEU A 30 -0.74 -4.39 7.43
N LYS A 31 -1.30 -3.86 8.51
CA LYS A 31 -1.53 -2.43 8.62
C LYS A 31 -0.22 -1.67 8.82
N LYS A 32 0.71 -2.27 9.56
CA LYS A 32 2.00 -1.64 9.81
C LYS A 32 2.66 -1.22 8.50
N LYS A 33 2.48 -2.05 7.48
CA LYS A 33 3.04 -1.78 6.17
C LYS A 33 2.18 -0.79 5.39
N CYS A 34 0.90 -0.72 5.75
CA CYS A 34 -0.04 0.17 5.10
C CYS A 34 0.20 1.63 5.48
N GLU A 35 0.10 1.93 6.77
CA GLU A 35 0.31 3.29 7.26
C GLU A 35 1.62 3.90 6.75
N GLU A 36 2.61 3.04 6.54
CA GLU A 36 3.91 3.49 6.04
C GLU A 36 3.87 3.72 4.54
N LEU A 37 2.98 2.99 3.86
CA LEU A 37 2.84 3.09 2.42
C LEU A 37 2.11 4.38 2.03
N LYS A 38 1.05 4.70 2.77
CA LYS A 38 0.26 5.90 2.49
C LYS A 38 1.04 7.17 2.81
N LYS A 39 1.90 7.10 3.83
CA LYS A 39 2.70 8.25 4.25
C LYS A 39 3.84 8.54 3.28
N LYS A 40 4.37 7.50 2.65
CA LYS A 40 5.48 7.65 1.72
C LYS A 40 5.07 8.38 0.44
N ILE A 41 4.03 7.88 -0.23
CA ILE A 41 3.55 8.47 -1.48
C ILE A 41 3.04 9.90 -1.27
N GLU A 42 2.07 10.05 -0.37
CA GLU A 42 1.49 11.36 -0.09
C GLU A 42 2.54 12.38 0.31
N GLU A 43 3.64 11.92 0.90
CA GLU A 43 4.70 12.82 1.33
C GLU A 43 5.79 12.97 0.28
N LEU A 44 6.27 11.85 -0.25
CA LEU A 44 7.32 11.87 -1.26
C LEU A 44 6.88 12.65 -2.50
N GLY A 45 7.81 13.38 -3.08
CA GLY A 45 7.52 14.16 -4.26
C GLY A 45 8.63 14.10 -5.30
N GLY A 46 9.87 14.22 -4.84
CA GLY A 46 11.00 14.16 -5.75
C GLY A 46 11.92 13.00 -5.44
N GLY A 47 12.06 12.66 -4.17
CA GLY A 47 12.92 11.56 -3.77
C GLY A 47 12.13 10.33 -3.37
N GLY A 48 12.82 9.23 -3.12
CA GLY A 48 12.17 8.00 -2.71
C GLY A 48 11.89 7.09 -3.89
N GLU A 49 11.93 7.64 -5.10
CA GLU A 49 11.68 6.86 -6.31
C GLU A 49 10.26 6.35 -6.36
N VAL A 50 9.63 6.48 -7.52
CA VAL A 50 8.25 6.03 -7.69
C VAL A 50 8.20 4.54 -8.03
N LYS A 51 9.26 4.03 -8.66
CA LYS A 51 9.34 2.63 -9.03
C LYS A 51 9.64 1.75 -7.82
N LYS A 52 10.23 2.35 -6.79
CA LYS A 52 10.58 1.61 -5.58
C LYS A 52 9.35 1.39 -4.69
N VAL A 53 8.36 2.28 -4.80
CA VAL A 53 7.15 2.18 -4.00
C VAL A 53 6.15 1.20 -4.61
N GLU A 54 6.07 1.19 -5.94
CA GLU A 54 5.14 0.30 -6.63
C GLU A 54 5.58 -1.15 -6.51
N GLU A 55 6.88 -1.37 -6.39
CA GLU A 55 7.44 -2.71 -6.26
C GLU A 55 7.19 -3.27 -4.86
N GLU A 56 7.46 -2.45 -3.85
CA GLU A 56 7.28 -2.86 -2.46
C GLU A 56 5.80 -3.10 -2.15
N VAL A 57 4.96 -2.16 -2.56
CA VAL A 57 3.52 -2.26 -2.33
C VAL A 57 2.95 -3.52 -2.99
N LYS A 58 3.61 -3.99 -4.03
CA LYS A 58 3.17 -5.18 -4.75
C LYS A 58 2.95 -6.34 -3.78
N LYS A 59 3.67 -6.31 -2.67
CA LYS A 59 3.56 -7.36 -1.66
C LYS A 59 2.31 -7.16 -0.80
N LEU A 60 2.00 -5.91 -0.50
CA LEU A 60 0.84 -5.57 0.32
C LEU A 60 -0.44 -5.81 -0.45
N GLU A 61 -0.53 -5.26 -1.66
CA GLU A 61 -1.72 -5.41 -2.49
C GLU A 61 -2.07 -6.89 -2.68
N GLU A 62 -1.07 -7.69 -3.05
CA GLU A 62 -1.28 -9.12 -3.26
C GLU A 62 -1.84 -9.78 -2.01
N GLU A 63 -1.47 -9.24 -0.85
CA GLU A 63 -1.93 -9.76 0.42
C GLU A 63 -3.41 -9.43 0.64
N ILE A 64 -3.88 -8.39 -0.02
CA ILE A 64 -5.27 -7.96 0.11
C ILE A 64 -6.21 -8.92 -0.62
N LYS A 65 -5.71 -9.54 -1.68
CA LYS A 65 -6.50 -10.48 -2.47
C LYS A 65 -7.02 -11.61 -1.58
N LYS A 66 -6.26 -11.96 -0.56
CA LYS A 66 -6.66 -13.03 0.36
C LYS A 66 -7.54 -12.48 1.48
N LEU A 67 -7.30 -11.21 1.84
CA LEU A 67 -8.07 -10.57 2.91
C LEU A 67 -8.77 -9.33 2.38
C1 HTU B . -5.27 -0.74 7.97
O1 HTU B . -7.42 -0.92 8.98
S1 HTU B . -3.72 1.80 5.26
C2 HTU B . -4.41 -0.10 7.10
C3 HTU B . -4.81 1.00 6.34
C4 HTU B . -6.12 1.43 6.52
C5 HTU B . -6.99 0.80 7.38
C6 HTU B . -6.56 -0.29 8.11
H1 HTU B . -4.93 -1.60 8.52
H2 HTU B . -3.41 -0.47 6.98
H4 HTU B . -6.47 2.28 5.95
H5 HTU B . -8.00 1.15 7.50
HO1 HTU B . -8.13 -1.33 8.48
N GLY A 1 3.98 1.97 -19.19
CA GLY A 1 4.45 1.74 -17.79
C GLY A 1 3.93 2.80 -16.82
N SER A 2 3.19 2.35 -15.81
CA SER A 2 2.63 3.26 -14.82
C SER A 2 3.35 3.09 -13.48
N ARG A 3 4.14 4.10 -13.11
CA ARG A 3 4.87 4.06 -11.85
C ARG A 3 4.02 4.59 -10.70
N VAL A 4 3.43 5.78 -10.90
CA VAL A 4 2.58 6.39 -9.89
C VAL A 4 1.16 5.85 -9.96
N LYS A 5 0.72 5.52 -11.18
CA LYS A 5 -0.62 4.98 -11.38
C LYS A 5 -0.85 3.79 -10.45
N ALA A 6 0.22 3.06 -10.17
CA ALA A 6 0.16 1.91 -9.29
C ALA A 6 0.15 2.34 -7.83
N LEU A 7 0.70 3.51 -7.56
CA LEU A 7 0.76 4.04 -6.20
C LEU A 7 -0.55 4.70 -5.80
N GLU A 8 -1.13 5.48 -6.70
CA GLU A 8 -2.37 6.19 -6.43
C GLU A 8 -3.56 5.23 -6.30
N GLU A 9 -3.55 4.16 -7.07
CA GLU A 9 -4.65 3.19 -7.05
C GLU A 9 -4.55 2.25 -5.85
N LYS A 10 -3.47 1.50 -5.76
CA LYS A 10 -3.26 0.55 -4.67
C LYS A 10 -3.55 1.17 -3.31
N VAL A 11 -3.20 2.44 -3.14
CA VAL A 11 -3.44 3.13 -1.87
C VAL A 11 -4.91 3.07 -1.47
N LYS A 12 -5.79 2.96 -2.46
CA LYS A 12 -7.22 2.88 -2.21
C LYS A 12 -7.60 1.48 -1.74
N ALA A 13 -7.04 0.49 -2.39
CA ALA A 13 -7.31 -0.91 -2.05
C ALA A 13 -6.54 -1.31 -0.79
N LEU A 14 -5.44 -0.63 -0.53
CA LEU A 14 -4.60 -0.92 0.62
C LEU A 14 -5.31 -0.62 1.94
N GLU A 15 -5.78 0.61 2.08
CA GLU A 15 -6.46 1.02 3.32
C GLU A 15 -7.93 0.59 3.36
N GLU A 16 -8.69 1.00 2.36
CA GLU A 16 -10.13 0.71 2.29
C GLU A 16 -10.43 -0.78 2.35
N LYS A 17 -9.61 -1.61 1.71
CA LYS A 17 -9.85 -3.05 1.70
C LYS A 17 -9.52 -3.67 3.06
N VAL A 18 -8.52 -3.12 3.74
CA VAL A 18 -8.12 -3.63 5.04
C VAL A 18 -9.03 -3.09 6.14
N LYS A 19 -9.40 -1.82 6.03
CA LYS A 19 -10.27 -1.19 7.02
C LYS A 19 -11.67 -1.79 6.98
N ALA A 20 -12.04 -2.38 5.85
CA ALA A 20 -13.36 -2.98 5.69
C ALA A 20 -13.32 -4.48 5.98
N LEU A 21 -12.13 -5.05 6.03
CA LEU A 21 -11.96 -6.48 6.30
C LEU A 21 -12.32 -6.81 7.75
N GLY A 22 -11.85 -5.97 8.66
CA GLY A 22 -12.12 -6.19 10.07
C GLY A 22 -10.92 -5.87 10.94
N GLY A 23 -10.10 -6.89 11.22
CA GLY A 23 -8.93 -6.69 12.04
C GLY A 23 -8.73 -7.82 13.04
N GLY A 24 -7.48 -8.28 13.16
CA GLY A 24 -7.19 -9.36 14.09
C GLY A 24 -5.70 -9.52 14.32
N GLY A 25 -5.16 -10.67 13.91
CA GLY A 25 -3.75 -10.93 14.09
C GLY A 25 -2.95 -10.65 12.83
N ARG A 26 -3.31 -11.33 11.74
CA ARG A 26 -2.63 -11.15 10.47
C ARG A 26 -2.70 -9.70 10.01
N ILE A 27 -3.76 -9.01 10.41
CA ILE A 27 -3.96 -7.62 10.03
C ILE A 27 -3.04 -6.70 10.83
N GLU A 28 -2.62 -7.16 12.00
CA GLU A 28 -1.74 -6.37 12.86
C GLU A 28 -0.50 -5.91 12.10
N GLU A 29 0.23 -6.87 11.53
CA GLU A 29 1.45 -6.56 10.77
C GLU A 29 1.09 -6.04 9.38
N LEU A 30 -0.07 -6.43 8.88
CA LEU A 30 -0.52 -6.00 7.56
C LEU A 30 -0.66 -4.48 7.48
N LYS A 31 -1.31 -3.90 8.49
CA LYS A 31 -1.51 -2.45 8.52
C LYS A 31 -0.18 -1.71 8.70
N LYS A 32 0.73 -2.32 9.45
CA LYS A 32 2.03 -1.71 9.69
C LYS A 32 2.70 -1.33 8.37
N LYS A 33 2.53 -2.19 7.37
CA LYS A 33 3.09 -1.95 6.05
C LYS A 33 2.23 -0.99 5.25
N CYS A 34 0.95 -0.92 5.61
CA CYS A 34 0.00 -0.04 4.93
C CYS A 34 0.21 1.41 5.31
N GLU A 35 0.08 1.71 6.60
CA GLU A 35 0.23 3.07 7.12
C GLU A 35 1.55 3.69 6.63
N GLU A 36 2.57 2.86 6.44
CA GLU A 36 3.87 3.33 5.99
C GLU A 36 3.86 3.57 4.48
N LEU A 37 3.03 2.80 3.78
CA LEU A 37 2.92 2.90 2.33
C LEU A 37 2.18 4.19 1.93
N LYS A 38 1.09 4.48 2.62
CA LYS A 38 0.30 5.67 2.34
C LYS A 38 1.03 6.93 2.80
N LYS A 39 1.86 6.78 3.82
CA LYS A 39 2.62 7.90 4.37
C LYS A 39 3.73 8.35 3.41
N LYS A 40 4.28 7.40 2.65
CA LYS A 40 5.35 7.70 1.72
C LYS A 40 4.85 8.47 0.51
N ILE A 41 3.86 7.91 -0.18
CA ILE A 41 3.29 8.53 -1.37
C ILE A 41 2.80 9.95 -1.08
N GLU A 42 2.38 10.20 0.15
CA GLU A 42 1.88 11.52 0.54
C GLU A 42 3.04 12.47 0.86
N GLU A 43 4.18 11.90 1.25
CA GLU A 43 5.34 12.71 1.60
C GLU A 43 6.22 12.97 0.38
N LEU A 44 6.28 12.00 -0.52
CA LEU A 44 7.08 12.14 -1.73
C LEU A 44 6.38 13.03 -2.76
N GLY A 45 7.17 13.64 -3.63
CA GLY A 45 6.61 14.51 -4.66
C GLY A 45 7.41 14.47 -5.94
N GLY A 46 8.74 14.53 -5.82
CA GLY A 46 9.59 14.49 -6.98
C GLY A 46 10.90 13.77 -6.72
N GLY A 47 10.89 12.86 -5.75
CA GLY A 47 12.08 12.11 -5.42
C GLY A 47 11.78 10.80 -4.73
N GLY A 48 12.82 10.10 -4.30
CA GLY A 48 12.64 8.83 -3.63
C GLY A 48 12.27 7.70 -4.58
N GLU A 49 12.27 7.99 -5.89
CA GLU A 49 11.94 7.00 -6.89
C GLU A 49 10.50 6.53 -6.73
N VAL A 50 9.75 6.57 -7.83
CA VAL A 50 8.36 6.13 -7.82
C VAL A 50 8.25 4.63 -8.05
N LYS A 51 9.20 4.08 -8.79
CA LYS A 51 9.21 2.65 -9.09
C LYS A 51 9.53 1.82 -7.85
N LYS A 52 10.12 2.45 -6.84
CA LYS A 52 10.47 1.77 -5.60
C LYS A 52 9.25 1.60 -4.70
N VAL A 53 8.29 2.51 -4.83
CA VAL A 53 7.08 2.45 -4.01
C VAL A 53 6.04 1.48 -4.59
N GLU A 54 6.02 1.35 -5.91
CA GLU A 54 5.07 0.46 -6.57
C GLU A 54 5.49 -1.01 -6.42
N GLU A 55 6.79 -1.25 -6.42
CA GLU A 55 7.32 -2.60 -6.29
C GLU A 55 7.13 -3.13 -4.88
N GLU A 56 7.29 -2.26 -3.89
CA GLU A 56 7.12 -2.64 -2.49
C GLU A 56 5.66 -2.91 -2.17
N VAL A 57 4.78 -2.00 -2.58
CA VAL A 57 3.35 -2.14 -2.35
C VAL A 57 2.82 -3.42 -2.99
N LYS A 58 3.48 -3.87 -4.04
CA LYS A 58 3.08 -5.08 -4.76
C LYS A 58 2.95 -6.26 -3.80
N LYS A 59 3.70 -6.21 -2.70
CA LYS A 59 3.67 -7.29 -1.71
C LYS A 59 2.44 -7.16 -0.81
N LEU A 60 2.07 -5.92 -0.50
CA LEU A 60 0.93 -5.66 0.37
C LEU A 60 -0.38 -5.90 -0.37
N GLU A 61 -0.50 -5.36 -1.57
CA GLU A 61 -1.70 -5.52 -2.38
C GLU A 61 -2.06 -7.00 -2.55
N GLU A 62 -1.07 -7.80 -2.91
CA GLU A 62 -1.27 -9.23 -3.11
C GLU A 62 -1.82 -9.88 -1.84
N GLU A 63 -1.45 -9.31 -0.69
CA GLU A 63 -1.89 -9.81 0.60
C GLU A 63 -3.36 -9.46 0.83
N ILE A 64 -3.83 -8.43 0.15
CA ILE A 64 -5.21 -7.99 0.29
C ILE A 64 -6.17 -8.95 -0.40
N LYS A 65 -5.73 -9.51 -1.53
CA LYS A 65 -6.54 -10.44 -2.29
C LYS A 65 -6.87 -11.68 -1.46
N LYS A 66 -6.04 -11.96 -0.47
CA LYS A 66 -6.23 -13.12 0.41
C LYS A 66 -7.26 -12.81 1.49
N LEU A 67 -7.32 -11.55 1.92
CA LEU A 67 -8.25 -11.14 2.95
C LEU A 67 -9.68 -11.17 2.43
C1 HTU B . -5.15 -1.35 7.72
O1 HTU B . -7.29 -1.73 8.70
S1 HTU B . -3.69 1.55 5.34
C2 HTU B . -4.31 -0.59 6.94
C3 HTU B . -4.76 0.58 6.32
C4 HTU B . -6.09 0.94 6.54
C5 HTU B . -6.94 0.17 7.32
C6 HTU B . -6.46 -0.97 7.91
H1 HTU B . -4.78 -2.24 8.19
H2 HTU B . -3.29 -0.89 6.80
H4 HTU B . -6.47 1.82 6.06
H5 HTU B . -7.96 0.47 7.45
HO1 HTU B . -8.01 -2.07 8.16
N GLY A 1 4.37 4.63 -18.62
CA GLY A 1 4.26 3.34 -17.88
C GLY A 1 3.54 3.50 -16.55
N SER A 2 2.68 4.51 -16.46
CA SER A 2 1.93 4.77 -15.23
C SER A 2 2.86 5.19 -14.10
N ARG A 3 3.59 4.23 -13.55
CA ARG A 3 4.53 4.50 -12.46
C ARG A 3 3.78 4.92 -11.20
N VAL A 4 3.15 6.10 -11.24
CA VAL A 4 2.40 6.62 -10.11
C VAL A 4 1.00 6.04 -10.09
N LYS A 5 0.44 5.80 -11.27
CA LYS A 5 -0.90 5.23 -11.38
C LYS A 5 -1.01 3.95 -10.57
N ALA A 6 0.12 3.25 -10.44
CA ALA A 6 0.17 2.02 -9.67
C ALA A 6 0.26 2.32 -8.18
N LEU A 7 0.80 3.50 -7.86
CA LEU A 7 0.96 3.94 -6.48
C LEU A 7 -0.35 4.50 -5.93
N GLU A 8 -0.94 5.42 -6.67
CA GLU A 8 -2.19 6.07 -6.25
C GLU A 8 -3.36 5.08 -6.21
N GLU A 9 -3.29 4.05 -7.06
CA GLU A 9 -4.35 3.05 -7.14
C GLU A 9 -4.26 2.04 -6.00
N LYS A 10 -3.04 1.65 -5.65
CA LYS A 10 -2.83 0.67 -4.58
C LYS A 10 -3.19 1.24 -3.21
N VAL A 11 -3.09 2.56 -3.07
CA VAL A 11 -3.40 3.21 -1.80
C VAL A 11 -4.89 3.08 -1.46
N LYS A 12 -5.72 2.94 -2.48
CA LYS A 12 -7.16 2.81 -2.27
C LYS A 12 -7.51 1.40 -1.81
N ALA A 13 -6.83 0.41 -2.36
CA ALA A 13 -7.06 -0.98 -2.00
C ALA A 13 -6.34 -1.33 -0.71
N LEU A 14 -5.29 -0.59 -0.40
CA LEU A 14 -4.52 -0.84 0.80
C LEU A 14 -5.31 -0.51 2.06
N GLU A 15 -5.82 0.72 2.15
CA GLU A 15 -6.58 1.16 3.30
C GLU A 15 -8.04 0.70 3.26
N GLU A 16 -8.75 1.07 2.20
CA GLU A 16 -10.17 0.72 2.07
C GLU A 16 -10.45 -0.75 2.35
N LYS A 17 -9.57 -1.63 1.88
CA LYS A 17 -9.76 -3.06 2.08
C LYS A 17 -9.61 -3.42 3.55
N VAL A 18 -8.56 -2.91 4.19
CA VAL A 18 -8.32 -3.19 5.59
C VAL A 18 -9.46 -2.69 6.47
N LYS A 19 -9.95 -1.48 6.16
CA LYS A 19 -11.04 -0.89 6.91
C LYS A 19 -12.31 -1.71 6.77
N ALA A 20 -12.43 -2.44 5.66
CA ALA A 20 -13.60 -3.28 5.40
C ALA A 20 -13.35 -4.72 5.82
N LEU A 21 -12.08 -5.10 5.96
CA LEU A 21 -11.72 -6.46 6.35
C LEU A 21 -11.92 -6.66 7.85
N GLY A 22 -11.46 -5.68 8.64
CA GLY A 22 -11.59 -5.77 10.08
C GLY A 22 -10.26 -5.68 10.79
N GLY A 23 -9.69 -6.83 11.14
CA GLY A 23 -8.41 -6.85 11.82
C GLY A 23 -8.35 -7.91 12.90
N GLY A 24 -7.34 -8.77 12.84
CA GLY A 24 -7.20 -9.82 13.82
C GLY A 24 -6.07 -10.78 13.51
N GLY A 25 -4.87 -10.47 14.00
CA GLY A 25 -3.72 -11.31 13.76
C GLY A 25 -2.95 -10.93 12.52
N ARG A 26 -3.17 -11.65 11.43
CA ARG A 26 -2.50 -11.37 10.16
C ARG A 26 -2.63 -9.90 9.76
N ILE A 27 -3.73 -9.29 10.15
CA ILE A 27 -3.98 -7.89 9.84
C ILE A 27 -3.16 -6.96 10.72
N GLU A 28 -2.76 -7.44 11.88
CA GLU A 28 -1.96 -6.65 12.81
C GLU A 28 -0.71 -6.09 12.13
N GLU A 29 0.09 -7.00 11.57
CA GLU A 29 1.32 -6.60 10.89
C GLU A 29 1.02 -6.03 9.51
N LEU A 30 -0.10 -6.47 8.92
CA LEU A 30 -0.50 -6.02 7.60
C LEU A 30 -0.69 -4.51 7.58
N LYS A 31 -1.38 -3.99 8.57
CA LYS A 31 -1.64 -2.55 8.67
C LYS A 31 -0.36 -1.78 8.95
N LYS A 32 0.51 -2.36 9.76
CA LYS A 32 1.78 -1.71 10.11
C LYS A 32 2.52 -1.27 8.85
N LYS A 33 2.45 -2.11 7.81
CA LYS A 33 3.10 -1.81 6.55
C LYS A 33 2.26 -0.85 5.70
N CYS A 34 0.95 -0.84 5.98
CA CYS A 34 0.02 0.03 5.26
C CYS A 34 0.28 1.50 5.55
N GLU A 35 0.18 1.88 6.82
CA GLU A 35 0.39 3.26 7.24
C GLU A 35 1.72 3.81 6.71
N GLU A 36 2.67 2.91 6.49
CA GLU A 36 3.99 3.29 5.99
C GLU A 36 3.94 3.53 4.49
N LEU A 37 3.02 2.85 3.83
CA LEU A 37 2.86 2.97 2.38
C LEU A 37 2.13 4.25 2.01
N LYS A 38 1.03 4.52 2.71
CA LYS A 38 0.24 5.72 2.44
C LYS A 38 0.99 6.99 2.84
N LYS A 39 1.88 6.87 3.82
CA LYS A 39 2.66 8.01 4.29
C LYS A 39 3.80 8.35 3.34
N LYS A 40 4.34 7.32 2.68
CA LYS A 40 5.46 7.51 1.76
C LYS A 40 5.03 8.31 0.54
N ILE A 41 3.98 7.87 -0.14
CA ILE A 41 3.48 8.55 -1.33
C ILE A 41 3.06 9.98 -1.02
N GLU A 42 2.15 10.14 -0.06
CA GLU A 42 1.65 11.45 0.33
C GLU A 42 2.80 12.39 0.70
N GLU A 43 3.93 11.82 1.09
CA GLU A 43 5.10 12.61 1.48
C GLU A 43 6.02 12.84 0.30
N LEU A 44 6.35 11.77 -0.42
CA LEU A 44 7.23 11.87 -1.58
C LEU A 44 6.56 12.62 -2.72
N GLY A 45 7.20 13.70 -3.15
CA GLY A 45 6.65 14.50 -4.24
C GLY A 45 7.48 14.40 -5.50
N GLY A 46 8.77 14.15 -5.33
CA GLY A 46 9.67 14.03 -6.47
C GLY A 46 10.70 12.94 -6.30
N GLY A 47 11.30 12.89 -5.11
CA GLY A 47 12.31 11.88 -4.84
C GLY A 47 11.71 10.62 -4.23
N GLY A 48 12.58 9.74 -3.75
CA GLY A 48 12.13 8.50 -3.15
C GLY A 48 11.85 7.42 -4.18
N GLU A 49 12.00 7.75 -5.45
CA GLU A 49 11.77 6.80 -6.52
C GLU A 49 10.31 6.35 -6.55
N VAL A 50 9.69 6.44 -7.72
CA VAL A 50 8.29 6.06 -7.89
C VAL A 50 8.16 4.57 -8.18
N LYS A 51 9.16 4.01 -8.87
CA LYS A 51 9.16 2.59 -9.22
C LYS A 51 9.48 1.73 -8.00
N LYS A 52 10.13 2.32 -7.01
CA LYS A 52 10.50 1.59 -5.80
C LYS A 52 9.29 1.34 -4.90
N VAL A 53 8.28 2.20 -5.02
CA VAL A 53 7.08 2.08 -4.21
C VAL A 53 6.10 1.07 -4.81
N GLU A 54 5.85 1.19 -6.11
CA GLU A 54 4.93 0.29 -6.80
C GLU A 54 5.35 -1.16 -6.62
N GLU A 55 6.65 -1.41 -6.70
CA GLU A 55 7.18 -2.76 -6.54
C GLU A 55 7.07 -3.21 -5.08
N GLU A 56 7.33 -2.29 -4.16
CA GLU A 56 7.27 -2.58 -2.74
C GLU A 56 5.83 -2.89 -2.31
N VAL A 57 4.92 -2.00 -2.66
CA VAL A 57 3.51 -2.16 -2.32
C VAL A 57 2.96 -3.46 -2.90
N LYS A 58 3.58 -3.93 -3.98
CA LYS A 58 3.16 -5.16 -4.64
C LYS A 58 3.04 -6.31 -3.64
N LYS A 59 3.80 -6.22 -2.56
CA LYS A 59 3.79 -7.24 -1.51
C LYS A 59 2.57 -7.08 -0.60
N LEU A 60 2.16 -5.83 -0.40
CA LEU A 60 1.01 -5.53 0.46
C LEU A 60 -0.30 -5.77 -0.28
N GLU A 61 -0.43 -5.19 -1.46
CA GLU A 61 -1.65 -5.35 -2.26
C GLU A 61 -1.97 -6.82 -2.50
N GLU A 62 -0.97 -7.58 -2.93
CA GLU A 62 -1.16 -9.00 -3.19
C GLU A 62 -1.67 -9.71 -1.95
N GLU A 63 -1.29 -9.21 -0.78
CA GLU A 63 -1.71 -9.77 0.49
C GLU A 63 -3.19 -9.47 0.75
N ILE A 64 -3.68 -8.41 0.12
CA ILE A 64 -5.07 -8.00 0.28
C ILE A 64 -6.02 -8.98 -0.41
N LYS A 65 -5.55 -9.58 -1.50
CA LYS A 65 -6.35 -10.54 -2.25
C LYS A 65 -6.76 -11.71 -1.37
N LYS A 66 -5.97 -11.97 -0.32
CA LYS A 66 -6.27 -13.07 0.60
C LYS A 66 -7.24 -12.63 1.68
N LEU A 67 -7.08 -11.40 2.16
CA LEU A 67 -7.95 -10.86 3.20
C LEU A 67 -9.37 -10.68 2.68
C1 HTU B . -6.85 1.16 7.43
O1 HTU B . -7.36 -0.39 9.17
S1 HTU B . -3.62 1.66 5.06
C2 HTU B . -5.98 1.63 6.47
C3 HTU B . -4.73 1.06 6.26
C4 HTU B . -4.40 -0.03 7.07
C5 HTU B . -5.28 -0.51 8.02
C6 HTU B . -6.49 0.08 8.21
H1 HTU B . -7.82 1.64 7.57
H2 HTU B . -6.28 2.47 5.87
H4 HTU B . -3.45 -0.51 6.93
H5 HTU B . -4.99 -1.36 8.63
HO1 HTU B . -6.87 -0.61 9.95
N GLY A 1 5.96 1.55 -16.83
CA GLY A 1 5.06 2.63 -17.31
C GLY A 1 4.51 3.48 -16.18
N SER A 2 3.22 3.33 -15.90
CA SER A 2 2.58 4.08 -14.83
C SER A 2 3.23 3.79 -13.49
N ARG A 3 4.09 4.70 -13.04
CA ARG A 3 4.79 4.54 -11.76
C ARG A 3 3.90 4.99 -10.60
N VAL A 4 3.39 6.22 -10.70
CA VAL A 4 2.52 6.77 -9.66
C VAL A 4 1.13 6.17 -9.74
N LYS A 5 0.67 5.90 -10.96
CA LYS A 5 -0.66 5.32 -11.16
C LYS A 5 -0.81 4.05 -10.34
N ALA A 6 0.30 3.35 -10.13
CA ALA A 6 0.31 2.13 -9.34
C ALA A 6 0.30 2.45 -7.86
N LEU A 7 0.83 3.63 -7.52
CA LEU A 7 0.88 4.08 -6.13
C LEU A 7 -0.44 4.67 -5.67
N GLU A 8 -1.00 5.55 -6.51
CA GLU A 8 -2.26 6.21 -6.19
C GLU A 8 -3.43 5.24 -6.16
N GLU A 9 -3.37 4.18 -6.96
CA GLU A 9 -4.44 3.20 -7.02
C GLU A 9 -4.38 2.23 -5.85
N LYS A 10 -3.26 1.51 -5.73
CA LYS A 10 -3.09 0.54 -4.66
C LYS A 10 -3.43 1.13 -3.30
N VAL A 11 -3.22 2.44 -3.15
CA VAL A 11 -3.51 3.11 -1.89
C VAL A 11 -4.99 3.00 -1.54
N LYS A 12 -5.83 2.83 -2.55
CA LYS A 12 -7.26 2.72 -2.35
C LYS A 12 -7.60 1.31 -1.83
N ALA A 13 -6.99 0.31 -2.42
CA ALA A 13 -7.22 -1.07 -2.02
C ALA A 13 -6.48 -1.39 -0.72
N LEU A 14 -5.42 -0.63 -0.46
CA LEU A 14 -4.62 -0.85 0.74
C LEU A 14 -5.40 -0.53 2.01
N GLU A 15 -5.94 0.69 2.09
CA GLU A 15 -6.70 1.11 3.27
C GLU A 15 -8.15 0.61 3.24
N GLU A 16 -8.89 0.99 2.20
CA GLU A 16 -10.30 0.62 2.06
C GLU A 16 -10.55 -0.86 2.33
N LYS A 17 -9.65 -1.72 1.87
CA LYS A 17 -9.82 -3.15 2.07
C LYS A 17 -9.64 -3.53 3.53
N VAL A 18 -8.60 -2.98 4.16
CA VAL A 18 -8.32 -3.27 5.56
C VAL A 18 -9.49 -2.82 6.45
N LYS A 19 -10.04 -1.66 6.14
CA LYS A 19 -11.17 -1.13 6.91
C LYS A 19 -12.42 -1.98 6.70
N ALA A 20 -12.48 -2.68 5.57
CA ALA A 20 -13.62 -3.53 5.26
C ALA A 20 -13.34 -4.98 5.63
N LEU A 21 -12.08 -5.33 5.81
CA LEU A 21 -11.69 -6.68 6.15
C LEU A 21 -12.00 -6.97 7.62
N GLY A 22 -11.65 -6.04 8.50
CA GLY A 22 -11.90 -6.21 9.92
C GLY A 22 -10.62 -6.30 10.72
N GLY A 23 -10.26 -7.50 11.14
CA GLY A 23 -9.05 -7.69 11.92
C GLY A 23 -8.62 -9.14 11.97
N GLY A 24 -7.62 -9.43 12.78
CA GLY A 24 -7.12 -10.79 12.91
C GLY A 24 -5.65 -10.84 13.31
N GLY A 25 -4.95 -11.86 12.81
CA GLY A 25 -3.54 -12.00 13.12
C GLY A 25 -2.64 -11.48 12.01
N ARG A 26 -2.97 -11.83 10.78
CA ARG A 26 -2.19 -11.40 9.63
C ARG A 26 -2.40 -9.91 9.36
N ILE A 27 -3.50 -9.36 9.87
CA ILE A 27 -3.81 -7.94 9.67
C ILE A 27 -2.97 -7.06 10.59
N GLU A 28 -2.53 -7.63 11.72
CA GLU A 28 -1.73 -6.89 12.68
C GLU A 28 -0.52 -6.25 12.02
N GLU A 29 0.29 -7.07 11.36
CA GLU A 29 1.49 -6.59 10.68
C GLU A 29 1.14 -5.91 9.36
N LEU A 30 0.04 -6.35 8.76
CA LEU A 30 -0.41 -5.79 7.48
C LEU A 30 -0.65 -4.28 7.59
N LYS A 31 -1.13 -3.84 8.75
CA LYS A 31 -1.41 -2.43 8.98
C LYS A 31 -0.12 -1.62 9.01
N LYS A 32 0.83 -2.03 9.83
CA LYS A 32 2.10 -1.34 9.95
C LYS A 32 2.71 -1.04 8.57
N LYS A 33 2.47 -1.95 7.63
CA LYS A 33 2.99 -1.80 6.28
C LYS A 33 2.12 -0.85 5.46
N CYS A 34 0.86 -0.73 5.86
CA CYS A 34 -0.10 0.13 5.17
C CYS A 34 0.16 1.61 5.46
N GLU A 35 0.08 1.96 6.75
CA GLU A 35 0.29 3.35 7.18
C GLU A 35 1.60 3.91 6.63
N GLU A 36 2.58 3.04 6.42
CA GLU A 36 3.88 3.45 5.90
C GLU A 36 3.83 3.65 4.39
N LEU A 37 2.94 2.91 3.74
CA LEU A 37 2.79 2.99 2.29
C LEU A 37 2.02 4.24 1.88
N LYS A 38 0.97 4.56 2.62
CA LYS A 38 0.14 5.72 2.32
C LYS A 38 0.85 7.03 2.67
N LYS A 39 1.73 6.98 3.66
CA LYS A 39 2.46 8.16 4.11
C LYS A 39 3.62 8.49 3.18
N LYS A 40 4.22 7.46 2.57
CA LYS A 40 5.34 7.64 1.66
C LYS A 40 4.92 8.32 0.36
N ILE A 41 3.94 7.73 -0.32
CA ILE A 41 3.44 8.26 -1.58
C ILE A 41 3.03 9.73 -1.44
N GLU A 42 2.51 10.09 -0.27
CA GLU A 42 2.08 11.47 -0.02
C GLU A 42 3.27 12.41 0.02
N GLU A 43 4.36 11.98 0.62
CA GLU A 43 5.56 12.80 0.73
C GLU A 43 6.54 12.52 -0.41
N LEU A 44 6.24 11.51 -1.23
CA LEU A 44 7.09 11.15 -2.35
C LEU A 44 7.33 12.34 -3.27
N GLY A 45 8.54 12.86 -3.26
CA GLY A 45 8.88 14.00 -4.10
C GLY A 45 9.92 13.67 -5.15
N GLY A 46 10.96 12.95 -4.74
CA GLY A 46 12.02 12.57 -5.66
C GLY A 46 13.28 12.13 -4.96
N GLY A 47 13.17 11.11 -4.11
CA GLY A 47 14.31 10.62 -3.38
C GLY A 47 14.64 9.18 -3.73
N GLY A 48 13.78 8.26 -3.30
CA GLY A 48 14.00 6.86 -3.58
C GLY A 48 13.24 6.38 -4.80
N GLU A 49 13.04 7.28 -5.76
CA GLU A 49 12.33 6.96 -6.99
C GLU A 49 10.91 6.46 -6.71
N VAL A 50 10.03 6.63 -7.68
CA VAL A 50 8.64 6.20 -7.54
C VAL A 50 8.48 4.72 -7.87
N LYS A 51 9.42 4.19 -8.64
CA LYS A 51 9.37 2.78 -9.03
C LYS A 51 9.65 1.85 -7.85
N LYS A 52 10.25 2.40 -6.80
CA LYS A 52 10.58 1.62 -5.61
C LYS A 52 9.35 1.36 -4.75
N VAL A 53 8.36 2.26 -4.84
CA VAL A 53 7.14 2.12 -4.07
C VAL A 53 6.15 1.17 -4.74
N GLU A 54 5.98 1.31 -6.04
CA GLU A 54 5.06 0.47 -6.80
C GLU A 54 5.45 -1.00 -6.69
N GLU A 55 6.73 -1.26 -6.45
CA GLU A 55 7.24 -2.63 -6.35
C GLU A 55 6.97 -3.21 -4.96
N GLU A 56 7.33 -2.46 -3.92
CA GLU A 56 7.14 -2.92 -2.55
C GLU A 56 5.66 -3.11 -2.23
N VAL A 57 4.82 -2.18 -2.71
CA VAL A 57 3.39 -2.26 -2.46
C VAL A 57 2.79 -3.54 -3.03
N LYS A 58 3.42 -4.10 -4.06
CA LYS A 58 2.94 -5.32 -4.69
C LYS A 58 2.81 -6.45 -3.67
N LYS A 59 3.62 -6.37 -2.61
CA LYS A 59 3.58 -7.39 -1.56
C LYS A 59 2.41 -7.16 -0.62
N LEU A 60 2.02 -5.90 -0.46
CA LEU A 60 0.90 -5.55 0.42
C LEU A 60 -0.43 -5.83 -0.27
N GLU A 61 -0.62 -5.27 -1.46
CA GLU A 61 -1.85 -5.46 -2.21
C GLU A 61 -2.20 -6.93 -2.39
N GLU A 62 -1.26 -7.69 -2.96
CA GLU A 62 -1.46 -9.12 -3.17
C GLU A 62 -1.90 -9.82 -1.90
N GLU A 63 -1.45 -9.30 -0.76
CA GLU A 63 -1.79 -9.85 0.54
C GLU A 63 -3.23 -9.53 0.91
N ILE A 64 -3.77 -8.46 0.33
CA ILE A 64 -5.13 -8.03 0.60
C ILE A 64 -6.14 -9.00 -0.01
N LYS A 65 -5.79 -9.59 -1.14
CA LYS A 65 -6.67 -10.53 -1.82
C LYS A 65 -7.03 -11.70 -0.91
N LYS A 66 -6.15 -11.99 0.05
CA LYS A 66 -6.38 -13.09 0.98
C LYS A 66 -7.24 -12.63 2.15
N LEU A 67 -7.17 -11.35 2.49
CA LEU A 67 -7.95 -10.80 3.60
C LEU A 67 -9.40 -10.61 3.19
C1 HTU B . -5.37 -0.47 8.00
O1 HTU B . -7.47 -0.41 9.12
S1 HTU B . -3.77 1.73 5.03
C2 HTU B . -4.51 0.03 7.05
C3 HTU B . -4.86 1.10 6.24
C4 HTU B . -6.13 1.64 6.43
C5 HTU B . -6.99 1.14 7.39
C6 HTU B . -6.61 0.09 8.17
H1 HTU B . -5.06 -1.30 8.62
H2 HTU B . -3.53 -0.42 6.93
H4 HTU B . -6.45 2.46 5.82
H5 HTU B . -7.97 1.59 7.51
HO1 HTU B . -6.98 -0.64 9.91
N GLY A 1 3.57 -0.37 -18.06
CA GLY A 1 4.52 0.34 -17.17
C GLY A 1 3.82 0.96 -15.97
N SER A 2 3.61 2.27 -16.02
CA SER A 2 2.96 2.98 -14.92
C SER A 2 3.71 2.80 -13.61
N ARG A 3 4.31 3.88 -13.11
CA ARG A 3 5.06 3.84 -11.87
C ARG A 3 4.23 4.40 -10.72
N VAL A 4 3.65 5.57 -10.92
CA VAL A 4 2.83 6.22 -9.91
C VAL A 4 1.40 5.69 -9.94
N LYS A 5 0.91 5.40 -11.14
CA LYS A 5 -0.45 4.88 -11.29
C LYS A 5 -0.68 3.69 -10.37
N ALA A 6 0.40 2.95 -10.12
CA ALA A 6 0.34 1.78 -9.24
C ALA A 6 0.37 2.22 -7.78
N LEU A 7 0.95 3.39 -7.53
CA LEU A 7 1.04 3.94 -6.18
C LEU A 7 -0.26 4.62 -5.76
N GLU A 8 -0.87 5.33 -6.70
CA GLU A 8 -2.11 6.06 -6.42
C GLU A 8 -3.29 5.12 -6.18
N GLU A 9 -3.35 4.03 -6.93
CA GLU A 9 -4.45 3.07 -6.80
C GLU A 9 -4.30 2.17 -5.57
N LYS A 10 -3.08 1.71 -5.32
CA LYS A 10 -2.81 0.82 -4.19
C LYS A 10 -3.24 1.45 -2.86
N VAL A 11 -2.81 2.68 -2.64
CA VAL A 11 -3.14 3.39 -1.40
C VAL A 11 -4.63 3.34 -1.09
N LYS A 12 -5.45 3.17 -2.13
CA LYS A 12 -6.90 3.11 -1.94
C LYS A 12 -7.30 1.74 -1.41
N ALA A 13 -6.85 0.69 -2.07
CA ALA A 13 -7.17 -0.67 -1.66
C ALA A 13 -6.38 -1.05 -0.40
N LEU A 14 -5.25 -0.38 -0.20
CA LEU A 14 -4.38 -0.64 0.94
C LEU A 14 -5.07 -0.32 2.26
N GLU A 15 -5.55 0.92 2.39
CA GLU A 15 -6.20 1.37 3.63
C GLU A 15 -7.65 0.92 3.71
N GLU A 16 -8.46 1.35 2.74
CA GLU A 16 -9.88 1.02 2.72
C GLU A 16 -10.14 -0.46 2.90
N LYS A 17 -9.62 -1.29 2.00
CA LYS A 17 -9.83 -2.74 2.06
C LYS A 17 -9.57 -3.30 3.46
N VAL A 18 -8.66 -2.67 4.20
CA VAL A 18 -8.34 -3.12 5.55
C VAL A 18 -9.37 -2.62 6.56
N LYS A 19 -10.02 -1.51 6.23
CA LYS A 19 -11.03 -0.93 7.11
C LYS A 19 -12.28 -1.79 7.16
N ALA A 20 -12.56 -2.51 6.07
CA ALA A 20 -13.73 -3.37 6.00
C ALA A 20 -13.39 -4.81 6.34
N LEU A 21 -12.10 -5.14 6.36
CA LEU A 21 -11.65 -6.49 6.67
C LEU A 21 -11.60 -6.71 8.19
N GLY A 22 -11.04 -5.75 8.90
CA GLY A 22 -10.95 -5.85 10.35
C GLY A 22 -9.55 -6.23 10.81
N GLY A 23 -9.40 -7.46 11.30
CA GLY A 23 -8.11 -7.92 11.76
C GLY A 23 -8.06 -9.42 11.94
N GLY A 24 -6.95 -9.92 12.47
CA GLY A 24 -6.80 -11.35 12.67
C GLY A 24 -5.35 -11.81 12.60
N GLY A 25 -4.51 -11.22 13.44
CA GLY A 25 -3.10 -11.59 13.44
C GLY A 25 -2.38 -11.15 12.19
N ARG A 26 -2.69 -11.80 11.07
CA ARG A 26 -2.06 -11.47 9.79
C ARG A 26 -2.26 -10.00 9.45
N ILE A 27 -3.38 -9.44 9.90
CA ILE A 27 -3.69 -8.04 9.63
C ILE A 27 -2.88 -7.11 10.53
N GLU A 28 -2.44 -7.63 11.67
CA GLU A 28 -1.65 -6.84 12.62
C GLU A 28 -0.45 -6.20 11.94
N GLU A 29 0.38 -7.04 11.31
CA GLU A 29 1.56 -6.55 10.61
C GLU A 29 1.20 -5.95 9.25
N LEU A 30 0.08 -6.40 8.71
CA LEU A 30 -0.40 -5.92 7.41
C LEU A 30 -0.64 -4.42 7.43
N LYS A 31 -1.27 -3.93 8.49
CA LYS A 31 -1.58 -2.51 8.62
C LYS A 31 -0.31 -1.69 8.80
N LYS A 32 0.64 -2.23 9.58
CA LYS A 32 1.91 -1.54 9.83
C LYS A 32 2.56 -1.16 8.51
N LYS A 33 2.43 -2.02 7.51
CA LYS A 33 3.00 -1.78 6.20
C LYS A 33 2.12 -0.83 5.38
N CYS A 34 0.84 -0.79 5.72
CA CYS A 34 -0.12 0.06 5.02
C CYS A 34 0.07 1.54 5.39
N GLU A 35 -0.07 1.83 6.67
CA GLU A 35 0.06 3.20 7.17
C GLU A 35 1.34 3.87 6.67
N GLU A 36 2.41 3.08 6.54
CA GLU A 36 3.69 3.61 6.07
C GLU A 36 3.69 3.78 4.56
N LEU A 37 2.91 2.96 3.87
CA LEU A 37 2.82 3.01 2.42
C LEU A 37 1.94 4.15 1.94
N LYS A 38 0.83 4.37 2.66
CA LYS A 38 -0.11 5.42 2.29
C LYS A 38 0.45 6.80 2.63
N LYS A 39 1.30 6.87 3.65
CA LYS A 39 1.90 8.13 4.08
C LYS A 39 3.06 8.54 3.17
N LYS A 40 3.76 7.55 2.63
CA LYS A 40 4.90 7.81 1.76
C LYS A 40 4.46 8.45 0.44
N ILE A 41 3.56 7.78 -0.26
CA ILE A 41 3.06 8.28 -1.54
C ILE A 41 2.42 9.65 -1.38
N GLU A 42 1.56 9.80 -0.38
CA GLU A 42 0.88 11.06 -0.13
C GLU A 42 1.89 12.19 0.06
N GLU A 43 3.06 11.86 0.57
CA GLU A 43 4.11 12.84 0.80
C GLU A 43 5.06 12.92 -0.39
N LEU A 44 5.13 11.85 -1.17
CA LEU A 44 6.00 11.81 -2.34
C LEU A 44 5.78 13.02 -3.24
N GLY A 45 6.72 13.96 -3.21
CA GLY A 45 6.61 15.15 -4.02
C GLY A 45 7.66 15.21 -5.12
N GLY A 46 8.86 14.69 -4.81
CA GLY A 46 9.94 14.70 -5.77
C GLY A 46 11.18 14.01 -5.26
N GLY A 47 11.02 12.80 -4.74
CA GLY A 47 12.16 12.06 -4.22
C GLY A 47 11.73 10.77 -3.53
N GLY A 48 12.47 9.70 -3.78
CA GLY A 48 12.16 8.42 -3.17
C GLY A 48 11.92 7.32 -4.20
N GLU A 49 12.06 7.66 -5.47
CA GLU A 49 11.85 6.68 -6.54
C GLU A 49 10.40 6.20 -6.56
N VAL A 50 9.77 6.26 -7.74
CA VAL A 50 8.39 5.83 -7.89
C VAL A 50 8.31 4.34 -8.17
N LYS A 51 9.35 3.79 -8.79
CA LYS A 51 9.38 2.36 -9.11
C LYS A 51 9.70 1.52 -7.88
N LYS A 52 10.33 2.14 -6.88
CA LYS A 52 10.69 1.43 -5.66
C LYS A 52 9.49 1.25 -4.74
N VAL A 53 8.52 2.17 -4.82
CA VAL A 53 7.33 2.10 -4.00
C VAL A 53 6.29 1.15 -4.58
N GLU A 54 6.18 1.11 -5.90
CA GLU A 54 5.23 0.25 -6.57
C GLU A 54 5.65 -1.22 -6.49
N GLU A 55 6.96 -1.44 -6.42
CA GLU A 55 7.50 -2.80 -6.33
C GLU A 55 7.32 -3.36 -4.92
N GLU A 56 7.56 -2.54 -3.92
CA GLU A 56 7.42 -2.95 -2.53
C GLU A 56 5.96 -3.17 -2.16
N VAL A 57 5.11 -2.22 -2.55
CA VAL A 57 3.69 -2.30 -2.26
C VAL A 57 3.05 -3.48 -2.99
N LYS A 58 3.66 -3.89 -4.09
CA LYS A 58 3.16 -5.02 -4.87
C LYS A 58 2.91 -6.24 -3.98
N LYS A 59 3.66 -6.32 -2.89
CA LYS A 59 3.52 -7.43 -1.95
C LYS A 59 2.32 -7.21 -1.04
N LEU A 60 2.12 -5.97 -0.62
CA LEU A 60 1.01 -5.62 0.26
C LEU A 60 -0.32 -5.79 -0.45
N GLU A 61 -0.43 -5.19 -1.63
CA GLU A 61 -1.67 -5.27 -2.42
C GLU A 61 -2.08 -6.72 -2.65
N GLU A 62 -1.13 -7.53 -3.14
CA GLU A 62 -1.39 -8.94 -3.40
C GLU A 62 -1.93 -9.64 -2.15
N GLU A 63 -1.50 -9.16 -1.00
CA GLU A 63 -1.92 -9.72 0.28
C GLU A 63 -3.37 -9.34 0.57
N ILE A 64 -3.83 -8.25 -0.03
CA ILE A 64 -5.18 -7.77 0.18
C ILE A 64 -6.19 -8.66 -0.55
N LYS A 65 -5.75 -9.28 -1.65
CA LYS A 65 -6.61 -10.16 -2.42
C LYS A 65 -7.08 -11.35 -1.59
N LYS A 66 -6.24 -11.75 -0.63
CA LYS A 66 -6.58 -12.87 0.24
C LYS A 66 -7.44 -12.41 1.42
N LEU A 67 -7.30 -11.14 1.78
CA LEU A 67 -8.07 -10.57 2.88
C LEU A 67 -8.85 -9.34 2.43
C1 HTU B . -5.30 -0.68 8.26
O1 HTU B . -7.53 -0.84 9.10
S1 HTU B . -3.49 1.92 5.75
C2 HTU B . -4.37 -0.04 7.48
C3 HTU B . -4.68 1.10 6.73
C4 HTU B . -6.00 1.55 6.81
C5 HTU B . -6.94 0.91 7.59
C6 HTU B . -6.60 -0.20 8.32
H1 HTU B . -5.03 -1.55 8.82
H2 HTU B . -3.36 -0.41 7.44
H4 HTU B . -6.29 2.42 6.25
H5 HTU B . -7.95 1.29 7.63
HO1 HTU B . -8.21 -1.21 8.54
N GLY A 1 2.55 -0.07 -17.86
CA GLY A 1 3.51 0.35 -16.81
C GLY A 1 2.87 1.22 -15.75
N SER A 2 2.99 2.54 -15.92
CA SER A 2 2.41 3.48 -14.96
C SER A 2 3.01 3.29 -13.58
N ARG A 3 3.99 4.12 -13.24
CA ARG A 3 4.64 4.04 -11.93
C ARG A 3 3.76 4.64 -10.86
N VAL A 4 3.34 5.88 -11.06
CA VAL A 4 2.49 6.58 -10.10
C VAL A 4 1.07 5.98 -10.09
N LYS A 5 0.56 5.66 -11.28
CA LYS A 5 -0.77 5.09 -11.39
C LYS A 5 -0.91 3.88 -10.47
N ALA A 6 0.21 3.19 -10.25
CA ALA A 6 0.22 2.03 -9.38
C ALA A 6 0.26 2.45 -7.92
N LEU A 7 0.79 3.65 -7.66
CA LEU A 7 0.89 4.18 -6.31
C LEU A 7 -0.43 4.79 -5.85
N GLU A 8 -1.05 5.58 -6.72
CA GLU A 8 -2.30 6.25 -6.40
C GLU A 8 -3.46 5.27 -6.27
N GLU A 9 -3.41 4.18 -7.02
CA GLU A 9 -4.47 3.17 -7.00
C GLU A 9 -4.36 2.27 -5.78
N LYS A 10 -3.23 1.59 -5.64
CA LYS A 10 -3.00 0.67 -4.53
C LYS A 10 -3.37 1.29 -3.19
N VAL A 11 -3.02 2.56 -3.00
CA VAL A 11 -3.33 3.26 -1.76
C VAL A 11 -4.80 3.12 -1.39
N LYS A 12 -5.66 3.00 -2.40
CA LYS A 12 -7.09 2.85 -2.19
C LYS A 12 -7.41 1.43 -1.75
N ALA A 13 -6.80 0.46 -2.42
CA ALA A 13 -7.01 -0.94 -2.10
C ALA A 13 -6.28 -1.33 -0.82
N LEU A 14 -5.23 -0.59 -0.50
CA LEU A 14 -4.43 -0.87 0.69
C LEU A 14 -5.21 -0.60 1.98
N GLU A 15 -5.72 0.61 2.12
CA GLU A 15 -6.47 1.00 3.32
C GLU A 15 -7.92 0.51 3.29
N GLU A 16 -8.66 0.95 2.27
CA GLU A 16 -10.07 0.59 2.13
C GLU A 16 -10.33 -0.90 2.33
N LYS A 17 -9.41 -1.75 1.89
CA LYS A 17 -9.58 -3.19 2.03
C LYS A 17 -9.40 -3.61 3.49
N VAL A 18 -8.43 -3.01 4.16
CA VAL A 18 -8.16 -3.33 5.56
C VAL A 18 -9.29 -2.84 6.46
N LYS A 19 -9.82 -1.67 6.15
CA LYS A 19 -10.91 -1.09 6.93
C LYS A 19 -12.20 -1.89 6.76
N ALA A 20 -12.30 -2.59 5.62
CA ALA A 20 -13.48 -3.39 5.32
C ALA A 20 -13.28 -4.85 5.70
N LEU A 21 -12.03 -5.26 5.90
CA LEU A 21 -11.72 -6.63 6.26
C LEU A 21 -12.13 -6.92 7.71
N GLY A 22 -11.83 -5.99 8.60
CA GLY A 22 -12.16 -6.16 10.00
C GLY A 22 -10.95 -6.09 10.90
N GLY A 23 -10.40 -7.24 11.25
CA GLY A 23 -9.24 -7.28 12.11
C GLY A 23 -8.72 -8.69 12.35
N GLY A 24 -7.58 -8.81 13.01
CA GLY A 24 -7.01 -10.11 13.29
C GLY A 24 -5.50 -10.05 13.43
N GLY A 25 -4.90 -11.20 13.75
CA GLY A 25 -3.45 -11.27 13.91
C GLY A 25 -2.71 -10.82 12.67
N ARG A 26 -2.94 -11.53 11.57
CA ARG A 26 -2.30 -11.20 10.30
C ARG A 26 -2.57 -9.75 9.89
N ILE A 27 -3.66 -9.19 10.41
CA ILE A 27 -4.04 -7.83 10.11
C ILE A 27 -3.20 -6.82 10.88
N GLU A 28 -2.71 -7.24 12.05
CA GLU A 28 -1.89 -6.37 12.89
C GLU A 28 -0.66 -5.87 12.13
N GLU A 29 0.09 -6.79 11.55
CA GLU A 29 1.29 -6.44 10.80
C GLU A 29 0.93 -5.89 9.42
N LEU A 30 -0.23 -6.30 8.91
CA LEU A 30 -0.69 -5.86 7.59
C LEU A 30 -0.84 -4.34 7.53
N LYS A 31 -1.41 -3.76 8.58
CA LYS A 31 -1.62 -2.32 8.64
C LYS A 31 -0.31 -1.58 8.85
N LYS A 32 0.59 -2.16 9.63
CA LYS A 32 1.89 -1.54 9.89
C LYS A 32 2.58 -1.20 8.58
N LYS A 33 2.43 -2.08 7.60
CA LYS A 33 3.02 -1.88 6.28
C LYS A 33 2.16 -0.93 5.44
N CYS A 34 0.88 -0.87 5.78
CA CYS A 34 -0.07 -0.02 5.07
C CYS A 34 0.13 1.45 5.42
N GLU A 35 0.00 1.78 6.70
CA GLU A 35 0.16 3.15 7.17
C GLU A 35 1.47 3.76 6.69
N GLU A 36 2.49 2.92 6.52
CA GLU A 36 3.79 3.39 6.06
C GLU A 36 3.79 3.61 4.56
N LEU A 37 2.95 2.85 3.86
CA LEU A 37 2.84 2.95 2.41
C LEU A 37 2.12 4.22 2.00
N LYS A 38 1.06 4.55 2.72
CA LYS A 38 0.27 5.75 2.45
C LYS A 38 1.02 7.02 2.83
N LYS A 39 1.89 6.91 3.83
CA LYS A 39 2.67 8.05 4.30
C LYS A 39 3.78 8.41 3.33
N LYS A 40 4.32 7.41 2.64
CA LYS A 40 5.41 7.62 1.69
C LYS A 40 4.92 8.36 0.45
N ILE A 41 3.91 7.81 -0.21
CA ILE A 41 3.36 8.41 -1.43
C ILE A 41 2.92 9.85 -1.18
N GLU A 42 2.43 10.12 0.02
CA GLU A 42 1.97 11.46 0.37
C GLU A 42 3.15 12.37 0.73
N GLU A 43 4.28 11.76 1.05
CA GLU A 43 5.47 12.53 1.42
C GLU A 43 6.37 12.75 0.21
N LEU A 44 6.65 11.68 -0.52
CA LEU A 44 7.51 11.78 -1.70
C LEU A 44 6.96 12.78 -2.71
N GLY A 45 7.81 13.70 -3.14
CA GLY A 45 7.39 14.70 -4.10
C GLY A 45 8.34 14.81 -5.27
N GLY A 46 9.60 15.11 -4.99
CA GLY A 46 10.59 15.23 -6.04
C GLY A 46 11.73 14.23 -5.90
N GLY A 47 11.42 13.09 -5.27
CA GLY A 47 12.43 12.07 -5.07
C GLY A 47 11.86 10.81 -4.44
N GLY A 48 12.74 9.93 -3.99
CA GLY A 48 12.31 8.70 -3.36
C GLY A 48 12.01 7.59 -4.36
N GLU A 49 12.08 7.92 -5.66
CA GLU A 49 11.82 6.95 -6.71
C GLU A 49 10.37 6.48 -6.66
N VAL A 50 9.69 6.54 -7.80
CA VAL A 50 8.31 6.11 -7.90
C VAL A 50 8.20 4.61 -8.16
N LYS A 51 9.22 4.05 -8.80
CA LYS A 51 9.24 2.62 -9.12
C LYS A 51 9.53 1.78 -7.87
N LYS A 52 10.13 2.41 -6.86
CA LYS A 52 10.46 1.70 -5.62
C LYS A 52 9.23 1.51 -4.73
N VAL A 53 8.28 2.43 -4.84
CA VAL A 53 7.07 2.37 -4.03
C VAL A 53 6.04 1.42 -4.64
N GLU A 54 5.97 1.38 -5.96
CA GLU A 54 5.01 0.51 -6.65
C GLU A 54 5.44 -0.95 -6.55
N GLU A 55 6.74 -1.18 -6.50
CA GLU A 55 7.28 -2.55 -6.40
C GLU A 55 7.08 -3.12 -5.00
N GLU A 56 7.28 -2.28 -3.99
CA GLU A 56 7.13 -2.71 -2.60
C GLU A 56 5.67 -2.94 -2.25
N VAL A 57 4.79 -2.05 -2.72
CA VAL A 57 3.37 -2.16 -2.46
C VAL A 57 2.77 -3.39 -3.12
N LYS A 58 3.37 -3.82 -4.22
CA LYS A 58 2.89 -4.99 -4.95
C LYS A 58 2.79 -6.20 -4.03
N LYS A 59 3.60 -6.21 -2.98
CA LYS A 59 3.59 -7.30 -2.01
C LYS A 59 2.42 -7.18 -1.05
N LEU A 60 2.10 -5.94 -0.68
CA LEU A 60 1.00 -5.67 0.23
C LEU A 60 -0.34 -5.93 -0.45
N GLU A 61 -0.54 -5.34 -1.63
CA GLU A 61 -1.77 -5.51 -2.38
C GLU A 61 -2.03 -6.98 -2.72
N GLU A 62 -0.96 -7.76 -2.77
CA GLU A 62 -1.07 -9.18 -3.10
C GLU A 62 -1.75 -9.97 -1.99
N GLU A 63 -1.47 -9.58 -0.74
CA GLU A 63 -2.05 -10.27 0.41
C GLU A 63 -3.49 -9.84 0.65
N ILE A 64 -3.83 -8.64 0.19
CA ILE A 64 -5.17 -8.10 0.36
C ILE A 64 -6.21 -8.98 -0.35
N LYS A 65 -5.78 -9.66 -1.41
CA LYS A 65 -6.65 -10.53 -2.17
C LYS A 65 -7.00 -11.79 -1.37
N LYS A 66 -6.12 -12.15 -0.44
CA LYS A 66 -6.33 -13.33 0.40
C LYS A 66 -7.27 -13.02 1.56
N LEU A 67 -7.27 -11.77 2.00
CA LEU A 67 -8.13 -11.36 3.10
C LEU A 67 -9.59 -11.27 2.66
C1 HTU B . -5.34 -0.62 8.07
O1 HTU B . -7.54 -0.70 8.98
S1 HTU B . -3.56 1.79 5.38
C2 HTU B . -4.41 -0.04 7.23
C3 HTU B . -4.74 1.05 6.43
C4 HTU B . -6.04 1.53 6.52
C5 HTU B . -6.97 0.95 7.36
C6 HTU B . -6.61 -0.13 8.13
H1 HTU B . -5.06 -1.47 8.68
H2 HTU B . -3.41 -0.43 7.19
H4 HTU B . -6.34 2.37 5.92
H5 HTU B . -7.98 1.34 7.40
HO1 HTU B . -8.06 -0.02 9.39
N GLY A 1 3.67 7.94 -19.21
CA GLY A 1 4.16 7.18 -18.03
C GLY A 1 3.18 7.25 -16.86
N SER A 2 3.30 6.29 -15.95
CA SER A 2 2.41 6.24 -14.79
C SER A 2 3.10 5.53 -13.62
N ARG A 3 4.01 6.23 -12.97
CA ARG A 3 4.73 5.67 -11.83
C ARG A 3 3.92 5.84 -10.55
N VAL A 4 3.22 6.97 -10.45
CA VAL A 4 2.40 7.27 -9.29
C VAL A 4 1.02 6.64 -9.44
N LYS A 5 0.55 6.56 -10.68
CA LYS A 5 -0.76 5.97 -10.96
C LYS A 5 -0.87 4.59 -10.32
N ALA A 6 0.28 3.91 -10.22
CA ALA A 6 0.34 2.60 -9.60
C ALA A 6 0.33 2.72 -8.08
N LEU A 7 0.87 3.83 -7.59
CA LEU A 7 0.95 4.09 -6.15
C LEU A 7 -0.37 4.64 -5.62
N GLU A 8 -0.90 5.66 -6.28
CA GLU A 8 -2.14 6.29 -5.87
C GLU A 8 -3.32 5.31 -5.86
N GLU A 9 -3.39 4.45 -6.87
CA GLU A 9 -4.46 3.48 -6.98
C GLU A 9 -4.33 2.39 -5.92
N LYS A 10 -3.15 1.75 -5.89
CA LYS A 10 -2.88 0.69 -4.92
C LYS A 10 -3.26 1.10 -3.50
N VAL A 11 -3.22 2.40 -3.24
CA VAL A 11 -3.56 2.93 -1.92
C VAL A 11 -5.04 2.78 -1.61
N LYS A 12 -5.88 2.71 -2.64
CA LYS A 12 -7.31 2.58 -2.46
C LYS A 12 -7.69 1.15 -2.05
N ALA A 13 -7.01 0.18 -2.63
CA ALA A 13 -7.27 -1.23 -2.32
C ALA A 13 -6.58 -1.64 -1.03
N LEU A 14 -5.50 -0.94 -0.69
CA LEU A 14 -4.74 -1.23 0.51
C LEU A 14 -5.54 -0.95 1.77
N GLU A 15 -6.03 0.29 1.90
CA GLU A 15 -6.80 0.70 3.08
C GLU A 15 -8.26 0.23 3.02
N GLU A 16 -8.97 0.60 1.96
CA GLU A 16 -10.38 0.23 1.80
C GLU A 16 -10.63 -1.25 2.08
N LYS A 17 -9.71 -2.10 1.65
CA LYS A 17 -9.86 -3.53 1.86
C LYS A 17 -9.69 -3.88 3.33
N VAL A 18 -8.83 -3.14 4.02
CA VAL A 18 -8.58 -3.36 5.43
C VAL A 18 -9.66 -2.71 6.29
N LYS A 19 -10.00 -1.47 5.96
CA LYS A 19 -11.02 -0.73 6.70
C LYS A 19 -12.35 -1.47 6.69
N ALA A 20 -12.54 -2.32 5.67
CA ALA A 20 -13.77 -3.10 5.56
C ALA A 20 -13.60 -4.49 6.15
N LEU A 21 -12.35 -4.90 6.37
CA LEU A 21 -12.07 -6.22 6.93
C LEU A 21 -12.12 -6.18 8.45
N GLY A 22 -11.52 -5.15 9.03
CA GLY A 22 -11.51 -5.01 10.48
C GLY A 22 -10.11 -5.11 11.06
N GLY A 23 -9.79 -6.28 11.61
CA GLY A 23 -8.48 -6.47 12.19
C GLY A 23 -8.24 -7.91 12.62
N GLY A 24 -7.04 -8.20 13.09
CA GLY A 24 -6.71 -9.55 13.53
C GLY A 24 -5.22 -9.79 13.59
N GLY A 25 -4.83 -11.05 13.55
CA GLY A 25 -3.41 -11.40 13.60
C GLY A 25 -2.68 -11.02 12.34
N ARG A 26 -3.24 -11.42 11.19
CA ARG A 26 -2.64 -11.12 9.90
C ARG A 26 -2.71 -9.63 9.59
N ILE A 27 -3.74 -8.98 10.12
CA ILE A 27 -3.93 -7.55 9.89
C ILE A 27 -3.00 -6.71 10.76
N GLU A 28 -2.56 -7.28 11.87
CA GLU A 28 -1.66 -6.58 12.79
C GLU A 28 -0.42 -6.08 12.06
N GLU A 29 0.30 -6.99 11.42
CA GLU A 29 1.51 -6.63 10.69
C GLU A 29 1.17 -5.98 9.36
N LEU A 30 0.03 -6.36 8.79
CA LEU A 30 -0.41 -5.81 7.51
C LEU A 30 -0.72 -4.31 7.64
N LYS A 31 -1.05 -3.87 8.84
CA LYS A 31 -1.37 -2.48 9.09
C LYS A 31 -0.11 -1.60 9.06
N LYS A 32 0.84 -1.92 9.93
CA LYS A 32 2.09 -1.16 9.99
C LYS A 32 2.71 -1.01 8.61
N LYS A 33 2.49 -2.00 7.75
CA LYS A 33 3.01 -1.98 6.39
C LYS A 33 2.14 -1.11 5.48
N CYS A 34 0.88 -0.96 5.85
CA CYS A 34 -0.08 -0.16 5.08
C CYS A 34 0.13 1.33 5.32
N GLU A 35 -0.02 1.74 6.58
CA GLU A 35 0.14 3.15 6.96
C GLU A 35 1.47 3.72 6.48
N GLU A 36 2.46 2.86 6.33
CA GLU A 36 3.78 3.29 5.86
C GLU A 36 3.79 3.46 4.35
N LEU A 37 2.95 2.68 3.68
CA LEU A 37 2.85 2.73 2.22
C LEU A 37 2.14 3.99 1.76
N LYS A 38 1.08 4.34 2.47
CA LYS A 38 0.29 5.53 2.14
C LYS A 38 1.09 6.81 2.35
N LYS A 39 1.55 7.01 3.57
CA LYS A 39 2.33 8.19 3.93
C LYS A 39 3.56 8.37 3.03
N LYS A 40 4.12 7.27 2.56
CA LYS A 40 5.30 7.32 1.70
C LYS A 40 5.01 7.99 0.36
N ILE A 41 3.91 7.58 -0.28
CA ILE A 41 3.53 8.13 -1.57
C ILE A 41 3.21 9.62 -1.49
N GLU A 42 2.74 10.06 -0.32
CA GLU A 42 2.39 11.47 -0.12
C GLU A 42 3.62 12.31 0.20
N GLU A 43 4.70 11.66 0.64
CA GLU A 43 5.92 12.38 0.99
C GLU A 43 6.90 12.42 -0.19
N LEU A 44 7.13 11.27 -0.80
CA LEU A 44 8.06 11.18 -1.93
C LEU A 44 7.69 12.19 -3.02
N GLY A 45 8.67 12.97 -3.44
CA GLY A 45 8.44 13.97 -4.49
C GLY A 45 9.47 13.88 -5.59
N GLY A 46 10.74 13.80 -5.22
CA GLY A 46 11.81 13.70 -6.20
C GLY A 46 12.79 12.61 -5.87
N GLY A 47 13.17 12.51 -4.60
CA GLY A 47 14.11 11.50 -4.17
C GLY A 47 13.42 10.26 -3.61
N GLY A 48 14.16 9.17 -3.49
CA GLY A 48 13.59 7.94 -2.98
C GLY A 48 13.05 7.04 -4.07
N GLU A 49 12.86 7.59 -5.27
CA GLU A 49 12.35 6.83 -6.39
C GLU A 49 10.89 6.46 -6.19
N VAL A 50 10.06 6.76 -7.18
CA VAL A 50 8.64 6.46 -7.12
C VAL A 50 8.35 5.03 -7.55
N LYS A 51 9.19 4.50 -8.44
CA LYS A 51 9.03 3.14 -8.93
C LYS A 51 9.32 2.12 -7.83
N LYS A 52 10.09 2.53 -6.83
CA LYS A 52 10.43 1.66 -5.72
C LYS A 52 9.20 1.30 -4.88
N VAL A 53 8.18 2.16 -4.94
CA VAL A 53 6.96 1.93 -4.18
C VAL A 53 6.02 0.97 -4.91
N GLU A 54 5.93 1.12 -6.22
CA GLU A 54 5.06 0.26 -7.02
C GLU A 54 5.39 -1.21 -6.80
N GLU A 55 6.67 -1.55 -6.90
CA GLU A 55 7.13 -2.92 -6.72
C GLU A 55 7.04 -3.32 -5.25
N GLU A 56 7.23 -2.35 -4.35
CA GLU A 56 7.17 -2.60 -2.92
C GLU A 56 5.74 -2.90 -2.48
N VAL A 57 4.78 -2.18 -3.08
CA VAL A 57 3.38 -2.36 -2.76
C VAL A 57 2.86 -3.69 -3.29
N LYS A 58 3.50 -4.20 -4.34
CA LYS A 58 3.10 -5.47 -4.94
C LYS A 58 3.00 -6.58 -3.88
N LYS A 59 3.73 -6.43 -2.79
CA LYS A 59 3.72 -7.41 -1.71
C LYS A 59 2.49 -7.23 -0.83
N LEU A 60 2.30 -6.02 -0.33
CA LEU A 60 1.16 -5.71 0.54
C LEU A 60 -0.16 -6.01 -0.16
N GLU A 61 -0.28 -5.60 -1.41
CA GLU A 61 -1.50 -5.83 -2.18
C GLU A 61 -1.87 -7.31 -2.22
N GLU A 62 -0.89 -8.16 -2.57
CA GLU A 62 -1.11 -9.60 -2.63
C GLU A 62 -1.68 -10.12 -1.32
N GLU A 63 -1.30 -9.45 -0.23
CA GLU A 63 -1.76 -9.83 1.11
C GLU A 63 -3.21 -9.39 1.33
N ILE A 64 -3.64 -8.38 0.58
CA ILE A 64 -5.00 -7.85 0.70
C ILE A 64 -6.03 -8.84 0.17
N LYS A 65 -5.76 -9.42 -1.00
CA LYS A 65 -6.68 -10.37 -1.62
C LYS A 65 -6.96 -11.55 -0.68
N LYS A 66 -6.05 -11.79 0.26
CA LYS A 66 -6.21 -12.88 1.20
C LYS A 66 -7.12 -12.49 2.36
N LEU A 67 -7.10 -11.20 2.70
CA LEU A 67 -7.93 -10.69 3.78
C LEU A 67 -9.41 -10.87 3.48
C1 HTU B . -5.32 -0.82 7.80
O1 HTU B . -7.35 -0.63 9.04
S1 HTU B . -3.77 1.33 4.75
C2 HTU B . -4.49 -0.36 6.80
C3 HTU B . -4.82 0.74 6.01
C4 HTU B . -6.05 1.36 6.28
C5 HTU B . -6.88 0.90 7.28
C6 HTU B . -6.51 -0.18 8.04
H1 HTU B . -5.04 -1.67 8.39
H2 HTU B . -3.56 -0.86 6.62
H4 HTU B . -6.35 2.21 5.68
H5 HTU B . -7.83 1.40 7.47
HO1 HTU B . -7.43 0.05 9.71
N GLY A 1 5.28 1.96 -18.87
CA GLY A 1 5.33 1.51 -17.45
C GLY A 1 4.63 2.47 -16.51
N SER A 2 3.95 1.93 -15.50
CA SER A 2 3.24 2.74 -14.52
C SER A 2 3.87 2.63 -13.14
N ARG A 3 4.51 3.71 -12.72
CA ARG A 3 5.16 3.74 -11.41
C ARG A 3 4.23 4.32 -10.34
N VAL A 4 3.64 5.47 -10.64
CA VAL A 4 2.74 6.13 -9.70
C VAL A 4 1.33 5.56 -9.80
N LYS A 5 0.91 5.23 -11.02
CA LYS A 5 -0.42 4.66 -11.24
C LYS A 5 -0.68 3.50 -10.29
N ALA A 6 0.39 2.77 -9.96
CA ALA A 6 0.28 1.63 -9.05
C ALA A 6 0.24 2.10 -7.61
N LEU A 7 0.83 3.26 -7.35
CA LEU A 7 0.86 3.84 -6.01
C LEU A 7 -0.44 4.56 -5.67
N GLU A 8 -0.91 5.36 -6.62
CA GLU A 8 -2.14 6.13 -6.43
C GLU A 8 -3.37 5.23 -6.28
N GLU A 9 -3.39 4.13 -7.02
CA GLU A 9 -4.53 3.21 -6.98
C GLU A 9 -4.52 2.32 -5.74
N LYS A 10 -3.46 1.52 -5.59
CA LYS A 10 -3.34 0.61 -4.46
C LYS A 10 -3.65 1.28 -3.13
N VAL A 11 -3.30 2.56 -3.00
CA VAL A 11 -3.54 3.29 -1.76
C VAL A 11 -5.02 3.27 -1.38
N LYS A 12 -5.90 3.21 -2.37
CA LYS A 12 -7.33 3.18 -2.11
C LYS A 12 -7.77 1.78 -1.67
N ALA A 13 -7.17 0.76 -2.27
CA ALA A 13 -7.49 -0.62 -1.95
C ALA A 13 -6.73 -1.06 -0.71
N LEU A 14 -5.61 -0.41 -0.44
CA LEU A 14 -4.79 -0.72 0.71
C LEU A 14 -5.52 -0.45 2.02
N GLU A 15 -5.99 0.78 2.18
CA GLU A 15 -6.70 1.18 3.39
C GLU A 15 -8.16 0.72 3.39
N GLU A 16 -8.92 1.15 2.39
CA GLU A 16 -10.34 0.80 2.29
C GLU A 16 -10.60 -0.67 2.52
N LYS A 17 -9.75 -1.53 1.98
CA LYS A 17 -9.92 -2.97 2.13
C LYS A 17 -9.69 -3.41 3.57
N VAL A 18 -8.57 -2.97 4.15
CA VAL A 18 -8.24 -3.33 5.51
C VAL A 18 -9.31 -2.85 6.48
N LYS A 19 -9.82 -1.65 6.23
CA LYS A 19 -10.87 -1.08 7.07
C LYS A 19 -12.16 -1.90 6.96
N ALA A 20 -12.33 -2.56 5.82
CA ALA A 20 -13.51 -3.38 5.59
C ALA A 20 -13.25 -4.85 5.91
N LEU A 21 -11.97 -5.22 5.99
CA LEU A 21 -11.59 -6.59 6.28
C LEU A 21 -11.64 -6.86 7.79
N GLY A 22 -11.10 -5.94 8.56
CA GLY A 22 -11.10 -6.10 10.01
C GLY A 22 -9.72 -5.91 10.61
N GLY A 23 -9.04 -7.02 10.87
CA GLY A 23 -7.71 -6.95 11.45
C GLY A 23 -7.49 -7.98 12.54
N GLY A 24 -6.79 -9.06 12.21
CA GLY A 24 -6.53 -10.10 13.19
C GLY A 24 -5.58 -11.17 12.66
N GLY A 25 -4.30 -11.02 12.97
CA GLY A 25 -3.31 -11.98 12.51
C GLY A 25 -2.38 -11.41 11.47
N ARG A 26 -2.57 -11.83 10.22
CA ARG A 26 -1.73 -11.36 9.12
C ARG A 26 -1.88 -9.85 8.92
N ILE A 27 -3.05 -9.33 9.29
CA ILE A 27 -3.33 -7.90 9.14
C ILE A 27 -2.63 -7.08 10.23
N GLU A 28 -2.48 -7.66 11.41
CA GLU A 28 -1.83 -6.98 12.53
C GLU A 28 -0.52 -6.33 12.10
N GLU A 29 0.38 -7.15 11.55
CA GLU A 29 1.68 -6.66 11.09
C GLU A 29 1.51 -5.94 9.75
N LEU A 30 0.48 -6.33 9.00
CA LEU A 30 0.21 -5.74 7.69
C LEU A 30 -0.10 -4.25 7.81
N LYS A 31 -0.67 -3.85 8.96
CA LYS A 31 -1.03 -2.45 9.18
C LYS A 31 0.19 -1.55 9.09
N LYS A 32 1.21 -1.84 9.89
CA LYS A 32 2.44 -1.04 9.90
C LYS A 32 2.96 -0.81 8.49
N LYS A 33 2.69 -1.75 7.59
CA LYS A 33 3.14 -1.65 6.21
C LYS A 33 2.22 -0.74 5.39
N CYS A 34 0.97 -0.61 5.83
CA CYS A 34 -0.01 0.22 5.14
C CYS A 34 0.20 1.70 5.45
N GLU A 35 0.10 2.05 6.73
CA GLU A 35 0.26 3.43 7.16
C GLU A 35 1.56 4.03 6.64
N GLU A 36 2.57 3.19 6.44
CA GLU A 36 3.86 3.64 5.95
C GLU A 36 3.83 3.85 4.43
N LEU A 37 2.97 3.08 3.77
CA LEU A 37 2.84 3.16 2.32
C LEU A 37 2.05 4.40 1.89
N LYS A 38 0.98 4.70 2.62
CA LYS A 38 0.13 5.84 2.31
C LYS A 38 0.81 7.17 2.66
N LYS A 39 1.64 7.16 3.68
CA LYS A 39 2.34 8.37 4.12
C LYS A 39 3.53 8.70 3.23
N LYS A 40 4.16 7.67 2.67
CA LYS A 40 5.33 7.87 1.81
C LYS A 40 4.94 8.48 0.48
N ILE A 41 3.86 7.99 -0.12
CA ILE A 41 3.40 8.49 -1.41
C ILE A 41 2.90 9.93 -1.31
N GLU A 42 1.92 10.14 -0.44
CA GLU A 42 1.34 11.48 -0.25
C GLU A 42 2.41 12.50 0.12
N GLU A 43 3.51 12.04 0.72
CA GLU A 43 4.59 12.93 1.13
C GLU A 43 5.67 13.03 0.06
N LEU A 44 6.12 11.89 -0.44
CA LEU A 44 7.15 11.85 -1.46
C LEU A 44 6.68 12.52 -2.75
N GLY A 45 7.61 13.17 -3.45
CA GLY A 45 7.28 13.84 -4.68
C GLY A 45 8.37 13.69 -5.73
N GLY A 46 9.09 12.57 -5.67
CA GLY A 46 10.16 12.33 -6.62
C GLY A 46 11.51 12.25 -5.95
N GLY A 47 11.54 11.79 -4.71
CA GLY A 47 12.78 11.67 -3.98
C GLY A 47 13.06 10.26 -3.50
N GLY A 48 12.00 9.56 -3.09
CA GLY A 48 12.15 8.20 -2.61
C GLY A 48 11.93 7.17 -3.70
N GLU A 49 12.09 7.58 -4.95
CA GLU A 49 11.90 6.68 -6.09
C GLU A 49 10.45 6.20 -6.16
N VAL A 50 9.85 6.34 -7.35
CA VAL A 50 8.47 5.91 -7.56
C VAL A 50 8.39 4.44 -7.93
N LYS A 51 9.46 3.93 -8.55
CA LYS A 51 9.52 2.54 -8.98
C LYS A 51 9.85 1.61 -7.82
N LYS A 52 10.47 2.16 -6.78
CA LYS A 52 10.84 1.37 -5.60
C LYS A 52 9.63 1.12 -4.69
N VAL A 53 8.67 2.02 -4.74
CA VAL A 53 7.47 1.90 -3.92
C VAL A 53 6.44 0.95 -4.55
N GLU A 54 6.21 1.11 -5.85
CA GLU A 54 5.26 0.26 -6.56
C GLU A 54 5.60 -1.21 -6.40
N GLU A 55 6.89 -1.50 -6.29
CA GLU A 55 7.35 -2.88 -6.12
C GLU A 55 7.13 -3.34 -4.69
N GLU A 56 7.16 -2.40 -3.74
CA GLU A 56 6.95 -2.70 -2.34
C GLU A 56 5.48 -2.94 -2.05
N VAL A 57 4.62 -2.09 -2.60
CA VAL A 57 3.18 -2.20 -2.40
C VAL A 57 2.63 -3.48 -3.04
N LYS A 58 3.31 -3.95 -4.08
CA LYS A 58 2.89 -5.16 -4.78
C LYS A 58 2.75 -6.32 -3.81
N LYS A 59 3.52 -6.28 -2.73
CA LYS A 59 3.48 -7.33 -1.72
C LYS A 59 2.28 -7.15 -0.80
N LEU A 60 1.93 -5.89 -0.55
CA LEU A 60 0.79 -5.58 0.31
C LEU A 60 -0.52 -5.93 -0.37
N GLU A 61 -0.71 -5.39 -1.57
CA GLU A 61 -1.93 -5.65 -2.34
C GLU A 61 -2.11 -7.14 -2.60
N GLU A 62 -0.99 -7.86 -2.69
CA GLU A 62 -1.02 -9.30 -2.95
C GLU A 62 -1.83 -10.03 -1.89
N GLU A 63 -1.74 -9.56 -0.65
CA GLU A 63 -2.46 -10.17 0.46
C GLU A 63 -3.91 -9.69 0.52
N ILE A 64 -4.14 -8.47 0.03
CA ILE A 64 -5.47 -7.89 0.02
C ILE A 64 -6.44 -8.73 -0.82
N LYS A 65 -5.90 -9.42 -1.82
CA LYS A 65 -6.71 -10.25 -2.70
C LYS A 65 -7.18 -11.52 -1.99
N LYS A 66 -6.44 -11.92 -0.95
CA LYS A 66 -6.79 -13.11 -0.19
C LYS A 66 -7.63 -12.77 1.04
N LEU A 67 -8.26 -11.60 1.03
CA LEU A 67 -9.09 -11.15 2.14
C LEU A 67 -9.61 -9.75 1.90
C1 HTU B . -5.24 -0.69 7.97
O1 HTU B . -7.33 -0.76 9.09
S1 HTU B . -3.71 1.76 5.16
C2 HTU B . -4.39 -0.10 7.06
C3 HTU B . -4.78 1.01 6.31
C4 HTU B . -6.06 1.50 6.54
C5 HTU B . -6.91 0.91 7.47
C6 HTU B . -6.49 -0.18 8.17
H1 HTU B . -4.90 -1.55 8.52
H2 HTU B . -3.41 -0.51 6.89
H4 HTU B . -6.40 2.35 5.98
H5 HTU B . -7.90 1.31 7.62
HO1 HTU B . -8.14 -1.04 8.65
N GLY A 1 3.00 2.46 -18.90
CA GLY A 1 3.94 3.39 -18.24
C GLY A 1 3.28 4.20 -17.13
N SER A 2 3.42 3.74 -15.90
CA SER A 2 2.84 4.42 -14.74
C SER A 2 3.56 4.04 -13.46
N ARG A 3 4.36 4.97 -12.94
CA ARG A 3 5.11 4.73 -11.71
C ARG A 3 4.26 5.10 -10.49
N VAL A 4 3.70 6.31 -10.50
CA VAL A 4 2.87 6.78 -9.39
C VAL A 4 1.45 6.27 -9.52
N LYS A 5 0.98 6.13 -10.75
CA LYS A 5 -0.38 5.64 -11.00
C LYS A 5 -0.61 4.34 -10.25
N ALA A 6 0.46 3.56 -10.08
CA ALA A 6 0.39 2.29 -9.37
C ALA A 6 0.40 2.52 -7.87
N LEU A 7 0.99 3.65 -7.46
CA LEU A 7 1.09 4.00 -6.04
C LEU A 7 -0.22 4.63 -5.53
N GLU A 8 -0.83 5.46 -6.35
CA GLU A 8 -2.07 6.14 -5.98
C GLU A 8 -3.27 5.20 -6.04
N GLU A 9 -3.18 4.17 -6.89
CA GLU A 9 -4.28 3.22 -7.05
C GLU A 9 -4.32 2.20 -5.90
N LYS A 10 -3.17 1.62 -5.58
CA LYS A 10 -3.08 0.63 -4.52
C LYS A 10 -3.38 1.24 -3.15
N VAL A 11 -3.02 2.51 -2.97
CA VAL A 11 -3.26 3.20 -1.71
C VAL A 11 -4.73 3.17 -1.32
N LYS A 12 -5.60 3.04 -2.33
CA LYS A 12 -7.04 2.99 -2.08
C LYS A 12 -7.45 1.61 -1.59
N ALA A 13 -6.88 0.58 -2.20
CA ALA A 13 -7.18 -0.80 -1.81
C ALA A 13 -6.40 -1.19 -0.56
N LEU A 14 -5.28 -0.51 -0.34
CA LEU A 14 -4.42 -0.78 0.81
C LEU A 14 -5.11 -0.44 2.13
N GLU A 15 -5.57 0.80 2.25
CA GLU A 15 -6.22 1.26 3.47
C GLU A 15 -7.69 0.82 3.57
N GLU A 16 -8.49 1.14 2.55
CA GLU A 16 -9.91 0.82 2.55
C GLU A 16 -10.16 -0.66 2.88
N LYS A 17 -9.64 -1.56 2.06
CA LYS A 17 -9.85 -2.99 2.26
C LYS A 17 -9.54 -3.42 3.69
N VAL A 18 -8.43 -2.95 4.23
CA VAL A 18 -8.04 -3.30 5.59
C VAL A 18 -9.08 -2.82 6.60
N LYS A 19 -9.80 -1.76 6.25
CA LYS A 19 -10.82 -1.22 7.13
C LYS A 19 -12.06 -2.10 7.12
N ALA A 20 -12.27 -2.82 6.03
CA ALA A 20 -13.43 -3.70 5.91
C ALA A 20 -13.07 -5.14 6.27
N LEU A 21 -11.77 -5.45 6.24
CA LEU A 21 -11.31 -6.79 6.57
C LEU A 21 -11.40 -7.05 8.07
N GLY A 22 -10.95 -6.08 8.86
CA GLY A 22 -10.99 -6.22 10.30
C GLY A 22 -9.61 -6.15 10.93
N GLY A 23 -9.23 -7.21 11.63
CA GLY A 23 -7.92 -7.25 12.27
C GLY A 23 -7.45 -8.66 12.55
N GLY A 24 -6.45 -8.79 13.41
CA GLY A 24 -5.93 -10.10 13.75
C GLY A 24 -4.41 -10.14 13.75
N GLY A 25 -3.85 -11.34 13.85
CA GLY A 25 -2.41 -11.49 13.85
C GLY A 25 -1.77 -11.01 12.57
N ARG A 26 -2.06 -11.71 11.48
CA ARG A 26 -1.52 -11.35 10.17
C ARG A 26 -1.92 -9.92 9.79
N ILE A 27 -3.08 -9.49 10.25
CA ILE A 27 -3.58 -8.16 9.97
C ILE A 27 -2.86 -7.10 10.81
N GLU A 28 -2.55 -7.45 12.05
CA GLU A 28 -1.88 -6.54 12.97
C GLU A 28 -0.67 -5.88 12.29
N GLU A 29 0.22 -6.70 11.74
CA GLU A 29 1.41 -6.18 11.07
C GLU A 29 1.07 -5.64 9.68
N LEU A 30 0.00 -6.16 9.09
CA LEU A 30 -0.43 -5.73 7.77
C LEU A 30 -0.71 -4.22 7.74
N LYS A 31 -1.42 -3.74 8.75
CA LYS A 31 -1.76 -2.32 8.83
C LYS A 31 -0.51 -1.46 8.90
N LYS A 32 0.40 -1.81 9.80
CA LYS A 32 1.65 -1.06 9.97
C LYS A 32 2.34 -0.83 8.63
N LYS A 33 2.20 -1.79 7.72
CA LYS A 33 2.81 -1.69 6.41
C LYS A 33 1.99 -0.80 5.48
N CYS A 34 0.69 -0.67 5.78
CA CYS A 34 -0.20 0.14 4.96
C CYS A 34 -0.04 1.62 5.27
N GLU A 35 -0.27 1.99 6.53
CA GLU A 35 -0.15 3.37 6.97
C GLU A 35 1.17 3.99 6.52
N GLU A 36 2.22 3.18 6.45
CA GLU A 36 3.54 3.65 6.03
C GLU A 36 3.61 3.76 4.51
N LEU A 37 2.83 2.94 3.83
CA LEU A 37 2.81 2.93 2.37
C LEU A 37 1.97 4.08 1.81
N LYS A 38 0.83 4.34 2.46
CA LYS A 38 -0.06 5.40 2.03
C LYS A 38 0.50 6.78 2.36
N LYS A 39 1.29 6.86 3.42
CA LYS A 39 1.89 8.11 3.86
C LYS A 39 3.11 8.47 3.01
N LYS A 40 3.82 7.45 2.54
CA LYS A 40 5.03 7.66 1.74
C LYS A 40 4.69 8.26 0.38
N ILE A 41 3.82 7.59 -0.36
CA ILE A 41 3.43 8.06 -1.69
C ILE A 41 2.83 9.46 -1.64
N GLU A 42 2.18 9.79 -0.53
CA GLU A 42 1.56 11.10 -0.36
C GLU A 42 2.61 12.21 -0.29
N GLU A 43 3.72 11.92 0.39
CA GLU A 43 4.80 12.90 0.53
C GLU A 43 5.85 12.72 -0.56
N LEU A 44 5.97 11.50 -1.07
CA LEU A 44 6.95 11.21 -2.11
C LEU A 44 6.79 12.15 -3.31
N GLY A 45 7.66 13.14 -3.39
CA GLY A 45 7.59 14.09 -4.49
C GLY A 45 8.76 13.95 -5.45
N GLY A 46 9.32 12.74 -5.50
CA GLY A 46 10.45 12.49 -6.40
C GLY A 46 11.76 12.43 -5.65
N GLY A 47 11.76 11.79 -4.49
CA GLY A 47 12.96 11.66 -3.70
C GLY A 47 13.27 10.22 -3.32
N GLY A 48 12.24 9.49 -2.91
CA GLY A 48 12.42 8.11 -2.52
C GLY A 48 12.12 7.14 -3.65
N GLU A 49 12.22 7.63 -4.88
CA GLU A 49 11.97 6.80 -6.06
C GLU A 49 10.53 6.33 -6.09
N VAL A 50 9.86 6.53 -7.22
CA VAL A 50 8.47 6.13 -7.39
C VAL A 50 8.36 4.68 -7.84
N LYS A 51 9.36 4.22 -8.59
CA LYS A 51 9.36 2.84 -9.11
C LYS A 51 9.65 1.83 -8.01
N LYS A 52 10.28 2.28 -6.93
CA LYS A 52 10.60 1.40 -5.81
C LYS A 52 9.38 1.14 -4.93
N VAL A 53 8.42 2.04 -4.97
CA VAL A 53 7.21 1.90 -4.16
C VAL A 53 6.19 0.97 -4.83
N GLU A 54 6.04 1.11 -6.14
CA GLU A 54 5.10 0.28 -6.89
C GLU A 54 5.50 -1.19 -6.85
N GLU A 55 6.79 -1.44 -6.70
CA GLU A 55 7.30 -2.81 -6.64
C GLU A 55 7.05 -3.44 -5.28
N GLU A 56 7.39 -2.71 -4.22
CA GLU A 56 7.21 -3.19 -2.85
C GLU A 56 5.72 -3.37 -2.54
N VAL A 57 4.92 -2.36 -2.87
CA VAL A 57 3.49 -2.41 -2.62
C VAL A 57 2.86 -3.65 -3.25
N LYS A 58 3.47 -4.16 -4.31
CA LYS A 58 2.97 -5.34 -5.01
C LYS A 58 2.80 -6.51 -4.04
N LYS A 59 3.61 -6.52 -2.98
CA LYS A 59 3.54 -7.58 -1.98
C LYS A 59 2.34 -7.38 -1.06
N LEU A 60 2.17 -6.16 -0.57
CA LEU A 60 1.07 -5.83 0.32
C LEU A 60 -0.27 -6.10 -0.36
N GLU A 61 -0.43 -5.57 -1.57
CA GLU A 61 -1.66 -5.74 -2.33
C GLU A 61 -1.94 -7.20 -2.62
N GLU A 62 -0.88 -7.99 -2.74
CA GLU A 62 -1.01 -9.42 -3.02
C GLU A 62 -1.82 -10.13 -1.94
N GLU A 63 -1.67 -9.67 -0.70
CA GLU A 63 -2.38 -10.27 0.43
C GLU A 63 -3.81 -9.75 0.53
N ILE A 64 -4.02 -8.51 0.10
CA ILE A 64 -5.33 -7.88 0.13
C ILE A 64 -6.33 -8.59 -0.79
N LYS A 65 -5.81 -9.23 -1.84
CA LYS A 65 -6.65 -9.94 -2.78
C LYS A 65 -7.28 -11.17 -2.15
N LYS A 66 -6.61 -11.73 -1.15
CA LYS A 66 -7.11 -12.92 -0.46
C LYS A 66 -8.03 -12.54 0.69
N LEU A 67 -7.87 -11.33 1.21
CA LEU A 67 -8.69 -10.85 2.32
C LEU A 67 -9.01 -9.36 2.16
C1 HTU B . -5.26 -0.55 8.17
O1 HTU B . -7.49 -0.83 8.98
S1 HTU B . -3.56 2.05 5.61
C2 HTU B . -4.35 0.12 7.39
C3 HTU B . -4.72 1.19 6.59
C4 HTU B . -6.07 1.57 6.63
C5 HTU B . -6.99 0.90 7.41
C6 HTU B . -6.58 -0.16 8.18
H1 HTU B . -4.94 -1.38 8.78
H2 HTU B . -3.32 -0.20 7.38
H4 HTU B . -6.39 2.39 6.03
H5 HTU B . -8.01 1.21 7.42
HO1 HTU B . -7.43 -0.51 9.88
N GLY A 1 6.20 1.22 -16.90
CA GLY A 1 5.44 2.42 -17.34
C GLY A 1 4.80 3.16 -16.18
N SER A 2 3.53 2.90 -15.93
CA SER A 2 2.80 3.55 -14.84
C SER A 2 3.46 3.26 -13.50
N ARG A 3 4.26 4.20 -13.01
CA ARG A 3 4.95 4.03 -11.73
C ARG A 3 4.11 4.55 -10.57
N VAL A 4 3.54 5.75 -10.75
CA VAL A 4 2.72 6.36 -9.71
C VAL A 4 1.29 5.84 -9.78
N LYS A 5 0.81 5.59 -10.99
CA LYS A 5 -0.55 5.09 -11.19
C LYS A 5 -0.78 3.86 -10.32
N ALA A 6 0.28 3.11 -10.09
CA ALA A 6 0.22 1.92 -9.25
C ALA A 6 0.22 2.30 -7.77
N LEU A 7 0.79 3.45 -7.47
CA LEU A 7 0.87 3.95 -6.09
C LEU A 7 -0.44 4.60 -5.66
N GLU A 8 -0.95 5.48 -6.51
CA GLU A 8 -2.19 6.20 -6.20
C GLU A 8 -3.39 5.26 -6.10
N GLU A 9 -3.40 4.21 -6.90
CA GLU A 9 -4.51 3.26 -6.92
C GLU A 9 -4.45 2.31 -5.72
N LYS A 10 -3.36 1.56 -5.61
CA LYS A 10 -3.20 0.59 -4.53
C LYS A 10 -3.53 1.20 -3.16
N VAL A 11 -3.25 2.48 -2.99
CA VAL A 11 -3.52 3.16 -1.73
C VAL A 11 -5.00 3.05 -1.37
N LYS A 12 -5.86 2.95 -2.37
CA LYS A 12 -7.29 2.83 -2.12
C LYS A 12 -7.64 1.42 -1.67
N ALA A 13 -6.96 0.44 -2.26
CA ALA A 13 -7.18 -0.96 -1.91
C ALA A 13 -6.42 -1.32 -0.65
N LEU A 14 -5.35 -0.58 -0.38
CA LEU A 14 -4.52 -0.83 0.79
C LEU A 14 -5.30 -0.60 2.08
N GLU A 15 -5.87 0.59 2.23
CA GLU A 15 -6.64 0.93 3.44
C GLU A 15 -8.07 0.37 3.40
N GLU A 16 -8.83 0.78 2.39
CA GLU A 16 -10.22 0.37 2.25
C GLU A 16 -10.43 -1.14 2.42
N LYS A 17 -9.56 -1.93 1.82
CA LYS A 17 -9.70 -3.38 1.92
C LYS A 17 -9.45 -3.87 3.34
N VAL A 18 -8.53 -3.23 4.04
CA VAL A 18 -8.20 -3.61 5.41
C VAL A 18 -9.20 -3.03 6.41
N LYS A 19 -9.56 -1.77 6.21
CA LYS A 19 -10.52 -1.11 7.10
C LYS A 19 -11.86 -1.83 7.10
N ALA A 20 -12.16 -2.54 6.01
CA ALA A 20 -13.41 -3.27 5.89
C ALA A 20 -13.26 -4.74 6.28
N LEU A 21 -12.01 -5.20 6.38
CA LEU A 21 -11.75 -6.58 6.74
C LEU A 21 -11.82 -6.78 8.25
N GLY A 22 -11.18 -5.88 8.99
CA GLY A 22 -11.18 -5.98 10.44
C GLY A 22 -10.72 -7.33 10.94
N GLY A 23 -9.46 -7.43 11.32
CA GLY A 23 -8.93 -8.69 11.81
C GLY A 23 -8.41 -8.59 13.24
N GLY A 24 -7.12 -8.80 13.42
CA GLY A 24 -6.54 -8.74 14.75
C GLY A 24 -5.15 -9.34 14.82
N GLY A 25 -4.90 -10.33 13.95
CA GLY A 25 -3.61 -10.99 13.95
C GLY A 25 -2.81 -10.67 12.69
N ARG A 26 -3.13 -11.36 11.60
CA ARG A 26 -2.43 -11.17 10.34
C ARG A 26 -2.52 -9.70 9.89
N ILE A 27 -3.57 -9.02 10.30
CA ILE A 27 -3.77 -7.62 9.94
C ILE A 27 -2.84 -6.71 10.74
N GLU A 28 -2.39 -7.17 11.90
CA GLU A 28 -1.50 -6.39 12.75
C GLU A 28 -0.29 -5.90 11.97
N GLU A 29 0.43 -6.83 11.36
CA GLU A 29 1.61 -6.51 10.56
C GLU A 29 1.21 -5.96 9.20
N LEU A 30 0.04 -6.38 8.73
CA LEU A 30 -0.47 -5.93 7.43
C LEU A 30 -0.74 -4.42 7.42
N LYS A 31 -1.33 -3.93 8.50
CA LYS A 31 -1.65 -2.51 8.63
C LYS A 31 -0.38 -1.69 8.82
N LYS A 32 0.56 -2.22 9.59
CA LYS A 32 1.82 -1.54 9.84
C LYS A 32 2.50 -1.15 8.54
N LYS A 33 2.36 -2.02 7.54
CA LYS A 33 2.94 -1.77 6.22
C LYS A 33 2.07 -0.82 5.41
N CYS A 34 0.79 -0.76 5.76
CA CYS A 34 -0.17 0.10 5.07
C CYS A 34 0.05 1.57 5.40
N GLU A 35 -0.06 1.90 6.68
CA GLU A 35 0.12 3.28 7.14
C GLU A 35 1.43 3.88 6.64
N GLU A 36 2.45 3.04 6.47
CA GLU A 36 3.75 3.50 5.99
C GLU A 36 3.74 3.70 4.48
N LEU A 37 2.89 2.94 3.80
CA LEU A 37 2.78 3.02 2.35
C LEU A 37 2.05 4.29 1.93
N LYS A 38 1.00 4.63 2.66
CA LYS A 38 0.20 5.82 2.36
C LYS A 38 0.95 7.10 2.72
N LYS A 39 1.82 7.02 3.71
CA LYS A 39 2.58 8.18 4.16
C LYS A 39 3.72 8.53 3.20
N LYS A 40 4.27 7.51 2.55
CA LYS A 40 5.38 7.71 1.62
C LYS A 40 4.91 8.38 0.34
N ILE A 41 3.86 7.83 -0.27
CA ILE A 41 3.32 8.37 -1.51
C ILE A 41 2.88 9.82 -1.34
N GLU A 42 2.23 10.12 -0.22
CA GLU A 42 1.75 11.46 0.06
C GLU A 42 2.90 12.45 0.15
N GLU A 43 4.04 11.99 0.67
CA GLU A 43 5.22 12.84 0.82
C GLU A 43 6.16 12.69 -0.38
N LEU A 44 5.94 11.65 -1.19
CA LEU A 44 6.78 11.41 -2.35
C LEU A 44 6.83 12.65 -3.26
N GLY A 45 8.02 13.22 -3.40
CA GLY A 45 8.19 14.40 -4.23
C GLY A 45 9.18 14.17 -5.36
N GLY A 46 10.40 13.80 -5.00
CA GLY A 46 11.42 13.55 -6.00
C GLY A 46 12.77 13.22 -5.38
N GLY A 47 12.91 12.00 -4.88
CA GLY A 47 14.16 11.59 -4.27
C GLY A 47 14.14 10.15 -3.80
N GLY A 48 12.99 9.72 -3.28
CA GLY A 48 12.86 8.36 -2.81
C GLY A 48 12.50 7.37 -3.91
N GLU A 49 12.50 7.84 -5.16
CA GLU A 49 12.17 7.00 -6.29
C GLU A 49 10.73 6.49 -6.20
N VAL A 50 9.98 6.67 -7.28
CA VAL A 50 8.58 6.24 -7.34
C VAL A 50 8.47 4.78 -7.77
N LYS A 51 9.46 4.30 -8.52
CA LYS A 51 9.46 2.93 -9.01
C LYS A 51 9.79 1.94 -7.89
N LYS A 52 10.41 2.44 -6.81
CA LYS A 52 10.79 1.59 -5.68
C LYS A 52 9.58 1.28 -4.80
N VAL A 53 8.59 2.17 -4.82
CA VAL A 53 7.40 2.00 -3.99
C VAL A 53 6.39 1.05 -4.65
N GLU A 54 6.15 1.24 -5.94
CA GLU A 54 5.21 0.40 -6.68
C GLU A 54 5.52 -1.08 -6.51
N GLU A 55 6.81 -1.41 -6.58
CA GLU A 55 7.25 -2.80 -6.44
C GLU A 55 7.08 -3.28 -5.00
N GLU A 56 7.26 -2.37 -4.05
CA GLU A 56 7.12 -2.71 -2.64
C GLU A 56 5.66 -2.97 -2.27
N VAL A 57 4.77 -2.13 -2.76
CA VAL A 57 3.35 -2.26 -2.48
C VAL A 57 2.79 -3.55 -3.08
N LYS A 58 3.42 -4.04 -4.14
CA LYS A 58 2.99 -5.27 -4.81
C LYS A 58 2.86 -6.41 -3.81
N LYS A 59 3.64 -6.35 -2.74
CA LYS A 59 3.61 -7.37 -1.70
C LYS A 59 2.41 -7.19 -0.78
N LEU A 60 1.99 -5.93 -0.60
CA LEU A 60 0.86 -5.62 0.26
C LEU A 60 -0.46 -5.88 -0.46
N GLU A 61 -0.60 -5.32 -1.65
CA GLU A 61 -1.83 -5.49 -2.44
C GLU A 61 -2.16 -6.97 -2.63
N GLU A 62 -1.20 -7.73 -3.16
CA GLU A 62 -1.40 -9.16 -3.40
C GLU A 62 -1.90 -9.85 -2.14
N GLU A 63 -1.50 -9.33 -0.98
CA GLU A 63 -1.90 -9.88 0.30
C GLU A 63 -3.35 -9.54 0.60
N ILE A 64 -3.84 -8.46 -0.01
CA ILE A 64 -5.21 -8.01 0.18
C ILE A 64 -6.20 -8.94 -0.52
N LYS A 65 -5.79 -9.48 -1.66
CA LYS A 65 -6.65 -10.38 -2.43
C LYS A 65 -7.13 -11.55 -1.58
N LYS A 66 -6.37 -11.87 -0.53
CA LYS A 66 -6.71 -12.97 0.37
C LYS A 66 -7.65 -12.51 1.47
N LEU A 67 -7.47 -11.26 1.91
CA LEU A 67 -8.30 -10.70 2.97
C LEU A 67 -9.68 -10.32 2.44
C1 HTU B . -7.13 0.36 7.43
O1 HTU B . -7.50 -1.48 8.89
S1 HTU B . -3.83 1.74 5.54
C2 HTU B . -6.28 1.11 6.64
C3 HTU B . -4.92 0.78 6.51
C4 HTU B . -4.48 -0.33 7.22
C5 HTU B . -5.34 -1.08 8.01
C6 HTU B . -6.65 -0.73 8.11
H1 HTU B . -8.16 0.64 7.50
H2 HTU B . -6.66 1.97 6.11
H4 HTU B . -3.44 -0.61 7.13
H5 HTU B . -4.96 -1.94 8.53
HO1 HTU B . -8.21 -1.83 8.35
N GLY A 1 3.30 4.90 -19.84
CA GLY A 1 3.55 4.15 -18.58
C GLY A 1 2.59 4.55 -17.47
N SER A 2 3.06 4.42 -16.22
CA SER A 2 2.23 4.75 -15.07
C SER A 2 3.11 5.21 -13.91
N ARG A 3 3.81 4.26 -13.30
CA ARG A 3 4.68 4.55 -12.17
C ARG A 3 3.87 5.00 -10.95
N VAL A 4 3.25 6.18 -11.06
CA VAL A 4 2.43 6.72 -9.98
C VAL A 4 1.02 6.13 -10.02
N LYS A 5 0.52 5.89 -11.22
CA LYS A 5 -0.81 5.32 -11.39
C LYS A 5 -0.95 4.06 -10.54
N ALA A 6 0.16 3.35 -10.36
CA ALA A 6 0.17 2.14 -9.56
C ALA A 6 0.21 2.47 -8.06
N LEU A 7 0.76 3.64 -7.74
CA LEU A 7 0.87 4.09 -6.36
C LEU A 7 -0.44 4.68 -5.85
N GLU A 8 -1.11 5.43 -6.72
CA GLU A 8 -2.37 6.08 -6.36
C GLU A 8 -3.53 5.08 -6.25
N GLU A 9 -3.49 4.04 -7.07
CA GLU A 9 -4.54 3.04 -7.07
C GLU A 9 -4.40 2.04 -5.92
N LYS A 10 -3.17 1.68 -5.59
CA LYS A 10 -2.90 0.74 -4.52
C LYS A 10 -3.32 1.30 -3.15
N VAL A 11 -2.99 2.56 -2.91
CA VAL A 11 -3.31 3.21 -1.64
C VAL A 11 -4.80 3.14 -1.34
N LYS A 12 -5.63 3.03 -2.38
CA LYS A 12 -7.08 2.95 -2.19
C LYS A 12 -7.50 1.55 -1.74
N ALA A 13 -6.88 0.54 -2.33
CA ALA A 13 -7.18 -0.84 -1.99
C ALA A 13 -6.44 -1.25 -0.73
N LEU A 14 -5.32 -0.58 -0.46
CA LEU A 14 -4.51 -0.88 0.70
C LEU A 14 -5.25 -0.57 2.00
N GLU A 15 -5.71 0.67 2.13
CA GLU A 15 -6.42 1.10 3.34
C GLU A 15 -7.88 0.69 3.35
N GLU A 16 -8.61 1.08 2.31
CA GLU A 16 -10.04 0.77 2.23
C GLU A 16 -10.33 -0.72 2.38
N LYS A 17 -9.78 -1.53 1.49
CA LYS A 17 -10.01 -2.97 1.52
C LYS A 17 -9.75 -3.57 2.91
N VAL A 18 -8.84 -2.95 3.65
CA VAL A 18 -8.51 -3.43 4.99
C VAL A 18 -9.54 -2.97 6.02
N LYS A 19 -10.16 -1.83 5.77
CA LYS A 19 -11.16 -1.28 6.67
C LYS A 19 -12.46 -2.08 6.62
N ALA A 20 -12.68 -2.78 5.51
CA ALA A 20 -13.89 -3.58 5.34
C ALA A 20 -13.64 -5.05 5.70
N LEU A 21 -12.37 -5.44 5.83
CA LEU A 21 -12.03 -6.80 6.17
C LEU A 21 -12.38 -7.09 7.63
N GLY A 22 -12.07 -6.15 8.50
CA GLY A 22 -12.35 -6.29 9.93
C GLY A 22 -11.95 -7.65 10.48
N GLY A 23 -10.73 -7.74 10.98
CA GLY A 23 -10.24 -8.99 11.53
C GLY A 23 -9.17 -8.79 12.59
N GLY A 24 -8.08 -9.52 12.47
CA GLY A 24 -6.99 -9.41 13.43
C GLY A 24 -5.84 -10.33 13.11
N GLY A 25 -4.78 -10.25 13.92
CA GLY A 25 -3.62 -11.10 13.70
C GLY A 25 -2.86 -10.74 12.45
N ARG A 26 -3.21 -11.37 11.34
CA ARG A 26 -2.56 -11.11 10.06
C ARG A 26 -2.69 -9.65 9.66
N ILE A 27 -3.73 -8.99 10.16
CA ILE A 27 -3.97 -7.59 9.86
C ILE A 27 -3.14 -6.68 10.75
N GLU A 28 -2.80 -7.17 11.94
CA GLU A 28 -2.01 -6.40 12.90
C GLU A 28 -0.68 -5.97 12.28
N GLU A 29 0.09 -6.95 11.81
CA GLU A 29 1.39 -6.67 11.19
C GLU A 29 1.22 -6.02 9.82
N LEU A 30 0.23 -6.51 9.06
CA LEU A 30 -0.04 -5.99 7.73
C LEU A 30 -0.38 -4.50 7.78
N LYS A 31 -0.87 -4.04 8.93
CA LYS A 31 -1.22 -2.64 9.11
C LYS A 31 0.01 -1.75 9.07
N LYS A 32 1.01 -2.09 9.89
CA LYS A 32 2.25 -1.31 9.95
C LYS A 32 2.83 -1.10 8.56
N LYS A 33 2.60 -2.06 7.67
CA LYS A 33 3.10 -1.98 6.30
C LYS A 33 2.19 -1.08 5.45
N CYS A 34 0.93 -0.96 5.86
CA CYS A 34 -0.02 -0.14 5.14
C CYS A 34 0.16 1.34 5.45
N GLU A 35 0.03 1.70 6.72
CA GLU A 35 0.17 3.09 7.16
C GLU A 35 1.50 3.68 6.71
N GLU A 36 2.52 2.85 6.58
CA GLU A 36 3.83 3.32 6.15
C GLU A 36 3.88 3.53 4.64
N LEU A 37 3.06 2.75 3.93
CA LEU A 37 2.99 2.86 2.47
C LEU A 37 2.25 4.12 2.04
N LYS A 38 1.16 4.43 2.73
CA LYS A 38 0.36 5.60 2.42
C LYS A 38 1.12 6.89 2.72
N LYS A 39 1.92 6.87 3.78
CA LYS A 39 2.70 8.04 4.19
C LYS A 39 3.84 8.32 3.21
N LYS A 40 4.37 7.26 2.61
CA LYS A 40 5.47 7.39 1.66
C LYS A 40 5.06 8.24 0.45
N ILE A 41 4.00 7.81 -0.21
CA ILE A 41 3.50 8.52 -1.40
C ILE A 41 3.00 9.91 -1.04
N GLU A 42 2.58 10.09 0.20
CA GLU A 42 2.06 11.37 0.66
C GLU A 42 3.14 12.45 0.61
N GLU A 43 4.37 12.08 0.95
CA GLU A 43 5.49 13.02 0.94
C GLU A 43 6.23 12.98 -0.39
N LEU A 44 6.21 11.81 -1.04
CA LEU A 44 6.89 11.64 -2.31
C LEU A 44 6.44 12.69 -3.33
N GLY A 45 7.24 13.73 -3.49
CA GLY A 45 6.90 14.78 -4.44
C GLY A 45 7.78 14.75 -5.67
N GLY A 46 9.08 14.89 -5.47
CA GLY A 46 10.01 14.87 -6.58
C GLY A 46 11.27 14.08 -6.28
N GLY A 47 11.14 13.10 -5.39
CA GLY A 47 12.29 12.27 -5.03
C GLY A 47 11.86 10.99 -4.34
N GLY A 48 12.79 10.04 -4.25
CA GLY A 48 12.49 8.77 -3.60
C GLY A 48 12.11 7.68 -4.59
N GLU A 49 12.13 8.01 -5.88
CA GLU A 49 11.78 7.05 -6.92
C GLU A 49 10.33 6.61 -6.79
N VAL A 50 9.60 6.69 -7.90
CA VAL A 50 8.19 6.30 -7.92
C VAL A 50 8.04 4.81 -8.19
N LYS A 51 9.01 4.24 -8.90
CA LYS A 51 8.98 2.82 -9.23
C LYS A 51 9.36 1.95 -8.02
N LYS A 52 10.01 2.56 -7.03
CA LYS A 52 10.42 1.85 -5.84
C LYS A 52 9.23 1.54 -4.93
N VAL A 53 8.20 2.38 -5.00
CA VAL A 53 7.01 2.19 -4.18
C VAL A 53 6.05 1.16 -4.79
N GLU A 54 5.75 1.32 -6.07
CA GLU A 54 4.84 0.41 -6.76
C GLU A 54 5.28 -1.04 -6.59
N GLU A 55 6.59 -1.25 -6.51
CA GLU A 55 7.15 -2.59 -6.34
C GLU A 55 6.99 -3.07 -4.91
N GLU A 56 7.30 -2.20 -3.96
CA GLU A 56 7.19 -2.52 -2.55
C GLU A 56 5.76 -2.93 -2.17
N VAL A 57 4.80 -2.16 -2.67
CA VAL A 57 3.40 -2.43 -2.39
C VAL A 57 2.96 -3.79 -2.93
N LYS A 58 3.65 -4.26 -3.97
CA LYS A 58 3.34 -5.56 -4.58
C LYS A 58 3.17 -6.64 -3.53
N LYS A 59 3.87 -6.49 -2.41
CA LYS A 59 3.81 -7.47 -1.33
C LYS A 59 2.55 -7.26 -0.49
N LEU A 60 2.14 -6.00 -0.36
CA LEU A 60 0.95 -5.66 0.41
C LEU A 60 -0.32 -5.91 -0.38
N GLU A 61 -0.36 -5.44 -1.62
CA GLU A 61 -1.53 -5.61 -2.47
C GLU A 61 -1.87 -7.09 -2.63
N GLU A 62 -0.86 -7.92 -2.86
CA GLU A 62 -1.06 -9.35 -3.02
C GLU A 62 -1.70 -9.94 -1.77
N GLU A 63 -1.40 -9.34 -0.62
CA GLU A 63 -1.94 -9.78 0.66
C GLU A 63 -3.42 -9.41 0.77
N ILE A 64 -3.82 -8.39 0.02
CA ILE A 64 -5.20 -7.93 0.03
C ILE A 64 -6.12 -8.94 -0.66
N LYS A 65 -5.56 -9.73 -1.57
CA LYS A 65 -6.34 -10.72 -2.30
C LYS A 65 -7.01 -11.70 -1.35
N LYS A 66 -6.32 -12.04 -0.26
CA LYS A 66 -6.84 -12.97 0.73
C LYS A 66 -7.72 -12.24 1.74
N LEU A 67 -7.08 -11.44 2.60
CA LEU A 67 -7.80 -10.69 3.62
C LEU A 67 -8.64 -9.58 2.99
C1 HTU B . -6.96 0.51 7.44
O1 HTU B . -7.46 -1.28 8.91
S1 HTU B . -3.68 1.49 5.30
C2 HTU B . -6.08 1.15 6.59
C3 HTU B . -4.79 0.67 6.36
C4 HTU B . -4.44 -0.51 7.03
C5 HTU B . -5.32 -1.15 7.86
C6 HTU B . -6.58 -0.64 8.06
H1 HTU B . -7.95 0.91 7.58
H2 HTU B . -6.39 2.05 6.08
H4 HTU B . -3.45 -0.92 6.87
H5 HTU B . -5.02 -2.06 8.36
HO1 HTU B . -8.33 -1.30 8.51
N GLY A 1 5.15 3.00 -18.73
CA GLY A 1 5.19 2.49 -17.32
C GLY A 1 4.63 3.50 -16.33
N SER A 2 3.43 3.22 -15.83
CA SER A 2 2.78 4.11 -14.87
C SER A 2 3.22 3.78 -13.45
N ARG A 3 4.28 4.45 -12.99
CA ARG A 3 4.80 4.24 -11.65
C ARG A 3 3.82 4.77 -10.61
N VAL A 4 3.49 6.05 -10.71
CA VAL A 4 2.57 6.69 -9.78
C VAL A 4 1.17 6.10 -9.89
N LYS A 5 0.72 5.88 -11.14
CA LYS A 5 -0.60 5.31 -11.37
C LYS A 5 -0.78 4.05 -10.54
N ALA A 6 0.31 3.34 -10.31
CA ALA A 6 0.30 2.12 -9.52
C ALA A 6 0.27 2.45 -8.02
N LEU A 7 0.83 3.59 -7.66
CA LEU A 7 0.88 4.02 -6.27
C LEU A 7 -0.44 4.65 -5.81
N GLU A 8 -1.11 5.31 -6.73
CA GLU A 8 -2.38 5.97 -6.42
C GLU A 8 -3.54 4.98 -6.43
N GLU A 9 -3.42 3.94 -7.23
CA GLU A 9 -4.47 2.92 -7.35
C GLU A 9 -4.43 1.94 -6.17
N LYS A 10 -3.24 1.62 -5.70
CA LYS A 10 -3.09 0.68 -4.59
C LYS A 10 -3.51 1.31 -3.26
N VAL A 11 -3.03 2.52 -3.00
CA VAL A 11 -3.33 3.23 -1.77
C VAL A 11 -4.82 3.16 -1.43
N LYS A 12 -5.66 3.04 -2.45
CA LYS A 12 -7.10 2.96 -2.24
C LYS A 12 -7.50 1.57 -1.78
N ALA A 13 -6.85 0.56 -2.34
CA ALA A 13 -7.13 -0.82 -1.98
C ALA A 13 -6.37 -1.21 -0.72
N LEU A 14 -5.28 -0.49 -0.46
CA LEU A 14 -4.45 -0.75 0.72
C LEU A 14 -5.21 -0.47 2.00
N GLU A 15 -5.72 0.75 2.12
CA GLU A 15 -6.45 1.17 3.31
C GLU A 15 -7.90 0.67 3.32
N GLU A 16 -8.65 1.01 2.28
CA GLU A 16 -10.05 0.62 2.17
C GLU A 16 -10.28 -0.85 2.49
N LYS A 17 -9.66 -1.73 1.71
CA LYS A 17 -9.81 -3.17 1.90
C LYS A 17 -9.63 -3.59 3.35
N VAL A 18 -8.67 -2.96 4.03
CA VAL A 18 -8.40 -3.28 5.42
C VAL A 18 -9.51 -2.79 6.34
N LYS A 19 -10.22 -1.75 5.91
CA LYS A 19 -11.30 -1.20 6.71
C LYS A 19 -12.53 -2.11 6.68
N ALA A 20 -12.67 -2.88 5.60
CA ALA A 20 -13.79 -3.80 5.46
C ALA A 20 -13.42 -5.22 5.89
N LEU A 21 -12.12 -5.48 6.01
CA LEU A 21 -11.66 -6.80 6.41
C LEU A 21 -11.80 -6.99 7.92
N GLY A 22 -11.39 -5.97 8.67
CA GLY A 22 -11.48 -6.04 10.12
C GLY A 22 -10.13 -5.91 10.80
N GLY A 23 -9.63 -7.00 11.35
CA GLY A 23 -8.34 -6.97 12.01
C GLY A 23 -7.95 -8.32 12.57
N GLY A 24 -6.80 -8.37 13.24
CA GLY A 24 -6.33 -9.63 13.82
C GLY A 24 -4.83 -9.75 13.78
N GLY A 25 -4.34 -10.99 13.86
CA GLY A 25 -2.90 -11.22 13.83
C GLY A 25 -2.29 -10.88 12.49
N ARG A 26 -2.79 -11.52 11.43
CA ARG A 26 -2.28 -11.28 10.09
C ARG A 26 -2.44 -9.81 9.71
N ILE A 27 -3.53 -9.20 10.16
CA ILE A 27 -3.80 -7.80 9.86
C ILE A 27 -2.96 -6.87 10.73
N GLU A 28 -2.61 -7.35 11.93
CA GLU A 28 -1.80 -6.55 12.85
C GLU A 28 -0.56 -6.00 12.15
N GLU A 29 0.21 -6.90 11.54
CA GLU A 29 1.42 -6.50 10.83
C GLU A 29 1.08 -5.89 9.47
N LEU A 30 -0.04 -6.33 8.90
CA LEU A 30 -0.48 -5.83 7.60
C LEU A 30 -0.68 -4.32 7.64
N LYS A 31 -1.11 -3.80 8.78
CA LYS A 31 -1.33 -2.37 8.94
C LYS A 31 -0.01 -1.60 8.95
N LYS A 32 0.94 -2.08 9.74
CA LYS A 32 2.25 -1.45 9.85
C LYS A 32 2.82 -1.17 8.46
N LYS A 33 2.55 -2.09 7.53
CA LYS A 33 3.04 -1.95 6.16
C LYS A 33 2.16 -1.00 5.36
N CYS A 34 0.91 -0.87 5.78
CA CYS A 34 -0.05 0.01 5.12
C CYS A 34 0.21 1.48 5.45
N GLU A 35 0.17 1.80 6.74
CA GLU A 35 0.40 3.17 7.21
C GLU A 35 1.71 3.73 6.67
N GLU A 36 2.69 2.86 6.45
CA GLU A 36 3.99 3.28 5.95
C GLU A 36 3.94 3.49 4.44
N LEU A 37 3.05 2.78 3.76
CA LEU A 37 2.90 2.88 2.32
C LEU A 37 2.15 4.16 1.93
N LYS A 38 1.09 4.47 2.67
CA LYS A 38 0.28 5.66 2.40
C LYS A 38 1.01 6.94 2.80
N LYS A 39 1.90 6.83 3.78
CA LYS A 39 2.66 7.98 4.25
C LYS A 39 3.80 8.33 3.31
N LYS A 40 4.36 7.32 2.65
CA LYS A 40 5.48 7.51 1.73
C LYS A 40 5.04 8.25 0.47
N ILE A 41 4.07 7.70 -0.22
CA ILE A 41 3.55 8.30 -1.45
C ILE A 41 3.04 9.72 -1.22
N GLU A 42 2.25 9.89 -0.17
CA GLU A 42 1.69 11.19 0.15
C GLU A 42 2.79 12.22 0.40
N GLU A 43 3.93 11.75 0.89
CA GLU A 43 5.07 12.62 1.18
C GLU A 43 6.05 12.68 0.01
N LEU A 44 5.95 11.70 -0.89
CA LEU A 44 6.83 11.64 -2.05
C LEU A 44 6.85 12.97 -2.80
N GLY A 45 7.95 13.70 -2.67
CA GLY A 45 8.08 14.97 -3.34
C GLY A 45 9.14 14.96 -4.43
N GLY A 46 10.14 14.10 -4.26
CA GLY A 46 11.21 14.00 -5.23
C GLY A 46 12.48 13.40 -4.64
N GLY A 47 12.51 12.08 -4.54
CA GLY A 47 13.67 11.41 -3.99
C GLY A 47 13.37 9.99 -3.53
N GLY A 48 12.11 9.76 -3.15
CA GLY A 48 11.72 8.44 -2.69
C GLY A 48 11.52 7.46 -3.82
N GLU A 49 11.64 7.93 -5.06
CA GLU A 49 11.46 7.08 -6.22
C GLU A 49 10.03 6.54 -6.30
N VAL A 50 9.42 6.65 -7.47
CA VAL A 50 8.07 6.18 -7.69
C VAL A 50 8.04 4.70 -8.05
N LYS A 51 9.11 4.24 -8.70
CA LYS A 51 9.21 2.84 -9.11
C LYS A 51 9.50 1.92 -7.93
N LYS A 52 10.12 2.49 -6.89
CA LYS A 52 10.46 1.71 -5.70
C LYS A 52 9.24 1.49 -4.81
N VAL A 53 8.26 2.37 -4.92
CA VAL A 53 7.04 2.28 -4.12
C VAL A 53 6.05 1.28 -4.70
N GLU A 54 5.92 1.28 -6.03
CA GLU A 54 4.99 0.37 -6.70
C GLU A 54 5.45 -1.08 -6.55
N GLU A 55 6.75 -1.29 -6.49
CA GLU A 55 7.31 -2.63 -6.35
C GLU A 55 7.10 -3.18 -4.94
N GLU A 56 7.38 -2.34 -3.94
CA GLU A 56 7.22 -2.73 -2.54
C GLU A 56 5.77 -3.00 -2.20
N VAL A 57 4.89 -2.12 -2.66
CA VAL A 57 3.46 -2.26 -2.40
C VAL A 57 2.89 -3.53 -3.04
N LYS A 58 3.54 -3.98 -4.11
CA LYS A 58 3.10 -5.18 -4.82
C LYS A 58 2.90 -6.35 -3.84
N LYS A 59 3.63 -6.32 -2.74
CA LYS A 59 3.53 -7.37 -1.73
C LYS A 59 2.29 -7.18 -0.86
N LEU A 60 2.03 -5.93 -0.48
CA LEU A 60 0.89 -5.61 0.36
C LEU A 60 -0.43 -5.84 -0.39
N GLU A 61 -0.50 -5.34 -1.62
CA GLU A 61 -1.69 -5.49 -2.44
C GLU A 61 -2.05 -6.96 -2.62
N GLU A 62 -1.03 -7.80 -2.79
CA GLU A 62 -1.24 -9.24 -2.96
C GLU A 62 -1.83 -9.84 -1.69
N GLU A 63 -1.49 -9.25 -0.55
CA GLU A 63 -1.99 -9.70 0.73
C GLU A 63 -3.46 -9.34 0.90
N ILE A 64 -3.90 -8.32 0.18
CA ILE A 64 -5.29 -7.88 0.25
C ILE A 64 -6.22 -8.85 -0.48
N LYS A 65 -5.69 -9.53 -1.49
CA LYS A 65 -6.47 -10.49 -2.27
C LYS A 65 -7.06 -11.57 -1.36
N LYS A 66 -6.40 -11.82 -0.24
CA LYS A 66 -6.87 -12.83 0.71
C LYS A 66 -7.62 -12.19 1.88
N LEU A 67 -7.88 -10.89 1.79
CA LEU A 67 -8.60 -10.18 2.84
C LEU A 67 -9.10 -8.83 2.34
C1 HTU B . -6.95 0.96 7.40
O1 HTU B . -7.46 -0.67 9.05
S1 HTU B . -3.65 1.72 5.21
C2 HTU B . -6.06 1.53 6.51
C3 HTU B . -4.78 1.01 6.34
C4 HTU B . -4.43 -0.10 7.12
C5 HTU B . -5.32 -0.65 8.01
C6 HTU B . -6.58 -0.12 8.16
H1 HTU B . -7.94 1.39 7.51
H2 HTU B . -6.36 2.37 5.92
H4 HTU B . -3.45 -0.52 7.01
H5 HTU B . -5.03 -1.51 8.59
HO1 HTU B . -6.99 -0.92 9.85
N GLY A 1 5.59 4.23 -18.51
CA GLY A 1 4.47 3.33 -18.16
C GLY A 1 3.56 3.93 -17.09
N SER A 2 3.61 3.35 -15.89
CA SER A 2 2.78 3.83 -14.79
C SER A 2 3.39 3.43 -13.45
N ARG A 3 4.33 4.23 -12.97
CA ARG A 3 4.98 3.97 -11.70
C ARG A 3 4.11 4.44 -10.54
N VAL A 4 3.53 5.64 -10.68
CA VAL A 4 2.68 6.20 -9.66
C VAL A 4 1.27 5.65 -9.74
N LYS A 5 0.82 5.35 -10.96
CA LYS A 5 -0.52 4.79 -11.16
C LYS A 5 -0.71 3.56 -10.28
N ALA A 6 0.38 2.86 -10.00
CA ALA A 6 0.33 1.67 -9.15
C ALA A 6 0.30 2.08 -7.68
N LEU A 7 0.87 3.25 -7.39
CA LEU A 7 0.93 3.76 -6.02
C LEU A 7 -0.38 4.43 -5.60
N GLU A 8 -0.95 5.23 -6.50
CA GLU A 8 -2.18 5.96 -6.20
C GLU A 8 -3.40 5.04 -6.14
N GLU A 9 -3.45 4.06 -7.03
CA GLU A 9 -4.58 3.13 -7.09
C GLU A 9 -4.53 2.06 -6.01
N LYS A 10 -3.33 1.59 -5.69
CA LYS A 10 -3.15 0.55 -4.70
C LYS A 10 -3.32 1.08 -3.27
N VAL A 11 -3.10 2.38 -3.09
CA VAL A 11 -3.22 2.98 -1.77
C VAL A 11 -4.67 3.03 -1.32
N LYS A 12 -5.60 3.07 -2.27
CA LYS A 12 -7.03 3.11 -1.95
C LYS A 12 -7.54 1.73 -1.58
N ALA A 13 -7.02 0.70 -2.23
CA ALA A 13 -7.43 -0.67 -1.96
C ALA A 13 -6.72 -1.23 -0.74
N LEU A 14 -5.55 -0.69 -0.44
CA LEU A 14 -4.75 -1.13 0.70
C LEU A 14 -5.41 -0.73 2.03
N GLU A 15 -5.66 0.55 2.18
CA GLU A 15 -6.25 1.09 3.41
C GLU A 15 -7.73 0.71 3.55
N GLU A 16 -8.53 1.05 2.55
CA GLU A 16 -9.97 0.78 2.58
C GLU A 16 -10.27 -0.69 2.88
N LYS A 17 -9.51 -1.60 2.27
CA LYS A 17 -9.73 -3.03 2.48
C LYS A 17 -9.47 -3.41 3.93
N VAL A 18 -8.42 -2.86 4.52
CA VAL A 18 -8.07 -3.15 5.91
C VAL A 18 -9.12 -2.59 6.86
N LYS A 19 -9.65 -1.43 6.53
CA LYS A 19 -10.67 -0.79 7.34
C LYS A 19 -11.95 -1.61 7.37
N ALA A 20 -12.16 -2.39 6.33
CA ALA A 20 -13.35 -3.23 6.23
C ALA A 20 -13.06 -4.66 6.69
N LEU A 21 -11.79 -5.04 6.70
CA LEU A 21 -11.39 -6.38 7.12
C LEU A 21 -11.40 -6.50 8.64
N GLY A 22 -10.85 -5.49 9.31
CA GLY A 22 -10.81 -5.50 10.76
C GLY A 22 -9.39 -5.53 11.31
N GLY A 23 -9.01 -6.67 11.87
CA GLY A 23 -7.67 -6.80 12.42
C GLY A 23 -7.36 -8.22 12.85
N GLY A 24 -6.14 -8.44 13.33
CA GLY A 24 -5.74 -9.78 13.76
C GLY A 24 -4.24 -9.96 13.74
N GLY A 25 -3.80 -11.21 13.65
CA GLY A 25 -2.38 -11.51 13.62
C GLY A 25 -1.73 -11.05 12.33
N ARG A 26 -2.19 -11.58 11.21
CA ARG A 26 -1.65 -11.23 9.91
C ARG A 26 -1.95 -9.77 9.56
N ILE A 27 -3.06 -9.27 10.07
CA ILE A 27 -3.47 -7.89 9.81
C ILE A 27 -2.64 -6.89 10.62
N GLU A 28 -2.08 -7.34 11.73
CA GLU A 28 -1.27 -6.47 12.59
C GLU A 28 -0.14 -5.83 11.80
N GLU A 29 0.70 -6.67 11.17
CA GLU A 29 1.83 -6.18 10.39
C GLU A 29 1.36 -5.66 9.03
N LEU A 30 0.24 -6.19 8.56
CA LEU A 30 -0.31 -5.79 7.26
C LEU A 30 -0.60 -4.29 7.22
N LYS A 31 -1.15 -3.77 8.31
CA LYS A 31 -1.47 -2.35 8.39
C LYS A 31 -0.23 -1.48 8.52
N LYS A 32 0.77 -2.01 9.23
CA LYS A 32 2.03 -1.28 9.43
C LYS A 32 2.63 -0.89 8.09
N LYS A 33 2.49 -1.76 7.10
CA LYS A 33 3.02 -1.51 5.76
C LYS A 33 2.10 -0.61 4.97
N CYS A 34 0.80 -0.69 5.27
CA CYS A 34 -0.20 0.12 4.59
C CYS A 34 -0.17 1.56 5.07
N GLU A 35 -0.21 1.74 6.38
CA GLU A 35 -0.19 3.08 6.97
C GLU A 35 1.04 3.86 6.52
N GLU A 36 2.21 3.22 6.62
CA GLU A 36 3.46 3.86 6.23
C GLU A 36 3.47 4.15 4.73
N LEU A 37 2.75 3.35 3.96
CA LEU A 37 2.70 3.52 2.51
C LEU A 37 1.87 4.74 2.13
N LYS A 38 0.88 5.06 2.96
CA LYS A 38 0.00 6.20 2.71
C LYS A 38 0.70 7.52 3.04
N LYS A 39 1.64 7.48 3.99
CA LYS A 39 2.35 8.68 4.41
C LYS A 39 3.45 9.06 3.42
N LYS A 40 4.04 8.07 2.76
CA LYS A 40 5.11 8.30 1.82
C LYS A 40 4.59 8.89 0.50
N ILE A 41 3.65 8.21 -0.13
CA ILE A 41 3.08 8.65 -1.40
C ILE A 41 2.35 9.98 -1.25
N GLU A 42 1.70 10.18 -0.10
CA GLU A 42 0.96 11.41 0.14
C GLU A 42 1.89 12.59 0.40
N GLU A 43 3.08 12.29 0.92
CA GLU A 43 4.06 13.33 1.22
C GLU A 43 5.04 13.53 0.06
N LEU A 44 5.59 12.42 -0.45
CA LEU A 44 6.54 12.48 -1.55
C LEU A 44 5.90 13.11 -2.78
N GLY A 45 6.62 14.05 -3.38
CA GLY A 45 6.12 14.72 -4.57
C GLY A 45 6.94 14.40 -5.80
N GLY A 46 8.21 14.08 -5.60
CA GLY A 46 9.08 13.75 -6.71
C GLY A 46 10.43 13.20 -6.25
N GLY A 47 10.40 12.38 -5.21
CA GLY A 47 11.64 11.81 -4.69
C GLY A 47 11.43 10.45 -4.06
N GLY A 48 12.51 9.86 -3.55
CA GLY A 48 12.42 8.56 -2.92
C GLY A 48 12.12 7.44 -3.92
N GLU A 49 12.21 7.76 -5.21
CA GLU A 49 11.95 6.77 -6.25
C GLU A 49 10.51 6.28 -6.19
N VAL A 50 9.83 6.32 -7.33
CA VAL A 50 8.44 5.88 -7.42
C VAL A 50 8.35 4.38 -7.67
N LYS A 51 9.33 3.85 -8.40
CA LYS A 51 9.36 2.43 -8.72
C LYS A 51 9.64 1.59 -7.48
N LYS A 52 10.29 2.19 -6.49
CA LYS A 52 10.63 1.49 -5.25
C LYS A 52 9.38 1.17 -4.44
N VAL A 53 8.34 1.97 -4.61
CA VAL A 53 7.08 1.77 -3.88
C VAL A 53 6.21 0.72 -4.54
N GLU A 54 5.95 0.89 -5.83
CA GLU A 54 5.12 -0.05 -6.58
C GLU A 54 5.65 -1.48 -6.46
N GLU A 55 6.95 -1.61 -6.22
CA GLU A 55 7.58 -2.91 -6.10
C GLU A 55 7.36 -3.51 -4.72
N GLU A 56 7.62 -2.72 -3.68
CA GLU A 56 7.46 -3.18 -2.31
C GLU A 56 6.00 -3.45 -1.97
N VAL A 57 5.10 -2.72 -2.61
CA VAL A 57 3.66 -2.88 -2.37
C VAL A 57 3.13 -4.14 -3.06
N LYS A 58 3.80 -4.56 -4.13
CA LYS A 58 3.40 -5.74 -4.87
C LYS A 58 3.12 -6.92 -3.94
N LYS A 59 3.85 -6.98 -2.84
CA LYS A 59 3.68 -8.06 -1.87
C LYS A 59 2.47 -7.80 -0.99
N LEU A 60 2.27 -6.55 -0.59
CA LEU A 60 1.15 -6.17 0.25
C LEU A 60 -0.17 -6.27 -0.50
N GLU A 61 -0.17 -5.77 -1.74
CA GLU A 61 -1.37 -5.80 -2.56
C GLU A 61 -1.81 -7.23 -2.88
N GLU A 62 -0.84 -8.16 -2.86
CA GLU A 62 -1.13 -9.55 -3.16
C GLU A 62 -2.06 -10.16 -2.11
N GLU A 63 -1.90 -9.75 -0.86
CA GLU A 63 -2.74 -10.25 0.23
C GLU A 63 -4.11 -9.59 0.21
N ILE A 64 -4.14 -8.34 -0.21
CA ILE A 64 -5.38 -7.59 -0.28
C ILE A 64 -6.34 -8.16 -1.33
N LYS A 65 -5.78 -8.86 -2.31
CA LYS A 65 -6.58 -9.48 -3.36
C LYS A 65 -7.58 -10.47 -2.77
N LYS A 66 -7.17 -11.17 -1.72
CA LYS A 66 -8.05 -12.14 -1.08
C LYS A 66 -8.88 -11.49 0.02
N LEU A 67 -8.24 -11.11 1.12
CA LEU A 67 -8.92 -10.47 2.23
C LEU A 67 -9.16 -8.98 1.94
C1 HTU B . -6.72 1.10 7.44
O1 HTU B . -7.23 -0.51 9.12
S1 HTU B . -3.36 1.93 5.38
C2 HTU B . -5.82 1.67 6.57
C3 HTU B . -4.50 1.21 6.46
C4 HTU B . -4.14 0.14 7.29
C5 HTU B . -5.05 -0.43 8.17
C6 HTU B . -6.33 0.05 8.24
H1 HTU B . -7.73 1.48 7.49
H2 HTU B . -6.13 2.49 5.94
H4 HTU B . -3.14 -0.24 7.24
H5 HTU B . -4.75 -1.24 8.79
HO1 HTU B . -8.05 -0.68 8.66
N GLY A 1 6.32 4.83 -17.99
CA GLY A 1 4.97 4.20 -17.85
C GLY A 1 4.20 4.73 -16.67
N SER A 2 3.36 3.88 -16.08
CA SER A 2 2.55 4.28 -14.94
C SER A 2 3.43 4.71 -13.76
N ARG A 3 4.03 3.73 -13.08
CA ARG A 3 4.90 4.01 -11.95
C ARG A 3 4.09 4.56 -10.78
N VAL A 4 3.56 5.77 -10.95
CA VAL A 4 2.77 6.41 -9.90
C VAL A 4 1.32 5.91 -9.95
N LYS A 5 0.83 5.62 -11.15
CA LYS A 5 -0.53 5.12 -11.32
C LYS A 5 -0.76 3.90 -10.43
N ALA A 6 0.31 3.16 -10.18
CA ALA A 6 0.26 1.98 -9.34
C ALA A 6 0.27 2.37 -7.87
N LEU A 7 0.85 3.54 -7.58
CA LEU A 7 0.95 4.04 -6.22
C LEU A 7 -0.34 4.71 -5.77
N GLU A 8 -0.92 5.52 -6.65
CA GLU A 8 -2.16 6.24 -6.34
C GLU A 8 -3.36 5.30 -6.28
N GLU A 9 -3.33 4.23 -7.05
CA GLU A 9 -4.43 3.28 -7.09
C GLU A 9 -4.41 2.34 -5.88
N LYS A 10 -3.33 1.59 -5.74
CA LYS A 10 -3.18 0.64 -4.64
C LYS A 10 -3.53 1.28 -3.30
N VAL A 11 -3.06 2.50 -3.08
CA VAL A 11 -3.32 3.22 -1.82
C VAL A 11 -4.81 3.16 -1.45
N LYS A 12 -5.67 3.04 -2.46
CA LYS A 12 -7.10 2.98 -2.20
C LYS A 12 -7.51 1.59 -1.71
N ALA A 13 -6.91 0.56 -2.30
CA ALA A 13 -7.20 -0.81 -1.91
C ALA A 13 -6.40 -1.19 -0.67
N LEU A 14 -5.29 -0.50 -0.47
CA LEU A 14 -4.42 -0.75 0.67
C LEU A 14 -5.16 -0.48 1.99
N GLU A 15 -5.68 0.73 2.13
CA GLU A 15 -6.38 1.12 3.34
C GLU A 15 -7.82 0.62 3.38
N GLU A 16 -8.62 0.99 2.38
CA GLU A 16 -10.02 0.59 2.30
C GLU A 16 -10.22 -0.90 2.57
N LYS A 17 -9.62 -1.74 1.72
CA LYS A 17 -9.76 -3.19 1.85
C LYS A 17 -9.52 -3.66 3.29
N VAL A 18 -8.65 -2.95 4.01
CA VAL A 18 -8.34 -3.32 5.39
C VAL A 18 -9.39 -2.83 6.36
N LYS A 19 -10.09 -1.77 6.00
CA LYS A 19 -11.13 -1.20 6.86
C LYS A 19 -12.37 -2.09 6.90
N ALA A 20 -12.59 -2.84 5.82
CA ALA A 20 -13.74 -3.72 5.72
C ALA A 20 -13.39 -5.17 6.11
N LEU A 21 -12.09 -5.46 6.17
CA LEU A 21 -11.64 -6.80 6.52
C LEU A 21 -11.74 -7.03 8.02
N GLY A 22 -11.25 -6.06 8.80
CA GLY A 22 -11.28 -6.18 10.25
C GLY A 22 -10.73 -7.50 10.75
N GLY A 23 -9.48 -7.48 11.22
CA GLY A 23 -8.86 -8.70 11.73
C GLY A 23 -8.31 -8.53 13.12
N GLY A 24 -7.39 -9.41 13.51
CA GLY A 24 -6.79 -9.33 14.82
C GLY A 24 -5.56 -10.20 14.95
N GLY A 25 -4.83 -10.34 13.84
CA GLY A 25 -3.62 -11.14 13.84
C GLY A 25 -2.76 -10.89 12.62
N ARG A 26 -3.12 -11.50 11.51
CA ARG A 26 -2.38 -11.34 10.26
C ARG A 26 -2.46 -9.89 9.78
N ILE A 27 -3.54 -9.21 10.14
CA ILE A 27 -3.74 -7.82 9.74
C ILE A 27 -2.89 -6.86 10.59
N GLU A 28 -2.53 -7.30 11.79
CA GLU A 28 -1.73 -6.48 12.69
C GLU A 28 -0.47 -5.98 11.99
N GLU A 29 0.32 -6.91 11.47
CA GLU A 29 1.56 -6.57 10.77
C GLU A 29 1.25 -6.07 9.36
N LEU A 30 0.12 -6.51 8.81
CA LEU A 30 -0.28 -6.11 7.46
C LEU A 30 -0.52 -4.62 7.37
N LYS A 31 -1.22 -4.06 8.36
CA LYS A 31 -1.51 -2.63 8.39
C LYS A 31 -0.25 -1.82 8.68
N LYS A 32 0.66 -2.40 9.45
CA LYS A 32 1.91 -1.73 9.80
C LYS A 32 2.62 -1.25 8.53
N LYS A 33 2.57 -2.07 7.49
CA LYS A 33 3.20 -1.75 6.21
C LYS A 33 2.31 -0.80 5.41
N CYS A 34 1.03 -0.81 5.70
CA CYS A 34 0.05 0.04 5.01
C CYS A 34 0.23 1.51 5.36
N GLU A 35 0.10 1.83 6.65
CA GLU A 35 0.23 3.20 7.12
C GLU A 35 1.53 3.86 6.64
N GLU A 36 2.57 3.06 6.48
CA GLU A 36 3.86 3.58 6.03
C GLU A 36 3.87 3.81 4.53
N LEU A 37 3.07 3.03 3.81
CA LEU A 37 2.98 3.13 2.36
C LEU A 37 2.20 4.37 1.94
N LYS A 38 1.12 4.64 2.65
CA LYS A 38 0.27 5.79 2.36
C LYS A 38 0.93 7.09 2.80
N LYS A 39 1.77 7.02 3.82
CA LYS A 39 2.46 8.19 4.35
C LYS A 39 3.59 8.64 3.43
N LYS A 40 4.22 7.69 2.75
CA LYS A 40 5.33 8.01 1.86
C LYS A 40 4.86 8.67 0.57
N ILE A 41 3.82 8.11 -0.04
CA ILE A 41 3.28 8.65 -1.28
C ILE A 41 2.68 10.05 -1.07
N GLU A 42 2.15 10.29 0.12
CA GLU A 42 1.54 11.57 0.43
C GLU A 42 2.60 12.63 0.73
N GLU A 43 3.77 12.18 1.19
CA GLU A 43 4.86 13.09 1.51
C GLU A 43 5.82 13.25 0.33
N LEU A 44 6.23 12.12 -0.24
CA LEU A 44 7.15 12.13 -1.38
C LEU A 44 6.56 12.91 -2.55
N GLY A 45 7.32 13.90 -3.04
CA GLY A 45 6.87 14.70 -4.16
C GLY A 45 7.89 14.75 -5.28
N GLY A 46 8.72 13.72 -5.36
CA GLY A 46 9.74 13.69 -6.41
C GLY A 46 10.92 12.82 -6.02
N GLY A 47 11.17 12.71 -4.73
CA GLY A 47 12.28 11.90 -4.25
C GLY A 47 11.83 10.61 -3.61
N GLY A 48 12.66 9.57 -3.70
CA GLY A 48 12.32 8.29 -3.11
C GLY A 48 12.03 7.23 -4.14
N GLU A 49 12.15 7.59 -5.42
CA GLU A 49 11.89 6.64 -6.51
C GLU A 49 10.43 6.20 -6.51
N VAL A 50 9.80 6.29 -7.67
CA VAL A 50 8.39 5.90 -7.81
C VAL A 50 8.28 4.40 -8.12
N LYS A 51 9.29 3.86 -8.79
CA LYS A 51 9.29 2.45 -9.15
C LYS A 51 9.57 1.57 -7.92
N LYS A 52 10.19 2.15 -6.90
CA LYS A 52 10.51 1.41 -5.69
C LYS A 52 9.28 1.28 -4.79
N VAL A 53 8.34 2.20 -4.92
CA VAL A 53 7.12 2.19 -4.11
C VAL A 53 6.08 1.23 -4.69
N GLU A 54 6.03 1.14 -6.01
CA GLU A 54 5.07 0.26 -6.67
C GLU A 54 5.49 -1.21 -6.54
N GLU A 55 6.80 -1.44 -6.48
CA GLU A 55 7.34 -2.78 -6.36
C GLU A 55 7.13 -3.32 -4.95
N GLU A 56 7.29 -2.45 -3.96
CA GLU A 56 7.11 -2.83 -2.56
C GLU A 56 5.64 -3.06 -2.23
N VAL A 57 4.80 -2.13 -2.68
CA VAL A 57 3.37 -2.23 -2.42
C VAL A 57 2.78 -3.47 -3.07
N LYS A 58 3.42 -3.95 -4.14
CA LYS A 58 2.95 -5.13 -4.84
C LYS A 58 2.79 -6.32 -3.89
N LYS A 59 3.58 -6.33 -2.83
CA LYS A 59 3.52 -7.39 -1.84
C LYS A 59 2.34 -7.18 -0.89
N LEU A 60 2.03 -5.91 -0.63
CA LEU A 60 0.93 -5.57 0.26
C LEU A 60 -0.42 -5.82 -0.40
N GLU A 61 -0.57 -5.30 -1.61
CA GLU A 61 -1.82 -5.45 -2.36
C GLU A 61 -2.18 -6.94 -2.52
N GLU A 62 -1.26 -7.71 -3.08
CA GLU A 62 -1.49 -9.14 -3.28
C GLU A 62 -1.94 -9.81 -1.99
N GLU A 63 -1.50 -9.28 -0.86
CA GLU A 63 -1.86 -9.81 0.44
C GLU A 63 -3.30 -9.44 0.79
N ILE A 64 -3.80 -8.37 0.17
CA ILE A 64 -5.16 -7.91 0.42
C ILE A 64 -6.18 -8.89 -0.16
N LYS A 65 -5.81 -9.55 -1.25
CA LYS A 65 -6.69 -10.51 -1.90
C LYS A 65 -6.99 -11.69 -0.99
N LYS A 66 -6.10 -11.93 -0.03
CA LYS A 66 -6.27 -13.04 0.91
C LYS A 66 -7.15 -12.64 2.09
N LEU A 67 -7.10 -11.36 2.45
CA LEU A 67 -7.90 -10.84 3.56
C LEU A 67 -9.31 -10.49 3.10
C1 HTU B . -6.83 0.80 7.42
O1 HTU B . -7.30 -0.90 9.00
S1 HTU B . -3.56 1.69 5.23
C2 HTU B . -5.95 1.40 6.54
C3 HTU B . -4.66 0.92 6.33
C4 HTU B . -4.29 -0.20 7.08
C5 HTU B . -5.17 -0.82 7.96
C6 HTU B . -6.43 -0.31 8.12
H1 HTU B . -7.82 1.20 7.54
H2 HTU B . -6.27 2.27 5.98
H4 HTU B . -3.30 -0.62 6.95
H5 HTU B . -4.85 -1.68 8.51
HO1 HTU B . -7.41 -0.35 9.78
N GLY A 1 3.41 3.28 -19.36
CA GLY A 1 3.96 4.27 -18.39
C GLY A 1 2.99 4.61 -17.28
N SER A 2 3.39 4.34 -16.04
CA SER A 2 2.54 4.62 -14.89
C SER A 2 3.38 5.01 -13.68
N ARG A 3 3.99 4.01 -13.05
CA ARG A 3 4.83 4.25 -11.87
C ARG A 3 4.00 4.76 -10.71
N VAL A 4 3.46 5.97 -10.84
CA VAL A 4 2.64 6.57 -9.80
C VAL A 4 1.21 6.04 -9.87
N LYS A 5 0.74 5.76 -11.08
CA LYS A 5 -0.60 5.24 -11.29
C LYS A 5 -0.81 3.99 -10.43
N ALA A 6 0.27 3.26 -10.20
CA ALA A 6 0.21 2.06 -9.38
C ALA A 6 0.22 2.42 -7.90
N LEU A 7 0.79 3.58 -7.58
CA LEU A 7 0.86 4.05 -6.20
C LEU A 7 -0.46 4.68 -5.75
N GLU A 8 -1.05 5.47 -6.62
CA GLU A 8 -2.31 6.14 -6.31
C GLU A 8 -3.45 5.15 -6.08
N GLU A 9 -3.62 4.23 -7.03
CA GLU A 9 -4.69 3.23 -6.94
C GLU A 9 -4.44 2.22 -5.83
N LYS A 10 -3.17 1.96 -5.54
CA LYS A 10 -2.80 1.00 -4.51
C LYS A 10 -3.18 1.49 -3.11
N VAL A 11 -3.18 2.81 -2.93
CA VAL A 11 -3.52 3.39 -1.64
C VAL A 11 -4.99 3.18 -1.31
N LYS A 12 -5.83 3.03 -2.33
CA LYS A 12 -7.25 2.81 -2.13
C LYS A 12 -7.53 1.37 -1.71
N ALA A 13 -6.92 0.43 -2.44
CA ALA A 13 -7.11 -0.98 -2.16
C ALA A 13 -6.39 -1.40 -0.89
N LEU A 14 -5.35 -0.65 -0.53
CA LEU A 14 -4.55 -0.95 0.65
C LEU A 14 -5.30 -0.67 1.96
N GLU A 15 -5.77 0.56 2.12
CA GLU A 15 -6.47 0.95 3.35
C GLU A 15 -7.94 0.53 3.36
N GLU A 16 -8.70 0.95 2.35
CA GLU A 16 -10.12 0.65 2.25
C GLU A 16 -10.43 -0.84 2.38
N LYS A 17 -9.60 -1.69 1.77
CA LYS A 17 -9.83 -3.12 1.83
C LYS A 17 -9.51 -3.68 3.20
N VAL A 18 -8.45 -3.19 3.81
CA VAL A 18 -8.04 -3.65 5.14
C VAL A 18 -8.97 -3.09 6.22
N LYS A 19 -9.36 -1.84 6.05
CA LYS A 19 -10.25 -1.17 7.00
C LYS A 19 -11.63 -1.83 7.00
N ALA A 20 -11.98 -2.45 5.88
CA ALA A 20 -13.28 -3.11 5.75
C ALA A 20 -13.19 -4.60 6.04
N LEU A 21 -11.97 -5.13 6.09
CA LEU A 21 -11.76 -6.54 6.35
C LEU A 21 -11.86 -6.83 7.84
N GLY A 22 -11.23 -5.99 8.66
CA GLY A 22 -11.26 -6.17 10.10
C GLY A 22 -10.69 -7.51 10.53
N GLY A 23 -9.54 -7.47 11.19
CA GLY A 23 -8.91 -8.69 11.65
C GLY A 23 -8.41 -8.59 13.08
N GLY A 24 -7.56 -9.54 13.47
CA GLY A 24 -7.02 -9.53 14.83
C GLY A 24 -5.73 -10.30 14.94
N GLY A 25 -4.99 -10.38 13.82
CA GLY A 25 -3.72 -11.09 13.81
C GLY A 25 -2.92 -10.80 12.58
N ARG A 26 -3.29 -11.42 11.46
CA ARG A 26 -2.61 -11.23 10.19
C ARG A 26 -2.66 -9.76 9.77
N ILE A 27 -3.76 -9.11 10.10
CA ILE A 27 -3.94 -7.71 9.76
C ILE A 27 -3.11 -6.81 10.66
N GLU A 28 -2.86 -7.26 11.89
CA GLU A 28 -2.08 -6.48 12.86
C GLU A 28 -0.79 -5.98 12.22
N GLU A 29 0.01 -6.90 11.69
CA GLU A 29 1.27 -6.54 11.05
C GLU A 29 1.02 -5.96 9.65
N LEU A 30 -0.09 -6.34 9.05
CA LEU A 30 -0.45 -5.86 7.72
C LEU A 30 -0.66 -4.35 7.71
N LYS A 31 -1.14 -3.82 8.83
CA LYS A 31 -1.38 -2.38 8.94
C LYS A 31 -0.07 -1.60 8.90
N LYS A 32 0.89 -2.00 9.73
CA LYS A 32 2.19 -1.34 9.78
C LYS A 32 2.76 -1.13 8.38
N LYS A 33 2.49 -2.09 7.49
CA LYS A 33 2.97 -2.01 6.12
C LYS A 33 2.10 -1.08 5.27
N CYS A 34 0.85 -0.92 5.68
CA CYS A 34 -0.09 -0.06 4.98
C CYS A 34 0.15 1.41 5.29
N GLU A 35 0.04 1.75 6.58
CA GLU A 35 0.24 3.13 7.03
C GLU A 35 1.56 3.71 6.51
N GLU A 36 2.54 2.83 6.31
CA GLU A 36 3.85 3.26 5.82
C GLU A 36 3.81 3.48 4.30
N LEU A 37 2.94 2.74 3.64
CA LEU A 37 2.79 2.83 2.19
C LEU A 37 2.07 4.11 1.79
N LYS A 38 1.06 4.48 2.56
CA LYS A 38 0.28 5.70 2.29
C LYS A 38 1.06 6.96 2.68
N LYS A 39 1.93 6.82 3.67
CA LYS A 39 2.73 7.95 4.14
C LYS A 39 3.86 8.29 3.16
N LYS A 40 4.36 7.30 2.46
CA LYS A 40 5.44 7.50 1.50
C LYS A 40 4.95 8.20 0.23
N ILE A 41 3.96 7.63 -0.42
CA ILE A 41 3.41 8.19 -1.65
C ILE A 41 2.79 9.57 -1.41
N GLU A 42 2.34 9.81 -0.19
CA GLU A 42 1.73 11.08 0.16
C GLU A 42 2.78 12.15 0.44
N GLU A 43 3.97 11.71 0.85
CA GLU A 43 5.06 12.63 1.15
C GLU A 43 5.97 12.82 -0.05
N LEU A 44 6.39 11.72 -0.67
CA LEU A 44 7.28 11.76 -1.82
C LEU A 44 6.66 12.59 -2.96
N GLY A 45 7.51 13.24 -3.72
CA GLY A 45 7.04 14.05 -4.83
C GLY A 45 7.96 13.97 -6.04
N GLY A 46 8.68 12.86 -6.15
CA GLY A 46 9.60 12.68 -7.27
C GLY A 46 11.05 12.74 -6.83
N GLY A 47 11.32 12.34 -5.59
CA GLY A 47 12.67 12.36 -5.07
C GLY A 47 13.11 11.01 -4.54
N GLY A 48 12.18 10.29 -3.92
CA GLY A 48 12.50 8.98 -3.37
C GLY A 48 12.18 7.85 -4.32
N GLU A 49 12.21 8.14 -5.61
CA GLU A 49 11.91 7.13 -6.63
C GLU A 49 10.47 6.64 -6.51
N VAL A 50 9.76 6.66 -7.63
CA VAL A 50 8.37 6.21 -7.65
C VAL A 50 8.28 4.70 -7.89
N LYS A 51 9.26 4.17 -8.61
CA LYS A 51 9.28 2.73 -8.92
C LYS A 51 9.58 1.90 -7.67
N LYS A 52 10.16 2.52 -6.66
CA LYS A 52 10.50 1.83 -5.42
C LYS A 52 9.25 1.53 -4.59
N VAL A 53 8.23 2.36 -4.76
CA VAL A 53 6.98 2.19 -4.01
C VAL A 53 6.08 1.14 -4.66
N GLU A 54 5.84 1.28 -5.96
CA GLU A 54 4.99 0.36 -6.69
C GLU A 54 5.46 -1.09 -6.51
N GLU A 55 6.77 -1.26 -6.39
CA GLU A 55 7.36 -2.58 -6.22
C GLU A 55 7.18 -3.06 -4.78
N GLU A 56 7.20 -2.12 -3.84
CA GLU A 56 7.05 -2.44 -2.43
C GLU A 56 5.60 -2.76 -2.10
N VAL A 57 4.68 -1.98 -2.67
CA VAL A 57 3.25 -2.17 -2.42
C VAL A 57 2.76 -3.47 -3.06
N LYS A 58 3.42 -3.90 -4.12
CA LYS A 58 3.04 -5.13 -4.82
C LYS A 58 2.93 -6.30 -3.85
N LYS A 59 3.73 -6.26 -2.78
CA LYS A 59 3.71 -7.33 -1.79
C LYS A 59 2.51 -7.17 -0.85
N LEU A 60 2.10 -5.93 -0.64
CA LEU A 60 0.97 -5.65 0.24
C LEU A 60 -0.36 -5.95 -0.46
N GLU A 61 -0.52 -5.43 -1.67
CA GLU A 61 -1.74 -5.63 -2.43
C GLU A 61 -2.09 -7.11 -2.56
N GLU A 62 -1.12 -7.91 -2.99
CA GLU A 62 -1.30 -9.35 -3.15
C GLU A 62 -1.80 -9.97 -1.85
N GLU A 63 -1.40 -9.39 -0.73
CA GLU A 63 -1.80 -9.88 0.58
C GLU A 63 -3.25 -9.53 0.87
N ILE A 64 -3.76 -8.51 0.20
CA ILE A 64 -5.13 -8.07 0.39
C ILE A 64 -6.11 -9.01 -0.32
N LYS A 65 -5.66 -9.60 -1.42
CA LYS A 65 -6.50 -10.52 -2.19
C LYS A 65 -6.96 -11.69 -1.33
N LYS A 66 -6.15 -12.03 -0.33
CA LYS A 66 -6.47 -13.14 0.56
C LYS A 66 -7.45 -12.70 1.66
N LEU A 67 -7.45 -11.41 1.97
CA LEU A 67 -8.33 -10.88 3.00
C LEU A 67 -9.72 -10.61 2.43
C1 HTU B . -7.00 0.22 7.38
O1 HTU B . -7.35 -1.65 8.80
S1 HTU B . -3.77 1.62 5.41
C2 HTU B . -6.17 0.98 6.58
C3 HTU B . -4.83 0.65 6.40
C4 HTU B . -4.37 -0.48 7.06
C5 HTU B . -5.20 -1.24 7.86
C6 HTU B . -6.51 -0.88 8.01
H1 HTU B . -8.05 0.50 7.49
H2 HTU B . -6.57 1.85 6.08
H4 HTU B . -3.34 -0.76 6.95
H5 HTU B . -4.82 -2.11 8.36
HO1 HTU B . -8.02 -2.05 8.26
N GLY A 1 6.05 3.13 -17.40
CA GLY A 1 4.62 2.76 -17.59
C GLY A 1 3.78 3.03 -16.36
N SER A 2 3.52 4.31 -16.10
CA SER A 2 2.72 4.70 -14.95
C SER A 2 3.34 4.18 -13.65
N ARG A 3 4.23 4.97 -13.08
CA ARG A 3 4.90 4.60 -11.84
C ARG A 3 4.03 4.96 -10.63
N VAL A 4 3.46 6.16 -10.66
CA VAL A 4 2.61 6.63 -9.56
C VAL A 4 1.20 6.08 -9.70
N LYS A 5 0.74 5.92 -10.94
CA LYS A 5 -0.59 5.39 -11.19
C LYS A 5 -0.79 4.07 -10.45
N ALA A 6 0.30 3.34 -10.27
CA ALA A 6 0.27 2.07 -9.56
C ALA A 6 0.25 2.30 -8.06
N LEU A 7 0.80 3.44 -7.63
CA LEU A 7 0.87 3.79 -6.23
C LEU A 7 -0.45 4.37 -5.73
N GLU A 8 -1.08 5.19 -6.55
CA GLU A 8 -2.35 5.83 -6.19
C GLU A 8 -3.52 4.85 -6.29
N GLU A 9 -3.38 3.84 -7.14
CA GLU A 9 -4.43 2.85 -7.34
C GLU A 9 -4.44 1.82 -6.21
N LYS A 10 -3.26 1.44 -5.75
CA LYS A 10 -3.14 0.45 -4.68
C LYS A 10 -3.43 1.06 -3.31
N VAL A 11 -3.27 2.37 -3.20
CA VAL A 11 -3.50 3.07 -1.94
C VAL A 11 -4.97 3.02 -1.54
N LYS A 12 -5.86 2.88 -2.52
CA LYS A 12 -7.29 2.82 -2.23
C LYS A 12 -7.69 1.45 -1.71
N ALA A 13 -7.08 0.40 -2.26
CA ALA A 13 -7.37 -0.95 -1.83
C ALA A 13 -6.60 -1.31 -0.57
N LEU A 14 -5.48 -0.62 -0.36
CA LEU A 14 -4.63 -0.86 0.79
C LEU A 14 -5.31 -0.44 2.09
N GLU A 15 -5.74 0.81 2.15
CA GLU A 15 -6.38 1.34 3.35
C GLU A 15 -7.85 0.95 3.45
N GLU A 16 -8.62 1.24 2.40
CA GLU A 16 -10.05 0.94 2.39
C GLU A 16 -10.33 -0.53 2.67
N LYS A 17 -9.82 -1.41 1.83
CA LYS A 17 -10.05 -2.85 1.98
C LYS A 17 -9.79 -3.31 3.42
N VAL A 18 -8.84 -2.68 4.09
CA VAL A 18 -8.51 -3.04 5.47
C VAL A 18 -9.49 -2.40 6.46
N LYS A 19 -10.08 -1.28 6.06
CA LYS A 19 -11.03 -0.58 6.92
C LYS A 19 -12.30 -1.40 7.12
N ALA A 20 -12.65 -2.21 6.12
CA ALA A 20 -13.84 -3.03 6.19
C ALA A 20 -13.52 -4.46 6.65
N LEU A 21 -12.23 -4.81 6.62
CA LEU A 21 -11.80 -6.14 7.03
C LEU A 21 -11.58 -6.18 8.54
N GLY A 22 -10.87 -5.19 9.07
CA GLY A 22 -10.60 -5.14 10.50
C GLY A 22 -9.16 -5.48 10.84
N GLY A 23 -8.96 -6.57 11.56
CA GLY A 23 -7.62 -6.98 11.93
C GLY A 23 -7.61 -8.22 12.81
N GLY A 24 -6.41 -8.73 13.11
CA GLY A 24 -6.30 -9.91 13.94
C GLY A 24 -4.87 -10.40 14.04
N GLY A 25 -4.38 -11.03 12.97
CA GLY A 25 -3.02 -11.54 12.96
C GLY A 25 -2.30 -11.25 11.66
N ARG A 26 -2.85 -11.76 10.56
CA ARG A 26 -2.25 -11.55 9.24
C ARG A 26 -2.27 -10.08 8.86
N ILE A 27 -3.39 -9.41 9.16
CA ILE A 27 -3.54 -7.99 8.85
C ILE A 27 -2.95 -7.12 9.95
N GLU A 28 -2.96 -7.64 11.18
CA GLU A 28 -2.41 -6.90 12.33
C GLU A 28 -1.05 -6.33 11.98
N GLU A 29 -0.16 -7.18 11.50
CA GLU A 29 1.18 -6.76 11.12
C GLU A 29 1.13 -6.07 9.76
N LEU A 30 0.13 -6.41 8.96
CA LEU A 30 -0.05 -5.83 7.64
C LEU A 30 -0.34 -4.32 7.74
N LYS A 31 -0.95 -3.92 8.85
CA LYS A 31 -1.28 -2.51 9.06
C LYS A 31 -0.04 -1.63 9.03
N LYS A 32 0.94 -1.95 9.88
CA LYS A 32 2.18 -1.18 9.95
C LYS A 32 2.77 -0.95 8.56
N LYS A 33 2.53 -1.89 7.66
CA LYS A 33 3.04 -1.79 6.29
C LYS A 33 2.16 -0.87 5.44
N CYS A 34 0.91 -0.72 5.84
CA CYS A 34 -0.04 0.13 5.12
C CYS A 34 0.19 1.61 5.42
N GLU A 35 0.07 1.96 6.70
CA GLU A 35 0.25 3.35 7.14
C GLU A 35 1.57 3.92 6.64
N GLU A 36 2.57 3.06 6.47
CA GLU A 36 3.88 3.49 6.00
C GLU A 36 3.88 3.69 4.49
N LEU A 37 3.02 2.95 3.80
CA LEU A 37 2.92 3.03 2.35
C LEU A 37 2.19 4.29 1.92
N LYS A 38 1.10 4.61 2.62
CA LYS A 38 0.29 5.79 2.31
C LYS A 38 1.02 7.08 2.71
N LYS A 39 1.87 6.99 3.72
CA LYS A 39 2.61 8.15 4.19
C LYS A 39 3.76 8.50 3.25
N LYS A 40 4.34 7.50 2.61
CA LYS A 40 5.45 7.71 1.70
C LYS A 40 5.01 8.43 0.43
N ILE A 41 3.95 7.94 -0.19
CA ILE A 41 3.44 8.54 -1.43
C ILE A 41 3.03 9.99 -1.21
N GLU A 42 2.27 10.25 -0.15
CA GLU A 42 1.81 11.59 0.18
C GLU A 42 3.00 12.54 0.36
N GLU A 43 4.11 12.01 0.84
CA GLU A 43 5.31 12.82 1.06
C GLU A 43 6.25 12.76 -0.14
N LEU A 44 6.08 11.74 -0.98
CA LEU A 44 6.92 11.58 -2.16
C LEU A 44 6.90 12.84 -3.02
N GLY A 45 7.92 13.68 -2.86
CA GLY A 45 8.00 14.91 -3.63
C GLY A 45 9.05 14.83 -4.72
N GLY A 46 10.32 14.83 -4.32
CA GLY A 46 11.41 14.76 -5.27
C GLY A 46 12.07 13.39 -5.30
N GLY A 47 12.65 12.99 -4.18
CA GLY A 47 13.30 11.70 -4.10
C GLY A 47 12.37 10.60 -3.63
N GLY A 48 12.94 9.47 -3.23
CA GLY A 48 12.14 8.36 -2.77
C GLY A 48 11.86 7.35 -3.87
N GLU A 49 11.95 7.79 -5.11
CA GLU A 49 11.69 6.92 -6.26
C GLU A 49 10.24 6.44 -6.27
N VAL A 50 9.58 6.61 -7.40
CA VAL A 50 8.18 6.19 -7.55
C VAL A 50 8.08 4.73 -7.94
N LYS A 51 9.09 4.24 -8.66
CA LYS A 51 9.12 2.85 -9.09
C LYS A 51 9.47 1.90 -7.94
N LYS A 52 10.07 2.46 -6.89
CA LYS A 52 10.46 1.68 -5.72
C LYS A 52 9.25 1.37 -4.83
N VAL A 53 8.22 2.21 -4.92
CA VAL A 53 7.02 2.03 -4.11
C VAL A 53 6.08 1.01 -4.73
N GLU A 54 5.83 1.13 -6.03
CA GLU A 54 4.95 0.20 -6.73
C GLU A 54 5.38 -1.24 -6.52
N GLU A 55 6.68 -1.46 -6.50
CA GLU A 55 7.24 -2.80 -6.31
C GLU A 55 7.15 -3.22 -4.84
N GLU A 56 7.31 -2.25 -3.94
CA GLU A 56 7.24 -2.52 -2.52
C GLU A 56 5.82 -2.85 -2.08
N VAL A 57 4.85 -2.23 -2.75
CA VAL A 57 3.45 -2.45 -2.44
C VAL A 57 2.95 -3.79 -2.99
N LYS A 58 3.61 -4.27 -4.05
CA LYS A 58 3.23 -5.54 -4.67
C LYS A 58 3.08 -6.63 -3.62
N LYS A 59 3.84 -6.52 -2.54
CA LYS A 59 3.80 -7.50 -1.46
C LYS A 59 2.58 -7.28 -0.56
N LEU A 60 2.16 -6.02 -0.46
CA LEU A 60 1.01 -5.66 0.36
C LEU A 60 -0.30 -5.96 -0.35
N GLU A 61 -0.42 -5.49 -1.59
CA GLU A 61 -1.63 -5.71 -2.37
C GLU A 61 -1.94 -7.19 -2.51
N GLU A 62 -0.91 -7.99 -2.80
CA GLU A 62 -1.08 -9.44 -2.95
C GLU A 62 -1.62 -10.03 -1.66
N GLU A 63 -1.27 -9.41 -0.53
CA GLU A 63 -1.72 -9.87 0.77
C GLU A 63 -3.19 -9.54 0.97
N ILE A 64 -3.67 -8.52 0.24
CA ILE A 64 -5.06 -8.09 0.34
C ILE A 64 -6.00 -9.06 -0.38
N LYS A 65 -5.48 -9.70 -1.41
CA LYS A 65 -6.27 -10.65 -2.19
C LYS A 65 -6.78 -11.80 -1.30
N LYS A 66 -6.03 -12.09 -0.25
CA LYS A 66 -6.40 -13.16 0.67
C LYS A 66 -7.43 -12.67 1.68
N LEU A 67 -7.47 -11.35 1.91
CA LEU A 67 -8.41 -10.77 2.86
C LEU A 67 -9.73 -10.42 2.17
C1 HTU B . -6.95 0.98 7.42
O1 HTU B . -7.47 -0.73 8.99
S1 HTU B . -3.62 1.87 5.32
C2 HTU B . -6.06 1.58 6.57
C3 HTU B . -4.75 1.09 6.39
C4 HTU B . -4.42 -0.04 7.14
C5 HTU B . -5.31 -0.64 8.00
C6 HTU B . -6.58 -0.13 8.13
H1 HTU B . -7.95 1.39 7.53
H2 HTU B . -6.35 2.45 6.00
H4 HTU B . -3.42 -0.45 7.04
H5 HTU B . -5.02 -1.51 8.55
HO1 HTU B . -7.46 -0.28 9.83
N GLY A 1 4.77 3.10 -19.31
CA GLY A 1 4.18 2.17 -18.31
C GLY A 1 3.33 2.90 -17.28
N SER A 2 3.54 2.58 -16.01
CA SER A 2 2.79 3.20 -14.93
C SER A 2 3.47 2.95 -13.59
N ARG A 3 4.24 3.92 -13.12
CA ARG A 3 4.94 3.81 -11.85
C ARG A 3 4.09 4.38 -10.72
N VAL A 4 3.50 5.54 -10.95
CA VAL A 4 2.66 6.19 -9.94
C VAL A 4 1.24 5.63 -9.98
N LYS A 5 0.78 5.29 -11.18
CA LYS A 5 -0.57 4.74 -11.35
C LYS A 5 -0.78 3.57 -10.40
N ALA A 6 0.30 2.86 -10.11
CA ALA A 6 0.25 1.72 -9.19
C ALA A 6 0.24 2.20 -7.74
N LEU A 7 0.79 3.39 -7.52
CA LEU A 7 0.87 3.97 -6.18
C LEU A 7 -0.45 4.64 -5.78
N GLU A 8 -1.04 5.38 -6.71
CA GLU A 8 -2.28 6.09 -6.45
C GLU A 8 -3.47 5.14 -6.33
N GLU A 9 -3.43 4.03 -7.05
CA GLU A 9 -4.52 3.05 -7.01
C GLU A 9 -4.46 2.17 -5.77
N LYS A 10 -3.35 1.46 -5.59
CA LYS A 10 -3.18 0.56 -4.46
C LYS A 10 -3.54 1.24 -3.13
N VAL A 11 -3.01 2.44 -2.91
CA VAL A 11 -3.28 3.18 -1.67
C VAL A 11 -4.76 3.16 -1.31
N LYS A 12 -5.62 3.10 -2.33
CA LYS A 12 -7.06 3.08 -2.09
C LYS A 12 -7.51 1.71 -1.62
N ALA A 13 -7.05 0.68 -2.31
CA ALA A 13 -7.39 -0.69 -1.95
C ALA A 13 -6.64 -1.14 -0.70
N LEU A 14 -5.50 -0.50 -0.46
CA LEU A 14 -4.66 -0.82 0.69
C LEU A 14 -5.37 -0.54 2.02
N GLU A 15 -5.83 0.69 2.19
CA GLU A 15 -6.50 1.09 3.43
C GLU A 15 -7.96 0.64 3.46
N GLU A 16 -8.75 1.10 2.48
CA GLU A 16 -10.18 0.76 2.41
C GLU A 16 -10.44 -0.72 2.63
N LYS A 17 -9.57 -1.58 2.10
CA LYS A 17 -9.76 -3.02 2.26
C LYS A 17 -9.53 -3.45 3.70
N VAL A 18 -8.41 -3.02 4.27
CA VAL A 18 -8.08 -3.37 5.64
C VAL A 18 -9.10 -2.78 6.61
N LYS A 19 -9.59 -1.59 6.29
CA LYS A 19 -10.57 -0.91 7.13
C LYS A 19 -11.89 -1.67 7.14
N ALA A 20 -12.16 -2.39 6.05
CA ALA A 20 -13.39 -3.17 5.94
C ALA A 20 -13.17 -4.62 6.33
N LEU A 21 -11.92 -5.07 6.31
CA LEU A 21 -11.58 -6.44 6.66
C LEU A 21 -11.59 -6.62 8.18
N GLY A 22 -10.97 -5.69 8.88
CA GLY A 22 -10.92 -5.76 10.33
C GLY A 22 -9.49 -5.81 10.85
N GLY A 23 -9.08 -6.98 11.32
CA GLY A 23 -7.73 -7.13 11.84
C GLY A 23 -7.66 -8.07 13.03
N GLY A 24 -6.51 -8.71 13.21
CA GLY A 24 -6.35 -9.63 14.32
C GLY A 24 -5.47 -10.81 13.96
N GLY A 25 -4.16 -10.62 14.04
CA GLY A 25 -3.24 -11.70 13.72
C GLY A 25 -2.31 -11.35 12.57
N ARG A 26 -2.76 -11.63 11.35
CA ARG A 26 -1.96 -11.35 10.16
C ARG A 26 -2.06 -9.88 9.76
N ILE A 27 -3.18 -9.25 10.10
CA ILE A 27 -3.40 -7.85 9.76
C ILE A 27 -2.63 -6.91 10.67
N GLU A 28 -2.29 -7.36 11.87
CA GLU A 28 -1.55 -6.53 12.81
C GLU A 28 -0.27 -5.97 12.18
N GLU A 29 0.55 -6.86 11.64
CA GLU A 29 1.80 -6.45 10.99
C GLU A 29 1.53 -5.92 9.59
N LEU A 30 0.43 -6.36 8.99
CA LEU A 30 0.06 -5.94 7.64
C LEU A 30 -0.27 -4.45 7.59
N LYS A 31 -1.16 -4.00 8.47
CA LYS A 31 -1.55 -2.60 8.50
C LYS A 31 -0.34 -1.68 8.73
N LYS A 32 0.67 -2.21 9.41
CA LYS A 32 1.87 -1.44 9.68
C LYS A 32 2.52 -0.98 8.38
N LYS A 33 2.46 -1.85 7.36
CA LYS A 33 3.04 -1.55 6.06
C LYS A 33 2.11 -0.66 5.24
N CYS A 34 0.82 -0.71 5.57
CA CYS A 34 -0.18 0.09 4.86
C CYS A 34 -0.11 1.56 5.27
N GLU A 35 -0.31 1.83 6.55
CA GLU A 35 -0.27 3.19 7.07
C GLU A 35 1.01 3.91 6.67
N GLU A 36 2.13 3.21 6.76
CA GLU A 36 3.43 3.78 6.40
C GLU A 36 3.53 4.00 4.89
N LEU A 37 2.82 3.17 4.13
CA LEU A 37 2.83 3.26 2.69
C LEU A 37 2.06 4.48 2.20
N LYS A 38 0.92 4.74 2.83
CA LYS A 38 0.08 5.88 2.46
C LYS A 38 0.75 7.21 2.80
N LYS A 39 1.60 7.20 3.82
CA LYS A 39 2.31 8.40 4.25
C LYS A 39 3.47 8.75 3.33
N LYS A 40 4.10 7.73 2.74
CA LYS A 40 5.22 7.92 1.85
C LYS A 40 4.80 8.61 0.55
N ILE A 41 3.85 8.00 -0.15
CA ILE A 41 3.36 8.54 -1.42
C ILE A 41 2.82 9.96 -1.25
N GLU A 42 2.20 10.22 -0.10
CA GLU A 42 1.64 11.54 0.19
C GLU A 42 2.74 12.58 0.41
N GLU A 43 3.90 12.12 0.85
CA GLU A 43 5.03 13.01 1.11
C GLU A 43 5.95 13.09 -0.10
N LEU A 44 6.33 11.93 -0.63
CA LEU A 44 7.22 11.88 -1.79
C LEU A 44 6.58 12.52 -3.01
N GLY A 45 7.24 13.55 -3.54
CA GLY A 45 6.73 14.25 -4.70
C GLY A 45 7.72 14.26 -5.84
N GLY A 46 8.51 13.20 -5.96
CA GLY A 46 9.49 13.11 -7.01
C GLY A 46 10.92 13.07 -6.49
N GLY A 47 11.08 12.58 -5.26
CA GLY A 47 12.40 12.49 -4.66
C GLY A 47 12.61 11.21 -3.89
N GLY A 48 11.75 10.22 -4.11
CA GLY A 48 11.87 8.95 -3.42
C GLY A 48 11.66 7.77 -4.34
N GLU A 49 11.82 7.99 -5.64
CA GLU A 49 11.64 6.94 -6.64
C GLU A 49 10.21 6.43 -6.64
N VAL A 50 9.59 6.40 -7.82
CA VAL A 50 8.22 5.93 -7.96
C VAL A 50 8.17 4.42 -8.15
N LYS A 51 9.23 3.87 -8.75
CA LYS A 51 9.30 2.43 -8.99
C LYS A 51 9.64 1.65 -7.72
N LYS A 52 10.19 2.34 -6.73
CA LYS A 52 10.56 1.70 -5.48
C LYS A 52 9.35 1.45 -4.59
N VAL A 53 8.34 2.31 -4.70
CA VAL A 53 7.13 2.17 -3.89
C VAL A 53 6.16 1.17 -4.50
N GLU A 54 6.03 1.19 -5.82
CA GLU A 54 5.12 0.28 -6.51
C GLU A 54 5.60 -1.16 -6.41
N GLU A 55 6.91 -1.34 -6.27
CA GLU A 55 7.50 -2.67 -6.15
C GLU A 55 7.28 -3.27 -4.77
N GLU A 56 7.47 -2.45 -3.74
CA GLU A 56 7.29 -2.89 -2.37
C GLU A 56 5.82 -3.15 -2.05
N VAL A 57 4.95 -2.29 -2.54
CA VAL A 57 3.52 -2.43 -2.31
C VAL A 57 2.95 -3.67 -2.98
N LYS A 58 3.61 -4.11 -4.06
CA LYS A 58 3.17 -5.30 -4.79
C LYS A 58 2.98 -6.48 -3.87
N LYS A 59 3.78 -6.53 -2.81
CA LYS A 59 3.70 -7.63 -1.84
C LYS A 59 2.54 -7.44 -0.88
N LEU A 60 2.20 -6.18 -0.61
CA LEU A 60 1.10 -5.86 0.30
C LEU A 60 -0.25 -6.04 -0.38
N GLU A 61 -0.36 -5.55 -1.61
CA GLU A 61 -1.60 -5.67 -2.36
C GLU A 61 -1.91 -7.12 -2.71
N GLU A 62 -0.87 -7.94 -2.81
CA GLU A 62 -1.04 -9.35 -3.14
C GLU A 62 -1.86 -10.07 -2.08
N GLU A 63 -1.72 -9.65 -0.83
CA GLU A 63 -2.46 -10.26 0.28
C GLU A 63 -3.90 -9.77 0.32
N ILE A 64 -4.11 -8.54 -0.15
CA ILE A 64 -5.44 -7.95 -0.17
C ILE A 64 -6.36 -8.67 -1.15
N LYS A 65 -5.78 -9.24 -2.19
CA LYS A 65 -6.55 -9.97 -3.20
C LYS A 65 -7.33 -11.12 -2.56
N LYS A 66 -6.76 -11.70 -1.51
CA LYS A 66 -7.40 -12.80 -0.81
C LYS A 66 -8.36 -12.29 0.26
N LEU A 67 -8.07 -11.11 0.80
CA LEU A 67 -8.91 -10.51 1.83
C LEU A 67 -9.12 -9.02 1.57
C1 HTU B . -6.98 0.73 7.44
O1 HTU B . -7.48 -1.01 8.97
S1 HTU B . -3.61 1.77 5.48
C2 HTU B . -6.08 1.39 6.62
C3 HTU B . -4.76 0.95 6.50
C4 HTU B . -4.39 -0.18 7.23
C5 HTU B . -5.30 -0.83 8.05
C6 HTU B . -6.59 -0.37 8.15
H1 HTU B . -8.00 1.10 7.52
H2 HTU B . -6.40 2.24 6.07
H4 HTU B . -3.39 -0.55 7.15
H5 HTU B . -5.00 -1.70 8.61
HO1 HTU B . -7.05 -1.28 9.78
N GLY A 1 5.76 0.15 -16.58
CA GLY A 1 5.12 1.48 -16.78
C GLY A 1 4.28 1.89 -15.60
N SER A 2 3.46 2.93 -15.79
CA SER A 2 2.60 3.44 -14.72
C SER A 2 3.42 4.05 -13.59
N ARG A 3 4.09 3.18 -12.82
CA ARG A 3 4.91 3.64 -11.71
C ARG A 3 4.05 4.26 -10.60
N VAL A 4 3.45 5.40 -10.90
CA VAL A 4 2.61 6.10 -9.94
C VAL A 4 1.18 5.56 -9.96
N LYS A 5 0.69 5.24 -11.16
CA LYS A 5 -0.65 4.70 -11.30
C LYS A 5 -0.85 3.50 -10.38
N ALA A 6 0.24 2.80 -10.10
CA ALA A 6 0.20 1.64 -9.22
C ALA A 6 0.19 2.08 -7.76
N LEU A 7 0.74 3.26 -7.50
CA LEU A 7 0.82 3.81 -6.16
C LEU A 7 -0.51 4.43 -5.74
N GLU A 8 -1.10 5.21 -6.63
CA GLU A 8 -2.37 5.89 -6.36
C GLU A 8 -3.53 4.91 -6.25
N GLU A 9 -3.49 3.85 -7.05
CA GLU A 9 -4.56 2.85 -7.06
C GLU A 9 -4.49 1.89 -5.88
N LYS A 10 -3.29 1.65 -5.37
CA LYS A 10 -3.11 0.72 -4.25
C LYS A 10 -3.42 1.38 -2.90
N VAL A 11 -3.27 2.69 -2.82
CA VAL A 11 -3.53 3.41 -1.57
C VAL A 11 -5.02 3.38 -1.22
N LYS A 12 -5.88 3.37 -2.23
CA LYS A 12 -7.32 3.34 -1.99
C LYS A 12 -7.76 1.92 -1.65
N ALA A 13 -7.12 0.94 -2.29
CA ALA A 13 -7.44 -0.46 -2.04
C ALA A 13 -6.72 -0.97 -0.80
N LEU A 14 -5.60 -0.33 -0.46
CA LEU A 14 -4.81 -0.71 0.69
C LEU A 14 -5.56 -0.48 2.00
N GLU A 15 -6.05 0.73 2.20
CA GLU A 15 -6.77 1.08 3.43
C GLU A 15 -8.23 0.60 3.39
N GLU A 16 -8.95 0.96 2.34
CA GLU A 16 -10.37 0.60 2.21
C GLU A 16 -10.61 -0.88 2.47
N LYS A 17 -9.76 -1.74 1.94
CA LYS A 17 -9.93 -3.19 2.13
C LYS A 17 -9.68 -3.59 3.57
N VAL A 18 -8.60 -3.09 4.15
CA VAL A 18 -8.26 -3.41 5.54
C VAL A 18 -9.37 -2.96 6.48
N LYS A 19 -9.93 -1.79 6.22
CA LYS A 19 -11.00 -1.25 7.04
C LYS A 19 -12.26 -2.09 6.90
N ALA A 20 -12.40 -2.77 5.76
CA ALA A 20 -13.56 -3.60 5.50
C ALA A 20 -13.28 -5.06 5.82
N LEU A 21 -12.00 -5.42 5.92
CA LEU A 21 -11.61 -6.79 6.23
C LEU A 21 -11.80 -7.09 7.71
N GLY A 22 -11.37 -6.15 8.55
CA GLY A 22 -11.49 -6.32 9.99
C GLY A 22 -10.20 -6.05 10.73
N GLY A 23 -9.44 -7.10 11.01
CA GLY A 23 -8.18 -6.94 11.71
C GLY A 23 -7.95 -8.01 12.76
N GLY A 24 -6.68 -8.22 13.11
CA GLY A 24 -6.35 -9.23 14.10
C GLY A 24 -5.50 -10.35 13.53
N GLY A 25 -4.25 -10.42 13.96
CA GLY A 25 -3.36 -11.46 13.47
C GLY A 25 -2.57 -11.02 12.26
N ARG A 26 -2.86 -11.65 11.12
CA ARG A 26 -2.17 -11.32 9.88
C ARG A 26 -2.31 -9.84 9.54
N ILE A 27 -3.45 -9.26 9.92
CA ILE A 27 -3.70 -7.85 9.66
C ILE A 27 -2.93 -6.95 10.61
N GLU A 28 -2.63 -7.47 11.81
CA GLU A 28 -1.89 -6.70 12.80
C GLU A 28 -0.63 -6.08 12.19
N GLU A 29 0.21 -6.93 11.62
CA GLU A 29 1.45 -6.45 10.99
C GLU A 29 1.17 -5.83 9.63
N LEU A 30 0.09 -6.29 8.99
CA LEU A 30 -0.30 -5.79 7.68
C LEU A 30 -0.51 -4.27 7.71
N LYS A 31 -1.02 -3.78 8.83
CA LYS A 31 -1.27 -2.35 8.98
C LYS A 31 0.03 -1.55 9.00
N LYS A 32 0.99 -1.98 9.82
CA LYS A 32 2.28 -1.30 9.91
C LYS A 32 2.87 -1.04 8.52
N LYS A 33 2.62 -1.97 7.61
CA LYS A 33 3.12 -1.86 6.24
C LYS A 33 2.23 -0.93 5.41
N CYS A 34 0.98 -0.80 5.84
CA CYS A 34 0.01 0.04 5.14
C CYS A 34 0.23 1.53 5.46
N GLU A 35 0.13 1.87 6.75
CA GLU A 35 0.30 3.25 7.18
C GLU A 35 1.61 3.85 6.68
N GLU A 36 2.63 3.01 6.51
CA GLU A 36 3.93 3.48 6.03
C GLU A 36 3.91 3.68 4.52
N LEU A 37 3.07 2.92 3.84
CA LEU A 37 2.95 3.00 2.38
C LEU A 37 2.20 4.27 1.98
N LYS A 38 1.10 4.54 2.66
CA LYS A 38 0.28 5.72 2.38
C LYS A 38 1.01 7.00 2.76
N LYS A 39 1.88 6.91 3.75
CA LYS A 39 2.64 8.06 4.22
C LYS A 39 3.77 8.43 3.25
N LYS A 40 4.31 7.43 2.58
CA LYS A 40 5.41 7.64 1.64
C LYS A 40 4.95 8.41 0.41
N ILE A 41 3.94 7.89 -0.27
CA ILE A 41 3.41 8.53 -1.48
C ILE A 41 2.96 9.96 -1.19
N GLU A 42 2.18 10.14 -0.13
CA GLU A 42 1.69 11.46 0.24
C GLU A 42 2.84 12.44 0.48
N GLU A 43 3.98 11.91 0.90
CA GLU A 43 5.15 12.75 1.15
C GLU A 43 6.07 12.82 -0.07
N LEU A 44 6.01 11.79 -0.90
CA LEU A 44 6.83 11.73 -2.11
C LEU A 44 6.55 12.93 -3.01
N GLY A 45 7.57 13.75 -3.24
CA GLY A 45 7.42 14.92 -4.08
C GLY A 45 8.37 14.92 -5.25
N GLY A 46 9.58 15.42 -5.03
CA GLY A 46 10.58 15.46 -6.08
C GLY A 46 11.75 14.55 -5.81
N GLY A 47 11.47 13.25 -5.68
CA GLY A 47 12.52 12.28 -5.43
C GLY A 47 12.01 11.04 -4.73
N GLY A 48 12.93 10.18 -4.30
CA GLY A 48 12.54 8.96 -3.62
C GLY A 48 12.22 7.82 -4.57
N GLU A 49 12.20 8.12 -5.88
CA GLU A 49 11.91 7.12 -6.88
C GLU A 49 10.49 6.58 -6.73
N VAL A 50 9.74 6.60 -7.82
CA VAL A 50 8.36 6.11 -7.81
C VAL A 50 8.29 4.60 -8.06
N LYS A 51 9.10 4.13 -9.00
CA LYS A 51 9.14 2.71 -9.34
C LYS A 51 9.57 1.84 -8.16
N LYS A 52 10.21 2.46 -7.19
CA LYS A 52 10.69 1.74 -6.00
C LYS A 52 9.54 1.44 -5.04
N VAL A 53 8.50 2.25 -5.08
CA VAL A 53 7.34 2.06 -4.20
C VAL A 53 6.39 1.00 -4.74
N GLU A 54 6.05 1.11 -6.02
CA GLU A 54 5.13 0.16 -6.66
C GLU A 54 5.58 -1.27 -6.42
N GLU A 55 6.89 -1.47 -6.32
CA GLU A 55 7.45 -2.79 -6.09
C GLU A 55 7.33 -3.17 -4.62
N GLU A 56 7.40 -2.17 -3.74
CA GLU A 56 7.30 -2.40 -2.31
C GLU A 56 5.86 -2.71 -1.91
N VAL A 57 4.91 -1.98 -2.50
CA VAL A 57 3.50 -2.18 -2.21
C VAL A 57 3.00 -3.49 -2.80
N LYS A 58 3.65 -3.96 -3.86
CA LYS A 58 3.27 -5.21 -4.51
C LYS A 58 3.16 -6.34 -3.49
N LYS A 59 3.92 -6.24 -2.41
CA LYS A 59 3.90 -7.26 -1.36
C LYS A 59 2.67 -7.10 -0.48
N LEU A 60 2.20 -5.85 -0.34
CA LEU A 60 1.03 -5.57 0.48
C LEU A 60 -0.26 -5.89 -0.28
N GLU A 61 -0.40 -5.31 -1.46
CA GLU A 61 -1.58 -5.54 -2.29
C GLU A 61 -1.80 -7.02 -2.58
N GLU A 62 -0.72 -7.80 -2.51
CA GLU A 62 -0.80 -9.23 -2.76
C GLU A 62 -1.67 -9.93 -1.73
N GLU A 63 -1.70 -9.41 -0.51
CA GLU A 63 -2.50 -9.99 0.56
C GLU A 63 -3.96 -9.57 0.44
N ILE A 64 -4.19 -8.38 -0.08
CA ILE A 64 -5.54 -7.86 -0.25
C ILE A 64 -6.33 -8.67 -1.27
N LYS A 65 -5.62 -9.25 -2.23
CA LYS A 65 -6.26 -10.06 -3.26
C LYS A 65 -6.97 -11.27 -2.65
N LYS A 66 -6.47 -11.72 -1.51
CA LYS A 66 -7.05 -12.87 -0.82
C LYS A 66 -8.14 -12.42 0.16
N LEU A 67 -8.03 -11.19 0.64
CA LEU A 67 -9.01 -10.65 1.58
C LEU A 67 -9.28 -9.18 1.30
C1 HTU B . -5.15 -0.78 7.99
O1 HTU B . -7.16 -0.71 9.26
S1 HTU B . -3.72 1.54 5.02
C2 HTU B . -4.35 -0.24 6.99
C3 HTU B . -4.73 0.87 6.26
C4 HTU B . -5.97 1.43 6.57
C5 HTU B . -6.77 0.90 7.57
C6 HTU B . -6.36 -0.19 8.27
H1 HTU B . -4.83 -1.64 8.54
H2 HTU B . -3.41 -0.71 6.77
H4 HTU B . -6.30 2.30 6.02
H5 HTU B . -7.73 1.36 7.78
HO1 HTU B . -8.05 -0.85 8.92
N GLY A 1 5.76 1.94 -17.59
CA GLY A 1 5.08 3.26 -17.45
C GLY A 1 4.00 3.24 -16.38
N SER A 2 3.46 4.41 -16.09
CA SER A 2 2.41 4.54 -15.07
C SER A 2 2.92 4.07 -13.71
N ARG A 3 4.15 4.46 -13.39
CA ARG A 3 4.75 4.10 -12.11
C ARG A 3 3.92 4.61 -10.94
N VAL A 4 3.31 5.77 -11.12
CA VAL A 4 2.48 6.37 -10.07
C VAL A 4 1.06 5.80 -10.11
N LYS A 5 0.59 5.48 -11.31
CA LYS A 5 -0.75 4.91 -11.47
C LYS A 5 -0.94 3.72 -10.54
N ALA A 6 0.15 3.00 -10.30
CA ALA A 6 0.11 1.83 -9.42
C ALA A 6 0.15 2.27 -7.95
N LEU A 7 0.71 3.45 -7.70
CA LEU A 7 0.81 3.98 -6.35
C LEU A 7 -0.50 4.64 -5.91
N GLU A 8 -1.10 5.40 -6.80
CA GLU A 8 -2.34 6.10 -6.50
C GLU A 8 -3.50 5.14 -6.29
N GLU A 9 -3.54 4.09 -7.10
CA GLU A 9 -4.61 3.08 -7.02
C GLU A 9 -4.38 2.11 -5.87
N LYS A 10 -3.12 1.91 -5.51
CA LYS A 10 -2.77 0.97 -4.44
C LYS A 10 -3.12 1.54 -3.06
N VAL A 11 -3.14 2.86 -2.94
CA VAL A 11 -3.44 3.50 -1.67
C VAL A 11 -4.92 3.39 -1.33
N LYS A 12 -5.77 3.36 -2.34
CA LYS A 12 -7.21 3.26 -2.12
C LYS A 12 -7.59 1.82 -1.78
N ALA A 13 -6.92 0.86 -2.41
CA ALA A 13 -7.19 -0.54 -2.18
C ALA A 13 -6.47 -1.04 -0.92
N LEU A 14 -5.39 -0.37 -0.57
CA LEU A 14 -4.60 -0.74 0.61
C LEU A 14 -5.39 -0.50 1.89
N GLU A 15 -5.90 0.72 2.06
CA GLU A 15 -6.66 1.07 3.26
C GLU A 15 -8.10 0.58 3.20
N GLU A 16 -8.84 1.02 2.19
CA GLU A 16 -10.25 0.64 2.04
C GLU A 16 -10.48 -0.84 2.24
N LYS A 17 -9.56 -1.67 1.75
CA LYS A 17 -9.71 -3.12 1.87
C LYS A 17 -9.54 -3.56 3.31
N VAL A 18 -8.50 -3.07 3.97
CA VAL A 18 -8.24 -3.43 5.36
C VAL A 18 -9.40 -3.02 6.26
N LYS A 19 -9.96 -1.84 5.99
CA LYS A 19 -11.08 -1.33 6.77
C LYS A 19 -12.31 -2.20 6.55
N ALA A 20 -12.39 -2.84 5.39
CA ALA A 20 -13.53 -3.69 5.06
C ALA A 20 -13.22 -5.16 5.36
N LEU A 21 -11.94 -5.49 5.52
CA LEU A 21 -11.54 -6.85 5.81
C LEU A 21 -11.74 -7.18 7.28
N GLY A 22 -11.31 -6.27 8.15
CA GLY A 22 -11.46 -6.48 9.58
C GLY A 22 -10.12 -6.65 10.28
N GLY A 23 -9.78 -7.90 10.61
CA GLY A 23 -8.52 -8.18 11.27
C GLY A 23 -8.44 -9.60 11.78
N GLY A 24 -7.24 -10.17 11.74
CA GLY A 24 -7.06 -11.54 12.20
C GLY A 24 -5.59 -11.91 12.31
N GLY A 25 -4.82 -11.10 13.02
CA GLY A 25 -3.41 -11.38 13.19
C GLY A 25 -2.59 -10.95 11.99
N ARG A 26 -2.91 -11.51 10.82
CA ARG A 26 -2.19 -11.17 9.60
C ARG A 26 -2.29 -9.68 9.29
N ILE A 27 -3.38 -9.06 9.75
CA ILE A 27 -3.59 -7.63 9.51
C ILE A 27 -2.86 -6.79 10.57
N GLU A 28 -2.62 -7.38 11.73
CA GLU A 28 -1.94 -6.68 12.81
C GLU A 28 -0.58 -6.16 12.35
N GLU A 29 0.26 -7.06 11.85
CA GLU A 29 1.58 -6.70 11.36
C GLU A 29 1.47 -6.04 9.99
N LEU A 30 0.47 -6.47 9.22
CA LEU A 30 0.25 -5.93 7.88
C LEU A 30 -0.11 -4.45 7.94
N LYS A 31 -0.76 -4.05 9.03
CA LYS A 31 -1.16 -2.66 9.21
C LYS A 31 0.04 -1.72 9.16
N LYS A 32 1.04 -2.00 9.99
CA LYS A 32 2.25 -1.18 10.04
C LYS A 32 2.82 -0.97 8.65
N LYS A 33 2.56 -1.93 7.76
CA LYS A 33 3.04 -1.87 6.39
C LYS A 33 2.16 -0.95 5.54
N CYS A 34 0.91 -0.81 5.94
CA CYS A 34 -0.04 0.03 5.22
C CYS A 34 0.17 1.50 5.53
N GLU A 35 0.03 1.86 6.81
CA GLU A 35 0.21 3.23 7.25
C GLU A 35 1.53 3.83 6.76
N GLU A 36 2.53 2.96 6.58
CA GLU A 36 3.84 3.39 6.12
C GLU A 36 3.84 3.62 4.61
N LEU A 37 2.98 2.88 3.92
CA LEU A 37 2.87 2.99 2.47
C LEU A 37 2.16 4.27 2.06
N LYS A 38 1.12 4.63 2.80
CA LYS A 38 0.36 5.84 2.52
C LYS A 38 1.17 7.11 2.78
N LYS A 39 2.02 7.06 3.80
CA LYS A 39 2.85 8.21 4.16
C LYS A 39 3.99 8.43 3.16
N LYS A 40 4.48 7.34 2.57
CA LYS A 40 5.57 7.42 1.62
C LYS A 40 5.17 8.15 0.33
N ILE A 41 4.06 7.73 -0.25
CA ILE A 41 3.57 8.34 -1.49
C ILE A 41 3.26 9.82 -1.30
N GLU A 42 2.37 10.12 -0.36
CA GLU A 42 1.97 11.49 -0.09
C GLU A 42 3.17 12.37 0.26
N GLU A 43 4.26 11.74 0.69
CA GLU A 43 5.47 12.48 1.06
C GLU A 43 6.44 12.57 -0.10
N LEU A 44 6.71 11.43 -0.73
CA LEU A 44 7.63 11.39 -1.86
C LEU A 44 7.10 12.21 -3.03
N GLY A 45 8.02 12.87 -3.74
CA GLY A 45 7.64 13.68 -4.88
C GLY A 45 8.60 13.54 -6.04
N GLY A 46 9.90 13.57 -5.74
CA GLY A 46 10.90 13.44 -6.76
C GLY A 46 12.22 12.93 -6.22
N GLY A 47 12.16 12.19 -5.12
CA GLY A 47 13.36 11.65 -4.51
C GLY A 47 13.18 10.25 -3.97
N GLY A 48 12.00 9.99 -3.39
CA GLY A 48 11.71 8.67 -2.84
C GLY A 48 11.55 7.61 -3.91
N GLU A 49 11.54 8.02 -5.18
CA GLU A 49 11.39 7.08 -6.29
C GLU A 49 9.97 6.53 -6.35
N VAL A 50 9.37 6.61 -7.52
CA VAL A 50 8.00 6.13 -7.73
C VAL A 50 7.98 4.63 -8.05
N LYS A 51 9.05 4.16 -8.70
CA LYS A 51 9.14 2.74 -9.08
C LYS A 51 9.45 1.87 -7.87
N LYS A 52 10.02 2.47 -6.82
CA LYS A 52 10.38 1.72 -5.62
C LYS A 52 9.14 1.45 -4.75
N VAL A 53 8.14 2.32 -4.87
CA VAL A 53 6.92 2.16 -4.09
C VAL A 53 6.00 1.10 -4.68
N GLU A 54 5.76 1.18 -5.98
CA GLU A 54 4.91 0.23 -6.67
C GLU A 54 5.36 -1.20 -6.41
N GLU A 55 6.68 -1.41 -6.40
CA GLU A 55 7.24 -2.73 -6.15
C GLU A 55 7.06 -3.14 -4.69
N GLU A 56 7.13 -2.16 -3.80
CA GLU A 56 6.97 -2.43 -2.36
C GLU A 56 5.52 -2.77 -2.04
N VAL A 57 4.60 -1.95 -2.53
CA VAL A 57 3.17 -2.17 -2.29
C VAL A 57 2.72 -3.53 -2.84
N LYS A 58 3.43 -4.01 -3.85
CA LYS A 58 3.10 -5.29 -4.47
C LYS A 58 3.05 -6.41 -3.44
N LYS A 59 3.79 -6.22 -2.34
CA LYS A 59 3.82 -7.22 -1.28
C LYS A 59 2.57 -7.11 -0.40
N LEU A 60 2.06 -5.90 -0.28
CA LEU A 60 0.87 -5.64 0.52
C LEU A 60 -0.40 -6.03 -0.24
N GLU A 61 -0.56 -5.49 -1.44
CA GLU A 61 -1.73 -5.78 -2.26
C GLU A 61 -1.87 -7.28 -2.51
N GLU A 62 -0.75 -7.99 -2.44
CA GLU A 62 -0.76 -9.43 -2.66
C GLU A 62 -1.65 -10.15 -1.65
N GLU A 63 -1.65 -9.65 -0.42
CA GLU A 63 -2.45 -10.24 0.65
C GLU A 63 -3.90 -9.74 0.60
N ILE A 64 -4.08 -8.53 0.06
CA ILE A 64 -5.39 -7.93 -0.04
C ILE A 64 -6.31 -8.76 -0.95
N LYS A 65 -5.70 -9.44 -1.92
CA LYS A 65 -6.45 -10.26 -2.86
C LYS A 65 -7.01 -11.50 -2.17
N LYS A 66 -6.38 -11.92 -1.08
CA LYS A 66 -6.81 -13.09 -0.34
C LYS A 66 -7.78 -12.72 0.78
N LEU A 67 -8.34 -11.51 0.71
CA LEU A 67 -9.28 -11.04 1.72
C LEU A 67 -9.73 -9.61 1.42
C1 HTU B . -7.00 0.84 7.34
O1 HTU B . -7.51 -0.83 8.97
S1 HTU B . -3.72 1.62 5.14
C2 HTU B . -6.12 1.41 6.45
C3 HTU B . -4.84 0.90 6.26
C4 HTU B . -4.49 -0.22 7.01
C5 HTU B . -5.37 -0.79 7.90
C6 HTU B . -6.62 -0.26 8.07
H1 HTU B . -7.99 1.26 7.47
H2 HTU B . -6.43 2.27 5.89
H4 HTU B . -3.51 -0.65 6.89
H5 HTU B . -5.08 -1.66 8.47
HO1 HTU B . -8.25 -1.20 8.48
N GLY A 1 6.32 3.23 -17.17
CA GLY A 1 5.03 2.50 -17.17
C GLY A 1 4.21 2.76 -15.92
N SER A 2 3.42 3.83 -15.95
CA SER A 2 2.58 4.20 -14.82
C SER A 2 3.43 4.60 -13.61
N ARG A 3 4.03 3.61 -12.96
CA ARG A 3 4.87 3.86 -11.79
C ARG A 3 4.06 4.42 -10.64
N VAL A 4 3.57 5.65 -10.80
CA VAL A 4 2.76 6.29 -9.77
C VAL A 4 1.32 5.83 -9.83
N LYS A 5 0.82 5.58 -11.03
CA LYS A 5 -0.55 5.11 -11.22
C LYS A 5 -0.81 3.89 -10.34
N ALA A 6 0.24 3.11 -10.09
CA ALA A 6 0.14 1.92 -9.25
C ALA A 6 0.16 2.31 -7.77
N LEU A 7 0.78 3.45 -7.48
CA LEU A 7 0.89 3.94 -6.11
C LEU A 7 -0.39 4.65 -5.66
N GLU A 8 -0.94 5.49 -6.52
CA GLU A 8 -2.15 6.23 -6.22
C GLU A 8 -3.36 5.32 -6.06
N GLU A 9 -3.47 4.32 -6.92
CA GLU A 9 -4.59 3.38 -6.88
C GLU A 9 -4.42 2.34 -5.77
N LYS A 10 -3.17 2.05 -5.43
CA LYS A 10 -2.89 1.05 -4.40
C LYS A 10 -3.21 1.58 -2.99
N VAL A 11 -3.17 2.90 -2.83
CA VAL A 11 -3.44 3.50 -1.53
C VAL A 11 -4.93 3.45 -1.18
N LYS A 12 -5.79 3.46 -2.19
CA LYS A 12 -7.23 3.41 -1.95
C LYS A 12 -7.66 1.99 -1.58
N ALA A 13 -7.08 1.00 -2.25
CA ALA A 13 -7.39 -0.39 -1.99
C ALA A 13 -6.63 -0.91 -0.77
N LEU A 14 -5.49 -0.28 -0.48
CA LEU A 14 -4.66 -0.68 0.64
C LEU A 14 -5.37 -0.45 1.98
N GLU A 15 -5.88 0.76 2.18
CA GLU A 15 -6.55 1.10 3.44
C GLU A 15 -7.99 0.58 3.47
N GLU A 16 -8.78 0.93 2.46
CA GLU A 16 -10.18 0.52 2.40
C GLU A 16 -10.36 -0.98 2.57
N LYS A 17 -9.76 -1.76 1.66
CA LYS A 17 -9.88 -3.21 1.70
C LYS A 17 -9.59 -3.78 3.10
N VAL A 18 -8.65 -3.17 3.80
CA VAL A 18 -8.31 -3.64 5.14
C VAL A 18 -9.37 -3.26 6.17
N LYS A 19 -10.11 -2.19 5.88
CA LYS A 19 -11.16 -1.73 6.78
C LYS A 19 -12.39 -2.62 6.71
N ALA A 20 -12.56 -3.30 5.57
CA ALA A 20 -13.70 -4.20 5.38
C ALA A 20 -13.35 -5.64 5.71
N LEU A 21 -12.06 -5.94 5.83
CA LEU A 21 -11.62 -7.28 6.15
C LEU A 21 -11.96 -7.65 7.59
N GLY A 22 -11.71 -6.73 8.51
CA GLY A 22 -12.00 -6.97 9.91
C GLY A 22 -10.80 -6.73 10.80
N GLY A 23 -10.11 -7.81 11.16
CA GLY A 23 -8.95 -7.70 12.01
C GLY A 23 -8.42 -9.05 12.46
N GLY A 24 -7.23 -9.05 13.05
CA GLY A 24 -6.63 -10.28 13.52
C GLY A 24 -5.14 -10.16 13.76
N GLY A 25 -4.41 -11.24 13.53
CA GLY A 25 -2.97 -11.23 13.73
C GLY A 25 -2.22 -10.86 12.46
N ARG A 26 -2.69 -11.37 11.33
CA ARG A 26 -2.05 -11.11 10.05
C ARG A 26 -2.21 -9.64 9.66
N ILE A 27 -3.29 -9.03 10.12
CA ILE A 27 -3.56 -7.63 9.81
C ILE A 27 -2.78 -6.69 10.73
N GLU A 28 -2.42 -7.19 11.91
CA GLU A 28 -1.67 -6.40 12.88
C GLU A 28 -0.37 -5.87 12.27
N GLU A 29 0.45 -6.78 11.78
CA GLU A 29 1.74 -6.41 11.18
C GLU A 29 1.52 -5.81 9.78
N LEU A 30 0.57 -6.34 9.05
CA LEU A 30 0.26 -5.86 7.71
C LEU A 30 -0.10 -4.37 7.73
N LYS A 31 -0.68 -3.94 8.85
CA LYS A 31 -1.08 -2.55 9.01
C LYS A 31 0.13 -1.62 8.98
N LYS A 32 1.12 -1.94 9.81
CA LYS A 32 2.34 -1.14 9.89
C LYS A 32 2.91 -0.83 8.51
N LYS A 33 2.72 -1.75 7.58
CA LYS A 33 3.21 -1.59 6.21
C LYS A 33 2.27 -0.69 5.40
N CYS A 34 1.01 -0.68 5.79
CA CYS A 34 -0.01 0.12 5.10
C CYS A 34 0.13 1.59 5.45
N GLU A 35 -0.01 1.91 6.74
CA GLU A 35 0.09 3.29 7.21
C GLU A 35 1.36 3.96 6.69
N GLU A 36 2.43 3.18 6.56
CA GLU A 36 3.70 3.70 6.08
C GLU A 36 3.66 3.90 4.56
N LEU A 37 2.85 3.09 3.89
CA LEU A 37 2.72 3.16 2.44
C LEU A 37 1.91 4.38 2.02
N LYS A 38 0.92 4.74 2.82
CA LYS A 38 0.06 5.89 2.54
C LYS A 38 0.77 7.20 2.86
N LYS A 39 1.68 7.16 3.82
CA LYS A 39 2.42 8.34 4.24
C LYS A 39 3.54 8.69 3.24
N LYS A 40 4.10 7.68 2.60
CA LYS A 40 5.17 7.88 1.64
C LYS A 40 4.66 8.50 0.33
N ILE A 41 3.69 7.84 -0.29
CA ILE A 41 3.12 8.31 -1.54
C ILE A 41 2.59 9.73 -1.40
N GLU A 42 2.19 10.10 -0.19
CA GLU A 42 1.66 11.43 0.07
C GLU A 42 2.79 12.45 0.26
N GLU A 43 3.95 11.96 0.69
CA GLU A 43 5.11 12.83 0.91
C GLU A 43 6.01 12.88 -0.31
N LEU A 44 6.34 11.71 -0.84
CA LEU A 44 7.21 11.62 -2.01
C LEU A 44 6.65 12.42 -3.18
N GLY A 45 7.47 13.29 -3.75
CA GLY A 45 7.03 14.10 -4.87
C GLY A 45 7.99 14.02 -6.04
N GLY A 46 9.29 14.06 -5.75
CA GLY A 46 10.30 14.00 -6.79
C GLY A 46 11.33 12.91 -6.53
N GLY A 47 11.75 12.80 -5.27
CA GLY A 47 12.74 11.79 -4.91
C GLY A 47 12.11 10.58 -4.25
N GLY A 48 12.96 9.65 -3.81
CA GLY A 48 12.46 8.46 -3.16
C GLY A 48 12.15 7.34 -4.15
N GLU A 49 12.24 7.65 -5.44
CA GLU A 49 11.96 6.68 -6.49
C GLU A 49 10.52 6.20 -6.43
N VAL A 50 9.84 6.28 -7.57
CA VAL A 50 8.44 5.86 -7.66
C VAL A 50 8.34 4.36 -7.96
N LYS A 51 9.32 3.83 -8.66
CA LYS A 51 9.34 2.41 -9.01
C LYS A 51 9.65 1.52 -7.81
N LYS A 52 10.26 2.10 -6.78
CA LYS A 52 10.61 1.34 -5.59
C LYS A 52 9.39 1.09 -4.70
N VAL A 53 8.39 1.97 -4.81
CA VAL A 53 7.18 1.85 -4.01
C VAL A 53 6.20 0.86 -4.63
N GLU A 54 5.97 1.00 -5.94
CA GLU A 54 5.06 0.12 -6.66
C GLU A 54 5.46 -1.34 -6.50
N GLU A 55 6.75 -1.60 -6.56
CA GLU A 55 7.27 -2.96 -6.42
C GLU A 55 7.09 -3.46 -4.98
N GLU A 56 7.22 -2.55 -4.03
CA GLU A 56 7.07 -2.91 -2.62
C GLU A 56 5.61 -3.21 -2.29
N VAL A 57 4.72 -2.32 -2.70
CA VAL A 57 3.29 -2.49 -2.45
C VAL A 57 2.78 -3.80 -3.05
N LYS A 58 3.46 -4.28 -4.09
CA LYS A 58 3.07 -5.52 -4.75
C LYS A 58 2.93 -6.66 -3.74
N LYS A 59 3.73 -6.60 -2.68
CA LYS A 59 3.68 -7.62 -1.63
C LYS A 59 2.52 -7.37 -0.69
N LEU A 60 2.16 -6.11 -0.51
CA LEU A 60 1.06 -5.73 0.37
C LEU A 60 -0.28 -5.98 -0.30
N GLU A 61 -0.46 -5.40 -1.49
CA GLU A 61 -1.69 -5.56 -2.24
C GLU A 61 -1.96 -7.03 -2.57
N GLU A 62 -0.89 -7.81 -2.68
CA GLU A 62 -1.00 -9.23 -3.00
C GLU A 62 -1.84 -9.96 -1.94
N GLU A 63 -1.77 -9.46 -0.71
CA GLU A 63 -2.52 -10.07 0.39
C GLU A 63 -3.97 -9.60 0.39
N ILE A 64 -4.19 -8.37 -0.10
CA ILE A 64 -5.53 -7.80 -0.16
C ILE A 64 -6.45 -8.60 -1.06
N LYS A 65 -5.86 -9.28 -2.04
CA LYS A 65 -6.62 -10.10 -2.97
C LYS A 65 -7.10 -11.39 -2.32
N LYS A 66 -6.42 -11.80 -1.26
CA LYS A 66 -6.78 -13.03 -0.55
C LYS A 66 -7.63 -12.73 0.68
N LEU A 67 -8.28 -11.57 0.68
CA LEU A 67 -9.14 -11.17 1.80
C LEU A 67 -9.65 -9.75 1.61
C1 HTU B . -6.99 0.40 7.40
O1 HTU B . -7.42 -1.44 8.85
S1 HTU B . -3.70 1.58 5.38
C2 HTU B . -6.12 1.10 6.60
C3 HTU B . -4.80 0.69 6.39
C4 HTU B . -4.41 -0.47 7.05
C5 HTU B . -5.27 -1.18 7.86
C6 HTU B . -6.56 -0.74 8.04
H1 HTU B . -8.00 0.75 7.54
H2 HTU B . -6.46 2.00 6.10
H4 HTU B . -3.39 -0.82 6.92
H5 HTU B . -4.93 -2.07 8.35
HO1 HTU B . -8.18 -1.71 8.34
N GLY A 1 3.68 2.59 -18.75
CA GLY A 1 3.92 4.04 -18.51
C GLY A 1 3.08 4.58 -17.37
N SER A 2 2.97 3.81 -16.30
CA SER A 2 2.19 4.22 -15.14
C SER A 2 3.09 4.70 -14.01
N ARG A 3 3.74 3.75 -13.34
CA ARG A 3 4.64 4.07 -12.23
C ARG A 3 3.85 4.61 -11.03
N VAL A 4 3.26 5.78 -11.19
CA VAL A 4 2.48 6.39 -10.13
C VAL A 4 1.06 5.86 -10.12
N LYS A 5 0.53 5.57 -11.30
CA LYS A 5 -0.83 5.03 -11.43
C LYS A 5 -0.99 3.81 -10.54
N ALA A 6 0.12 3.09 -10.34
CA ALA A 6 0.11 1.90 -9.50
C ALA A 6 0.16 2.30 -8.02
N LEU A 7 0.71 3.48 -7.77
CA LEU A 7 0.84 3.99 -6.40
C LEU A 7 -0.47 4.63 -5.93
N GLU A 8 -1.05 5.47 -6.77
CA GLU A 8 -2.30 6.17 -6.45
C GLU A 8 -3.47 5.21 -6.30
N GLU A 9 -3.45 4.12 -7.07
CA GLU A 9 -4.54 3.15 -7.03
C GLU A 9 -4.44 2.22 -5.82
N LYS A 10 -3.32 1.52 -5.70
CA LYS A 10 -3.10 0.59 -4.60
C LYS A 10 -3.44 1.21 -3.25
N VAL A 11 -3.17 2.50 -3.10
CA VAL A 11 -3.45 3.19 -1.84
C VAL A 11 -4.93 3.10 -1.49
N LYS A 12 -5.79 2.97 -2.51
CA LYS A 12 -7.22 2.87 -2.28
C LYS A 12 -7.60 1.46 -1.82
N ALA A 13 -6.93 0.47 -2.39
CA ALA A 13 -7.19 -0.93 -2.05
C ALA A 13 -6.47 -1.30 -0.76
N LEU A 14 -5.40 -0.59 -0.46
CA LEU A 14 -4.61 -0.84 0.73
C LEU A 14 -5.40 -0.54 2.00
N GLU A 15 -5.90 0.68 2.09
CA GLU A 15 -6.67 1.11 3.26
C GLU A 15 -8.12 0.62 3.24
N GLU A 16 -8.86 1.00 2.19
CA GLU A 16 -10.27 0.64 2.06
C GLU A 16 -10.51 -0.84 2.34
N LYS A 17 -9.60 -1.70 1.91
CA LYS A 17 -9.76 -3.13 2.12
C LYS A 17 -9.57 -3.50 3.59
N VAL A 18 -8.48 -3.03 4.18
CA VAL A 18 -8.21 -3.31 5.59
C VAL A 18 -9.26 -2.68 6.48
N LYS A 19 -9.70 -1.49 6.11
CA LYS A 19 -10.73 -0.77 6.88
C LYS A 19 -12.04 -1.54 6.88
N ALA A 20 -12.26 -2.31 5.81
CA ALA A 20 -13.48 -3.10 5.68
C ALA A 20 -13.27 -4.53 6.15
N LEU A 21 -12.01 -4.97 6.21
CA LEU A 21 -11.69 -6.32 6.64
C LEU A 21 -11.69 -6.42 8.16
N GLY A 22 -11.07 -5.46 8.82
CA GLY A 22 -11.01 -5.46 10.27
C GLY A 22 -9.63 -5.83 10.80
N GLY A 23 -9.49 -7.07 11.24
CA GLY A 23 -8.21 -7.52 11.76
C GLY A 23 -8.27 -8.94 12.30
N GLY A 24 -7.15 -9.65 12.22
CA GLY A 24 -7.11 -11.02 12.70
C GLY A 24 -5.74 -11.66 12.54
N GLY A 25 -4.77 -11.21 13.33
CA GLY A 25 -3.43 -11.74 13.25
C GLY A 25 -2.65 -11.21 12.07
N ARG A 26 -2.83 -11.84 10.92
CA ARG A 26 -2.14 -11.43 9.70
C ARG A 26 -2.34 -9.95 9.43
N ILE A 27 -3.46 -9.40 9.88
CA ILE A 27 -3.78 -8.00 9.68
C ILE A 27 -2.99 -7.12 10.65
N GLU A 28 -2.57 -7.69 11.77
CA GLU A 28 -1.80 -6.94 12.77
C GLU A 28 -0.59 -6.26 12.13
N GLU A 29 0.25 -7.06 11.47
CA GLU A 29 1.44 -6.54 10.82
C GLU A 29 1.08 -5.86 9.49
N LEU A 30 -0.01 -6.32 8.88
CA LEU A 30 -0.48 -5.77 7.61
C LEU A 30 -0.71 -4.26 7.72
N LYS A 31 -1.19 -3.82 8.88
CA LYS A 31 -1.46 -2.41 9.11
C LYS A 31 -0.18 -1.58 9.09
N LYS A 32 0.78 -1.98 9.91
CA LYS A 32 2.06 -1.26 9.99
C LYS A 32 2.64 -1.02 8.60
N LYS A 33 2.38 -1.94 7.69
CA LYS A 33 2.88 -1.84 6.32
C LYS A 33 2.01 -0.89 5.49
N CYS A 34 0.75 -0.73 5.91
CA CYS A 34 -0.19 0.13 5.21
C CYS A 34 0.06 1.61 5.53
N GLU A 35 -0.03 1.94 6.82
CA GLU A 35 0.16 3.33 7.26
C GLU A 35 1.49 3.90 6.79
N GLU A 36 2.49 3.04 6.60
CA GLU A 36 3.81 3.48 6.15
C GLU A 36 3.80 3.72 4.64
N LEU A 37 2.95 2.97 3.94
CA LEU A 37 2.84 3.09 2.49
C LEU A 37 2.13 4.39 2.10
N LYS A 38 1.01 4.66 2.76
CA LYS A 38 0.23 5.87 2.48
C LYS A 38 1.04 7.13 2.76
N LYS A 39 1.80 7.11 3.84
CA LYS A 39 2.62 8.25 4.24
C LYS A 39 3.74 8.51 3.24
N LYS A 40 4.24 7.45 2.63
CA LYS A 40 5.33 7.56 1.66
C LYS A 40 4.92 8.39 0.45
N ILE A 41 3.85 7.98 -0.22
CA ILE A 41 3.37 8.67 -1.40
C ILE A 41 2.94 10.10 -1.08
N GLU A 42 2.55 10.33 0.19
CA GLU A 42 2.11 11.65 0.62
C GLU A 42 3.30 12.59 0.83
N GLU A 43 4.48 12.02 1.04
CA GLU A 43 5.69 12.81 1.25
C GLU A 43 6.44 13.01 -0.06
N LEU A 44 6.60 11.94 -0.82
CA LEU A 44 7.30 12.00 -2.10
C LEU A 44 6.51 12.81 -3.12
N GLY A 45 7.13 13.89 -3.61
CA GLY A 45 6.48 14.74 -4.60
C GLY A 45 7.21 14.73 -5.93
N GLY A 46 8.54 14.65 -5.87
CA GLY A 46 9.33 14.63 -7.07
C GLY A 46 10.62 13.85 -6.92
N GLY A 47 10.61 12.89 -5.99
CA GLY A 47 11.79 12.07 -5.75
C GLY A 47 11.47 10.80 -4.99
N GLY A 48 12.50 10.16 -4.45
CA GLY A 48 12.30 8.94 -3.70
C GLY A 48 12.01 7.74 -4.60
N GLU A 49 12.11 7.94 -5.91
CA GLU A 49 11.86 6.87 -6.87
C GLU A 49 10.42 6.38 -6.78
N VAL A 50 9.75 6.33 -7.92
CA VAL A 50 8.36 5.88 -7.97
C VAL A 50 8.28 4.36 -8.12
N LYS A 51 9.33 3.76 -8.69
CA LYS A 51 9.37 2.32 -8.89
C LYS A 51 9.63 1.57 -7.58
N LYS A 52 10.14 2.28 -6.58
CA LYS A 52 10.43 1.67 -5.29
C LYS A 52 9.16 1.41 -4.49
N VAL A 53 8.15 2.25 -4.70
CA VAL A 53 6.88 2.10 -3.99
C VAL A 53 5.97 1.07 -4.64
N GLU A 54 5.75 1.21 -5.94
CA GLU A 54 4.90 0.28 -6.68
C GLU A 54 5.32 -1.17 -6.46
N GLU A 55 6.63 -1.41 -6.45
CA GLU A 55 7.16 -2.76 -6.25
C GLU A 55 7.10 -3.13 -4.77
N GLU A 56 7.25 -2.14 -3.91
CA GLU A 56 7.21 -2.35 -2.47
C GLU A 56 5.79 -2.68 -2.01
N VAL A 57 4.81 -2.09 -2.68
CA VAL A 57 3.41 -2.32 -2.36
C VAL A 57 2.92 -3.65 -2.92
N LYS A 58 3.57 -4.11 -3.99
CA LYS A 58 3.20 -5.38 -4.63
C LYS A 58 3.05 -6.49 -3.60
N LYS A 59 3.78 -6.37 -2.49
CA LYS A 59 3.72 -7.37 -1.43
C LYS A 59 2.48 -7.16 -0.57
N LEU A 60 2.06 -5.91 -0.44
CA LEU A 60 0.88 -5.57 0.36
C LEU A 60 -0.41 -5.84 -0.42
N GLU A 61 -0.50 -5.29 -1.62
CA GLU A 61 -1.70 -5.47 -2.46
C GLU A 61 -2.01 -6.95 -2.65
N GLU A 62 -1.01 -7.72 -3.06
CA GLU A 62 -1.19 -9.15 -3.29
C GLU A 62 -1.74 -9.82 -2.04
N GLU A 63 -1.40 -9.28 -0.88
CA GLU A 63 -1.85 -9.81 0.40
C GLU A 63 -3.33 -9.49 0.62
N ILE A 64 -3.80 -8.45 -0.06
CA ILE A 64 -5.20 -8.03 0.06
C ILE A 64 -6.13 -9.03 -0.62
N LYS A 65 -5.65 -9.61 -1.71
CA LYS A 65 -6.45 -10.59 -2.46
C LYS A 65 -6.81 -11.78 -1.58
N LYS A 66 -5.99 -12.03 -0.56
CA LYS A 66 -6.24 -13.15 0.34
C LYS A 66 -7.26 -12.77 1.41
N LEU A 67 -7.19 -11.52 1.86
CA LEU A 67 -8.11 -11.03 2.89
C LEU A 67 -9.55 -11.06 2.39
C1 HTU B . -7.19 0.90 7.30
O1 HTU B . -7.69 -0.76 8.94
S1 HTU B . -3.84 1.80 5.25
C2 HTU B . -6.29 1.49 6.45
C3 HTU B . -4.98 1.04 6.32
C4 HTU B . -4.62 -0.04 7.12
C5 HTU B . -5.51 -0.64 7.98
C6 HTU B . -6.80 -0.16 8.07
H1 HTU B . -8.20 1.28 7.37
H2 HTU B . -6.60 2.33 5.84
H4 HTU B . -3.61 -0.43 7.05
H5 HTU B . -5.19 -1.48 8.58
HO1 HTU B . -7.24 -0.98 9.75
N GLY A 1 5.44 4.93 -17.92
CA GLY A 1 3.99 4.83 -18.25
C GLY A 1 3.11 5.22 -17.09
N SER A 2 3.10 4.40 -16.04
CA SER A 2 2.29 4.67 -14.86
C SER A 2 3.17 5.04 -13.68
N ARG A 3 3.78 4.03 -13.05
CA ARG A 3 4.65 4.25 -11.90
C ARG A 3 3.86 4.75 -10.70
N VAL A 4 3.30 5.96 -10.81
CA VAL A 4 2.52 6.55 -9.74
C VAL A 4 1.09 6.03 -9.75
N LYS A 5 0.56 5.80 -10.94
CA LYS A 5 -0.80 5.28 -11.09
C LYS A 5 -0.97 4.02 -10.26
N ALA A 6 0.12 3.28 -10.10
CA ALA A 6 0.11 2.06 -9.31
C ALA A 6 0.17 2.38 -7.82
N LEU A 7 0.74 3.55 -7.50
CA LEU A 7 0.87 3.99 -6.12
C LEU A 7 -0.44 4.61 -5.61
N GLU A 8 -0.97 5.54 -6.39
CA GLU A 8 -2.20 6.24 -6.03
C GLU A 8 -3.41 5.29 -5.95
N GLU A 9 -3.39 4.25 -6.76
CA GLU A 9 -4.49 3.29 -6.79
C GLU A 9 -4.42 2.31 -5.61
N LYS A 10 -3.33 1.56 -5.53
CA LYS A 10 -3.13 0.58 -4.47
C LYS A 10 -3.43 1.18 -3.09
N VAL A 11 -3.24 2.49 -2.95
CA VAL A 11 -3.49 3.16 -1.68
C VAL A 11 -4.99 3.13 -1.32
N LYS A 12 -5.84 3.12 -2.35
CA LYS A 12 -7.29 3.10 -2.11
C LYS A 12 -7.73 1.70 -1.71
N ALA A 13 -7.11 0.69 -2.33
CA ALA A 13 -7.42 -0.70 -2.03
C ALA A 13 -6.68 -1.16 -0.79
N LEU A 14 -5.57 -0.50 -0.50
CA LEU A 14 -4.76 -0.85 0.66
C LEU A 14 -5.51 -0.61 1.97
N GLU A 15 -6.02 0.60 2.13
CA GLU A 15 -6.75 0.97 3.36
C GLU A 15 -8.20 0.46 3.33
N GLU A 16 -8.97 0.88 2.33
CA GLU A 16 -10.38 0.50 2.22
C GLU A 16 -10.59 -1.00 2.43
N LYS A 17 -9.67 -1.81 1.92
CA LYS A 17 -9.80 -3.26 2.04
C LYS A 17 -9.55 -3.70 3.48
N VAL A 18 -8.45 -3.24 4.06
CA VAL A 18 -8.11 -3.60 5.43
C VAL A 18 -9.21 -3.16 6.40
N LYS A 19 -9.76 -1.98 6.15
CA LYS A 19 -10.83 -1.44 6.99
C LYS A 19 -12.09 -2.29 6.86
N ALA A 20 -12.25 -2.93 5.71
CA ALA A 20 -13.42 -3.77 5.45
C ALA A 20 -13.12 -5.25 5.73
N LEU A 21 -11.84 -5.59 5.84
CA LEU A 21 -11.44 -6.98 6.10
C LEU A 21 -11.60 -7.32 7.58
N GLY A 22 -11.06 -6.46 8.45
CA GLY A 22 -11.16 -6.70 9.88
C GLY A 22 -10.52 -8.02 10.30
N GLY A 23 -9.85 -8.00 11.45
CA GLY A 23 -9.21 -9.22 11.94
C GLY A 23 -7.99 -8.92 12.79
N GLY A 24 -7.13 -9.93 12.94
CA GLY A 24 -5.92 -9.77 13.73
C GLY A 24 -4.83 -10.72 13.31
N GLY A 25 -3.74 -10.76 14.08
CA GLY A 25 -2.63 -11.63 13.75
C GLY A 25 -1.94 -11.23 12.46
N ARG A 26 -2.57 -11.55 11.34
CA ARG A 26 -2.02 -11.21 10.04
C ARG A 26 -2.30 -9.76 9.68
N ILE A 27 -3.38 -9.23 10.22
CA ILE A 27 -3.79 -7.85 9.95
C ILE A 27 -2.94 -6.85 10.72
N GLU A 28 -2.71 -7.11 12.00
CA GLU A 28 -1.92 -6.21 12.84
C GLU A 28 -0.62 -5.81 12.15
N GLU A 29 0.08 -6.79 11.59
CA GLU A 29 1.33 -6.53 10.89
C GLU A 29 1.07 -5.97 9.49
N LEU A 30 -0.10 -6.28 8.95
CA LEU A 30 -0.48 -5.82 7.61
C LEU A 30 -0.60 -4.29 7.56
N LYS A 31 -1.25 -3.71 8.56
CA LYS A 31 -1.43 -2.26 8.61
C LYS A 31 -0.11 -1.53 8.79
N LYS A 32 0.81 -2.16 9.51
CA LYS A 32 2.12 -1.56 9.75
C LYS A 32 2.74 -1.10 8.43
N LYS A 33 2.59 -1.93 7.41
CA LYS A 33 3.12 -1.63 6.08
C LYS A 33 2.19 -0.70 5.32
N CYS A 34 0.91 -0.71 5.71
CA CYS A 34 -0.10 0.13 5.06
C CYS A 34 0.09 1.60 5.43
N GLU A 35 0.01 1.90 6.72
CA GLU A 35 0.16 3.27 7.20
C GLU A 35 1.44 3.91 6.68
N GLU A 36 2.56 3.20 6.81
CA GLU A 36 3.84 3.71 6.35
C GLU A 36 3.84 3.93 4.84
N LEU A 37 3.03 3.15 4.14
CA LEU A 37 2.93 3.26 2.68
C LEU A 37 2.24 4.55 2.28
N LYS A 38 1.07 4.79 2.85
CA LYS A 38 0.29 5.99 2.57
C LYS A 38 1.10 7.26 2.81
N LYS A 39 2.07 7.18 3.72
CA LYS A 39 2.91 8.32 4.05
C LYS A 39 3.99 8.53 2.99
N LYS A 40 4.45 7.45 2.38
CA LYS A 40 5.49 7.53 1.36
C LYS A 40 5.03 8.31 0.13
N ILE A 41 3.93 7.87 -0.46
CA ILE A 41 3.38 8.53 -1.66
C ILE A 41 2.97 9.96 -1.36
N GLU A 42 2.35 10.18 -0.21
CA GLU A 42 1.89 11.51 0.18
C GLU A 42 3.04 12.51 0.17
N GLU A 43 4.24 12.03 0.49
CA GLU A 43 5.42 12.89 0.52
C GLU A 43 6.18 12.83 -0.80
N LEU A 44 6.04 11.71 -1.51
CA LEU A 44 6.72 11.52 -2.79
C LEU A 44 6.44 12.69 -3.74
N GLY A 45 7.33 13.68 -3.72
CA GLY A 45 7.17 14.83 -4.58
C GLY A 45 8.07 14.79 -5.80
N GLY A 46 9.30 14.32 -5.60
CA GLY A 46 10.25 14.22 -6.69
C GLY A 46 11.57 13.59 -6.26
N GLY A 47 11.49 12.63 -5.35
CA GLY A 47 12.69 11.97 -4.88
C GLY A 47 12.39 10.67 -4.14
N GLY A 48 13.29 9.71 -4.25
CA GLY A 48 13.09 8.44 -3.59
C GLY A 48 12.65 7.34 -4.53
N GLU A 49 12.61 7.65 -5.83
CA GLU A 49 12.19 6.68 -6.84
C GLU A 49 10.74 6.26 -6.63
N VAL A 50 9.95 6.35 -7.70
CA VAL A 50 8.54 5.97 -7.64
C VAL A 50 8.36 4.48 -7.89
N LYS A 51 9.24 3.91 -8.69
CA LYS A 51 9.18 2.48 -9.01
C LYS A 51 9.52 1.62 -7.80
N LYS A 52 10.16 2.21 -6.80
CA LYS A 52 10.54 1.48 -5.60
C LYS A 52 9.34 1.22 -4.70
N VAL A 53 8.34 2.10 -4.77
CA VAL A 53 7.14 1.96 -3.95
C VAL A 53 6.14 0.97 -4.57
N GLU A 54 5.85 1.17 -5.86
CA GLU A 54 4.91 0.29 -6.56
C GLU A 54 5.29 -1.17 -6.42
N GLU A 55 6.59 -1.45 -6.49
CA GLU A 55 7.10 -2.81 -6.35
C GLU A 55 7.09 -3.24 -4.90
N GLU A 56 7.30 -2.28 -4.00
CA GLU A 56 7.32 -2.55 -2.58
C GLU A 56 5.92 -2.85 -2.06
N VAL A 57 4.93 -2.23 -2.68
CA VAL A 57 3.54 -2.43 -2.29
C VAL A 57 2.98 -3.75 -2.85
N LYS A 58 3.56 -4.20 -3.96
CA LYS A 58 3.14 -5.45 -4.60
C LYS A 58 3.03 -6.57 -3.58
N LYS A 59 3.84 -6.50 -2.52
CA LYS A 59 3.84 -7.51 -1.48
C LYS A 59 2.64 -7.33 -0.56
N LEU A 60 2.22 -6.08 -0.38
CA LEU A 60 1.08 -5.77 0.48
C LEU A 60 -0.23 -6.04 -0.25
N GLU A 61 -0.38 -5.43 -1.43
CA GLU A 61 -1.60 -5.61 -2.22
C GLU A 61 -1.81 -7.08 -2.58
N GLU A 62 -0.73 -7.85 -2.58
CA GLU A 62 -0.81 -9.28 -2.91
C GLU A 62 -1.66 -10.04 -1.89
N GLU A 63 -1.63 -9.57 -0.64
CA GLU A 63 -2.40 -10.21 0.43
C GLU A 63 -3.86 -9.77 0.40
N ILE A 64 -4.09 -8.53 -0.02
CA ILE A 64 -5.44 -7.99 -0.09
C ILE A 64 -6.32 -8.81 -1.02
N LYS A 65 -5.75 -9.27 -2.12
CA LYS A 65 -6.48 -10.08 -3.08
C LYS A 65 -6.96 -11.39 -2.45
N LYS A 66 -6.31 -11.80 -1.37
CA LYS A 66 -6.68 -13.04 -0.68
C LYS A 66 -7.67 -12.77 0.45
N LEU A 67 -8.29 -11.58 0.44
CA LEU A 67 -9.26 -11.22 1.46
C LEU A 67 -10.56 -10.73 0.83
C1 HTU B . -7.04 0.67 7.40
O1 HTU B . -7.47 -1.05 8.99
S1 HTU B . -3.80 1.62 5.19
C2 HTU B . -6.19 1.29 6.51
C3 HTU B . -4.89 0.83 6.31
C4 HTU B . -4.49 -0.27 7.05
C5 HTU B . -5.35 -0.90 7.93
C6 HTU B . -6.62 -0.42 8.11
H1 HTU B . -8.04 1.05 7.53
H2 HTU B . -6.53 2.14 5.96
H4 HTU B . -3.50 -0.66 6.92
H5 HTU B . -5.01 -1.76 8.49
HO1 HTU B . -8.16 -1.50 8.51
N GLY A 1 6.15 4.69 -18.47
CA GLY A 1 4.96 3.89 -18.07
C GLY A 1 4.24 4.46 -16.87
N SER A 2 3.31 3.69 -16.31
CA SER A 2 2.55 4.13 -15.16
C SER A 2 3.26 3.76 -13.86
N ARG A 3 4.06 4.68 -13.34
CA ARG A 3 4.80 4.45 -12.11
C ARG A 3 3.98 4.88 -10.90
N VAL A 4 3.33 6.04 -11.01
CA VAL A 4 2.50 6.58 -9.94
C VAL A 4 1.10 5.98 -9.99
N LYS A 5 0.61 5.72 -11.20
CA LYS A 5 -0.72 5.15 -11.37
C LYS A 5 -0.89 3.91 -10.50
N ALA A 6 0.21 3.20 -10.29
CA ALA A 6 0.20 2.00 -9.47
C ALA A 6 0.24 2.37 -7.98
N LEU A 7 0.78 3.54 -7.68
CA LEU A 7 0.89 4.01 -6.30
C LEU A 7 -0.41 4.63 -5.80
N GLU A 8 -1.07 5.38 -6.68
CA GLU A 8 -2.32 6.05 -6.31
C GLU A 8 -3.45 5.04 -6.12
N GLU A 9 -3.62 4.15 -7.08
CA GLU A 9 -4.68 3.13 -7.02
C GLU A 9 -4.43 2.13 -5.91
N LYS A 10 -3.17 1.83 -5.64
CA LYS A 10 -2.81 0.87 -4.60
C LYS A 10 -3.29 1.34 -3.22
N VAL A 11 -3.09 2.61 -2.93
CA VAL A 11 -3.49 3.19 -1.65
C VAL A 11 -4.99 3.06 -1.43
N LYS A 12 -5.76 2.97 -2.52
CA LYS A 12 -7.21 2.85 -2.42
C LYS A 12 -7.60 1.46 -1.92
N ALA A 13 -7.19 0.43 -2.64
CA ALA A 13 -7.49 -0.94 -2.28
C ALA A 13 -6.77 -1.34 -0.99
N LEU A 14 -5.66 -0.66 -0.70
CA LEU A 14 -4.86 -0.96 0.47
C LEU A 14 -5.61 -0.68 1.78
N GLU A 15 -6.17 0.51 1.92
CA GLU A 15 -6.89 0.89 3.14
C GLU A 15 -8.32 0.32 3.16
N GLU A 16 -9.11 0.72 2.17
CA GLU A 16 -10.50 0.30 2.07
C GLU A 16 -10.69 -1.21 2.27
N LYS A 17 -9.74 -2.00 1.77
CA LYS A 17 -9.83 -3.45 1.90
C LYS A 17 -9.61 -3.87 3.35
N VAL A 18 -8.73 -3.17 4.05
CA VAL A 18 -8.43 -3.48 5.43
C VAL A 18 -9.49 -2.89 6.36
N LYS A 19 -9.89 -1.67 6.10
CA LYS A 19 -10.91 -1.00 6.91
C LYS A 19 -12.22 -1.77 6.89
N ALA A 20 -12.42 -2.55 5.82
CA ALA A 20 -13.64 -3.34 5.68
C ALA A 20 -13.45 -4.76 6.16
N LEU A 21 -12.20 -5.20 6.25
CA LEU A 21 -11.89 -6.55 6.71
C LEU A 21 -11.99 -6.65 8.22
N GLY A 22 -11.43 -5.66 8.91
CA GLY A 22 -11.47 -5.65 10.36
C GLY A 22 -10.10 -5.46 10.97
N GLY A 23 -9.61 -6.49 11.65
CA GLY A 23 -8.31 -6.41 12.28
C GLY A 23 -8.11 -7.46 13.36
N GLY A 24 -7.10 -8.29 13.21
CA GLY A 24 -6.83 -9.33 14.19
C GLY A 24 -5.34 -9.56 14.41
N GLY A 25 -4.86 -10.70 13.96
CA GLY A 25 -3.45 -11.02 14.12
C GLY A 25 -2.65 -10.78 12.84
N ARG A 26 -3.19 -11.23 11.72
CA ARG A 26 -2.53 -11.07 10.43
C ARG A 26 -2.55 -9.60 9.99
N ILE A 27 -3.62 -8.91 10.35
CA ILE A 27 -3.77 -7.50 10.00
C ILE A 27 -2.91 -6.60 10.89
N GLU A 28 -2.58 -7.09 12.08
CA GLU A 28 -1.77 -6.33 13.03
C GLU A 28 -0.46 -5.88 12.38
N GLU A 29 0.30 -6.84 11.86
CA GLU A 29 1.57 -6.54 11.22
C GLU A 29 1.37 -5.98 9.82
N LEU A 30 0.28 -6.38 9.18
CA LEU A 30 -0.04 -5.92 7.83
C LEU A 30 -0.40 -4.43 7.84
N LYS A 31 -0.93 -3.96 8.96
CA LYS A 31 -1.32 -2.56 9.08
C LYS A 31 -0.10 -1.65 9.06
N LYS A 32 0.88 -1.95 9.90
CA LYS A 32 2.11 -1.16 9.99
C LYS A 32 2.73 -0.96 8.62
N LYS A 33 2.55 -1.94 7.73
CA LYS A 33 3.10 -1.88 6.39
C LYS A 33 2.22 -1.02 5.48
N CYS A 34 0.94 -0.91 5.82
CA CYS A 34 0.00 -0.12 5.05
C CYS A 34 0.15 1.38 5.31
N GLU A 35 -0.05 1.76 6.57
CA GLU A 35 0.06 3.17 6.97
C GLU A 35 1.41 3.77 6.60
N GLU A 36 2.43 2.92 6.50
CA GLU A 36 3.77 3.40 6.15
C GLU A 36 3.87 3.62 4.65
N LEU A 37 3.09 2.86 3.90
CA LEU A 37 3.07 2.96 2.44
C LEU A 37 2.37 4.23 2.00
N LYS A 38 1.29 4.56 2.70
CA LYS A 38 0.49 5.75 2.39
C LYS A 38 1.22 7.03 2.78
N LYS A 39 2.07 6.94 3.81
CA LYS A 39 2.82 8.09 4.29
C LYS A 39 3.98 8.44 3.37
N LYS A 40 4.57 7.43 2.74
CA LYS A 40 5.71 7.64 1.85
C LYS A 40 5.29 8.26 0.53
N ILE A 41 4.16 7.83 -0.01
CA ILE A 41 3.67 8.35 -1.29
C ILE A 41 3.35 9.85 -1.20
N GLU A 42 2.63 10.23 -0.15
CA GLU A 42 2.25 11.63 0.05
C GLU A 42 3.44 12.47 0.52
N GLU A 43 4.47 11.82 1.05
CA GLU A 43 5.65 12.52 1.53
C GLU A 43 6.73 12.60 0.46
N LEU A 44 7.03 11.47 -0.15
CA LEU A 44 8.06 11.41 -1.19
C LEU A 44 7.78 12.42 -2.30
N GLY A 45 8.84 13.06 -2.78
CA GLY A 45 8.69 14.04 -3.84
C GLY A 45 9.77 13.92 -4.90
N GLY A 46 10.36 12.73 -5.00
CA GLY A 46 11.41 12.52 -5.98
C GLY A 46 12.50 11.59 -5.48
N GLY A 47 12.80 11.70 -4.19
CA GLY A 47 13.84 10.86 -3.60
C GLY A 47 13.34 9.46 -3.29
N GLY A 48 12.10 9.37 -2.82
CA GLY A 48 11.52 8.08 -2.49
C GLY A 48 11.35 7.19 -3.71
N GLU A 49 11.43 7.79 -4.90
CA GLU A 49 11.27 7.04 -6.15
C GLU A 49 9.85 6.52 -6.29
N VAL A 50 9.30 6.65 -7.49
CA VAL A 50 7.94 6.19 -7.77
C VAL A 50 7.92 4.72 -8.15
N LYS A 51 9.00 4.25 -8.77
CA LYS A 51 9.10 2.85 -9.19
C LYS A 51 9.41 1.94 -8.00
N LYS A 52 10.03 2.49 -6.97
CA LYS A 52 10.38 1.72 -5.78
C LYS A 52 9.16 1.49 -4.89
N VAL A 53 8.18 2.38 -4.99
CA VAL A 53 6.97 2.29 -4.17
C VAL A 53 5.98 1.28 -4.75
N GLU A 54 5.88 1.25 -6.08
CA GLU A 54 4.96 0.34 -6.75
C GLU A 54 5.43 -1.11 -6.62
N GLU A 55 6.74 -1.29 -6.55
CA GLU A 55 7.32 -2.62 -6.43
C GLU A 55 7.15 -3.18 -5.02
N GLU A 56 7.32 -2.31 -4.02
CA GLU A 56 7.19 -2.73 -2.63
C GLU A 56 5.73 -3.00 -2.28
N VAL A 57 4.85 -2.09 -2.68
CA VAL A 57 3.42 -2.22 -2.40
C VAL A 57 2.87 -3.52 -3.00
N LYS A 58 3.49 -3.97 -4.09
CA LYS A 58 3.05 -5.19 -4.76
C LYS A 58 2.99 -6.37 -3.78
N LYS A 59 3.80 -6.29 -2.74
CA LYS A 59 3.84 -7.35 -1.72
C LYS A 59 2.67 -7.20 -0.76
N LEU A 60 2.25 -5.96 -0.52
CA LEU A 60 1.14 -5.69 0.38
C LEU A 60 -0.19 -6.02 -0.29
N GLU A 61 -0.40 -5.46 -1.48
CA GLU A 61 -1.64 -5.69 -2.22
C GLU A 61 -1.83 -7.17 -2.53
N GLU A 62 -0.73 -7.91 -2.56
CA GLU A 62 -0.79 -9.35 -2.84
C GLU A 62 -1.60 -10.09 -1.77
N GLU A 63 -1.47 -9.64 -0.53
CA GLU A 63 -2.20 -10.27 0.57
C GLU A 63 -3.66 -9.84 0.56
N ILE A 64 -3.91 -8.64 0.05
CA ILE A 64 -5.26 -8.10 -0.02
C ILE A 64 -6.13 -8.89 -1.00
N LYS A 65 -5.49 -9.52 -1.98
CA LYS A 65 -6.21 -10.31 -2.97
C LYS A 65 -7.00 -11.42 -2.30
N LYS A 66 -6.45 -11.95 -1.21
CA LYS A 66 -7.10 -13.03 -0.47
C LYS A 66 -8.07 -12.46 0.58
N LEU A 67 -7.79 -11.25 1.04
CA LEU A 67 -8.64 -10.60 2.04
C LEU A 67 -8.76 -9.11 1.76
C1 HTU B . -6.77 0.69 7.34
O1 HTU B . -7.19 -0.97 8.99
S1 HTU B . -3.75 1.30 4.74
C2 HTU B . -5.97 1.21 6.35
C3 HTU B . -4.77 0.61 5.98
C4 HTU B . -4.41 -0.55 6.67
C5 HTU B . -5.21 -1.07 7.65
C6 HTU B . -6.39 -0.45 7.99
H1 HTU B . -7.69 1.19 7.60
H2 HTU B . -6.27 2.11 5.83
H4 HTU B . -3.50 -1.04 6.40
H5 HTU B . -4.92 -1.97 8.16
HO1 HTU B . -8.01 -1.29 8.60
N GLY A 1 4.45 3.02 -19.10
CA GLY A 1 4.75 2.54 -17.72
C GLY A 1 4.20 3.46 -16.65
N SER A 2 3.16 3.00 -15.96
CA SER A 2 2.53 3.80 -14.91
C SER A 2 3.20 3.55 -13.56
N ARG A 3 4.07 4.47 -13.15
CA ARG A 3 4.78 4.34 -11.89
C ARG A 3 3.92 4.84 -10.74
N VAL A 4 3.41 6.05 -10.86
CA VAL A 4 2.56 6.65 -9.83
C VAL A 4 1.14 6.09 -9.90
N LYS A 5 0.68 5.81 -11.11
CA LYS A 5 -0.67 5.26 -11.30
C LYS A 5 -0.87 4.03 -10.43
N ALA A 6 0.20 3.30 -10.19
CA ALA A 6 0.16 2.10 -9.35
C ALA A 6 0.17 2.48 -7.88
N LEU A 7 0.73 3.65 -7.58
CA LEU A 7 0.81 4.15 -6.21
C LEU A 7 -0.50 4.78 -5.76
N GLU A 8 -1.10 5.57 -6.65
CA GLU A 8 -2.35 6.26 -6.35
C GLU A 8 -3.53 5.30 -6.22
N GLU A 9 -3.50 4.22 -7.00
CA GLU A 9 -4.60 3.24 -6.98
C GLU A 9 -4.48 2.31 -5.77
N LYS A 10 -3.38 1.59 -5.69
CA LYS A 10 -3.15 0.65 -4.59
C LYS A 10 -3.45 1.27 -3.23
N VAL A 11 -3.12 2.55 -3.09
CA VAL A 11 -3.36 3.25 -1.82
C VAL A 11 -4.83 3.16 -1.41
N LYS A 12 -5.71 3.00 -2.39
CA LYS A 12 -7.13 2.90 -2.12
C LYS A 12 -7.47 1.49 -1.62
N ALA A 13 -6.93 0.49 -2.29
CA ALA A 13 -7.17 -0.90 -1.91
C ALA A 13 -6.36 -1.28 -0.68
N LEU A 14 -5.27 -0.55 -0.45
CA LEU A 14 -4.40 -0.82 0.68
C LEU A 14 -5.08 -0.50 2.01
N GLU A 15 -5.56 0.74 2.15
CA GLU A 15 -6.21 1.16 3.39
C GLU A 15 -7.67 0.73 3.46
N GLU A 16 -8.47 1.17 2.49
CA GLU A 16 -9.90 0.85 2.46
C GLU A 16 -10.18 -0.64 2.56
N LYS A 17 -9.65 -1.42 1.61
CA LYS A 17 -9.89 -2.86 1.60
C LYS A 17 -9.62 -3.50 2.97
N VAL A 18 -8.68 -2.93 3.72
CA VAL A 18 -8.36 -3.45 5.04
C VAL A 18 -9.35 -2.95 6.09
N LYS A 19 -9.96 -1.80 5.81
CA LYS A 19 -10.92 -1.21 6.74
C LYS A 19 -12.22 -2.01 6.77
N ALA A 20 -12.51 -2.73 5.69
CA ALA A 20 -13.73 -3.53 5.61
C ALA A 20 -13.48 -4.98 5.99
N LEU A 21 -12.21 -5.38 6.05
CA LEU A 21 -11.86 -6.74 6.40
C LEU A 21 -12.08 -7.00 7.88
N GLY A 22 -11.64 -6.06 8.72
CA GLY A 22 -11.79 -6.21 10.15
C GLY A 22 -10.46 -6.24 10.88
N GLY A 23 -10.07 -7.43 11.33
CA GLY A 23 -8.81 -7.58 12.04
C GLY A 23 -8.72 -8.90 12.80
N GLY A 24 -7.50 -9.32 13.09
CA GLY A 24 -7.30 -10.56 13.81
C GLY A 24 -5.85 -10.81 14.16
N GLY A 25 -5.09 -11.36 13.22
CA GLY A 25 -3.68 -11.63 13.46
C GLY A 25 -2.80 -11.15 12.32
N ARG A 26 -2.96 -11.78 11.16
CA ARG A 26 -2.17 -11.41 9.98
C ARG A 26 -2.39 -9.94 9.62
N ILE A 27 -3.51 -9.39 10.05
CA ILE A 27 -3.84 -7.99 9.77
C ILE A 27 -3.02 -7.04 10.64
N GLU A 28 -2.57 -7.53 11.80
CA GLU A 28 -1.79 -6.72 12.72
C GLU A 28 -0.58 -6.10 12.02
N GLU A 29 0.25 -6.94 11.42
CA GLU A 29 1.44 -6.47 10.71
C GLU A 29 1.08 -5.89 9.35
N LEU A 30 -0.02 -6.38 8.78
CA LEU A 30 -0.47 -5.92 7.47
C LEU A 30 -0.72 -4.41 7.46
N LYS A 31 -1.40 -3.92 8.49
CA LYS A 31 -1.71 -2.49 8.60
C LYS A 31 -0.44 -1.66 8.76
N LYS A 32 0.49 -2.16 9.57
CA LYS A 32 1.74 -1.46 9.82
C LYS A 32 2.43 -1.11 8.50
N LYS A 33 2.29 -1.99 7.51
CA LYS A 33 2.88 -1.79 6.20
C LYS A 33 2.02 -0.87 5.35
N CYS A 34 0.74 -0.79 5.68
CA CYS A 34 -0.20 0.05 4.94
C CYS A 34 -0.03 1.53 5.31
N GLU A 35 -0.21 1.85 6.58
CA GLU A 35 -0.09 3.22 7.07
C GLU A 35 1.24 3.85 6.67
N GLU A 36 2.28 3.03 6.59
CA GLU A 36 3.60 3.54 6.22
C GLU A 36 3.69 3.75 4.72
N LEU A 37 2.95 2.93 3.98
CA LEU A 37 2.93 3.02 2.52
C LEU A 37 2.26 4.32 2.08
N LYS A 38 1.12 4.62 2.70
CA LYS A 38 0.37 5.82 2.37
C LYS A 38 1.15 7.09 2.74
N LYS A 39 2.00 6.98 3.76
CA LYS A 39 2.79 8.13 4.21
C LYS A 39 3.90 8.47 3.21
N LYS A 40 4.42 7.45 2.52
CA LYS A 40 5.49 7.65 1.56
C LYS A 40 4.99 8.40 0.32
N ILE A 41 3.96 7.86 -0.32
CA ILE A 41 3.39 8.47 -1.52
C ILE A 41 2.92 9.90 -1.24
N GLU A 42 2.52 10.15 0.00
CA GLU A 42 2.03 11.47 0.39
C GLU A 42 3.20 12.47 0.46
N GLU A 43 4.37 11.97 0.81
CA GLU A 43 5.56 12.82 0.91
C GLU A 43 6.33 12.86 -0.41
N LEU A 44 6.23 11.77 -1.18
CA LEU A 44 6.93 11.67 -2.45
C LEU A 44 6.50 12.80 -3.39
N GLY A 45 7.17 13.94 -3.29
CA GLY A 45 6.84 15.07 -4.13
C GLY A 45 7.73 15.15 -5.36
N GLY A 46 8.96 14.65 -5.23
CA GLY A 46 9.89 14.68 -6.34
C GLY A 46 10.91 13.57 -6.26
N GLY A 47 11.46 13.34 -5.09
CA GLY A 47 12.44 12.29 -4.90
C GLY A 47 11.87 11.06 -4.24
N GLY A 48 12.74 10.12 -3.88
CA GLY A 48 12.29 8.90 -3.23
C GLY A 48 12.00 7.78 -4.22
N GLU A 49 12.06 8.10 -5.51
CA GLU A 49 11.80 7.11 -6.55
C GLU A 49 10.36 6.61 -6.48
N VAL A 50 9.67 6.65 -7.62
CA VAL A 50 8.29 6.21 -7.70
C VAL A 50 8.20 4.70 -7.95
N LYS A 51 9.18 4.17 -8.68
CA LYS A 51 9.20 2.74 -9.00
C LYS A 51 9.49 1.89 -7.76
N LYS A 52 10.05 2.51 -6.73
CA LYS A 52 10.37 1.79 -5.50
C LYS A 52 9.13 1.53 -4.66
N VAL A 53 8.12 2.38 -4.80
CA VAL A 53 6.87 2.24 -4.06
C VAL A 53 5.93 1.23 -4.71
N GLU A 54 5.82 1.28 -6.03
CA GLU A 54 4.94 0.38 -6.77
C GLU A 54 5.39 -1.07 -6.64
N GLU A 55 6.69 -1.28 -6.55
CA GLU A 55 7.24 -2.64 -6.44
C GLU A 55 7.07 -3.20 -5.03
N GLU A 56 7.38 -2.38 -4.02
CA GLU A 56 7.27 -2.81 -2.64
C GLU A 56 5.82 -3.12 -2.26
N VAL A 57 4.89 -2.33 -2.80
CA VAL A 57 3.47 -2.52 -2.51
C VAL A 57 2.97 -3.85 -3.07
N LYS A 58 3.62 -4.34 -4.12
CA LYS A 58 3.23 -5.60 -4.76
C LYS A 58 3.07 -6.70 -3.71
N LYS A 59 3.86 -6.62 -2.64
CA LYS A 59 3.80 -7.61 -1.58
C LYS A 59 2.62 -7.36 -0.65
N LEU A 60 2.23 -6.10 -0.52
CA LEU A 60 1.11 -5.72 0.34
C LEU A 60 -0.23 -5.99 -0.35
N GLU A 61 -0.39 -5.48 -1.57
CA GLU A 61 -1.63 -5.65 -2.32
C GLU A 61 -2.02 -7.12 -2.41
N GLU A 62 -1.08 -7.96 -2.84
CA GLU A 62 -1.32 -9.39 -2.97
C GLU A 62 -1.83 -9.98 -1.66
N GLU A 63 -1.40 -9.40 -0.55
CA GLU A 63 -1.79 -9.86 0.77
C GLU A 63 -3.23 -9.45 1.08
N ILE A 64 -3.71 -8.42 0.40
CA ILE A 64 -5.06 -7.93 0.62
C ILE A 64 -6.09 -8.87 -0.01
N LYS A 65 -5.71 -9.49 -1.13
CA LYS A 65 -6.60 -10.41 -1.83
C LYS A 65 -7.00 -11.57 -0.92
N LYS A 66 -6.11 -11.91 0.01
CA LYS A 66 -6.37 -13.02 0.94
C LYS A 66 -7.24 -12.56 2.10
N LEU A 67 -7.22 -11.25 2.37
CA LEU A 67 -8.02 -10.69 3.47
C LEU A 67 -8.75 -9.43 3.00
C1 HTU B . -7.16 0.33 7.25
O1 HTU B . -7.66 -1.58 8.58
S1 HTU B . -3.73 1.77 5.70
C2 HTU B . -6.25 1.11 6.58
C3 HTU B . -4.89 0.78 6.54
C4 HTU B . -4.50 -0.38 7.21
C5 HTU B . -5.42 -1.16 7.89
C6 HTU B . -6.74 -0.80 7.90
H1 HTU B . -8.20 0.61 7.26
H2 HTU B . -6.57 2.00 6.07
H4 HTU B . -3.47 -0.67 7.20
H5 HTU B . -5.08 -2.05 8.39
HO1 HTU B . -8.47 -1.63 8.08
N GLY A 1 5.34 0.32 -17.18
CA GLY A 1 4.81 1.50 -17.91
C GLY A 1 4.22 2.55 -16.98
N SER A 2 3.45 2.09 -16.00
CA SER A 2 2.83 3.00 -15.04
C SER A 2 3.38 2.78 -13.64
N ARG A 3 4.27 3.68 -13.22
CA ARG A 3 4.87 3.59 -11.90
C ARG A 3 3.98 4.24 -10.85
N VAL A 4 3.59 5.50 -11.11
CA VAL A 4 2.74 6.24 -10.20
C VAL A 4 1.31 5.70 -10.23
N LYS A 5 0.83 5.37 -11.42
CA LYS A 5 -0.52 4.84 -11.58
C LYS A 5 -0.74 3.67 -10.62
N ALA A 6 0.33 2.94 -10.34
CA ALA A 6 0.27 1.80 -9.43
C ALA A 6 0.29 2.28 -7.98
N LEU A 7 0.86 3.45 -7.74
CA LEU A 7 0.96 4.02 -6.40
C LEU A 7 -0.35 4.70 -5.99
N GLU A 8 -0.97 5.39 -6.93
CA GLU A 8 -2.21 6.11 -6.66
C GLU A 8 -3.38 5.15 -6.40
N GLU A 9 -3.49 4.11 -7.22
CA GLU A 9 -4.56 3.14 -7.09
C GLU A 9 -4.33 2.17 -5.94
N LYS A 10 -3.07 1.92 -5.62
CA LYS A 10 -2.71 1.00 -4.54
C LYS A 10 -3.14 1.52 -3.17
N VAL A 11 -2.94 2.82 -2.95
CA VAL A 11 -3.28 3.44 -1.68
C VAL A 11 -4.78 3.35 -1.39
N LYS A 12 -5.59 3.24 -2.44
CA LYS A 12 -7.04 3.16 -2.26
C LYS A 12 -7.46 1.75 -1.83
N ALA A 13 -6.80 0.75 -2.41
CA ALA A 13 -7.10 -0.64 -2.09
C ALA A 13 -6.38 -1.06 -0.81
N LEU A 14 -5.29 -0.38 -0.51
CA LEU A 14 -4.50 -0.67 0.68
C LEU A 14 -5.27 -0.36 1.96
N GLU A 15 -5.74 0.87 2.08
CA GLU A 15 -6.47 1.29 3.27
C GLU A 15 -7.93 0.84 3.27
N GLU A 16 -8.65 1.17 2.20
CA GLU A 16 -10.07 0.82 2.09
C GLU A 16 -10.33 -0.66 2.36
N LYS A 17 -9.42 -1.52 1.90
CA LYS A 17 -9.59 -2.95 2.09
C LYS A 17 -9.37 -3.35 3.55
N VAL A 18 -8.31 -2.81 4.16
CA VAL A 18 -8.01 -3.11 5.55
C VAL A 18 -9.09 -2.60 6.47
N LYS A 19 -9.62 -1.42 6.16
CA LYS A 19 -10.67 -0.81 6.97
C LYS A 19 -11.96 -1.60 6.85
N ALA A 20 -12.13 -2.31 5.74
CA ALA A 20 -13.32 -3.12 5.51
C ALA A 20 -13.10 -4.58 5.89
N LEU A 21 -11.84 -4.95 6.08
CA LEU A 21 -11.51 -6.33 6.45
C LEU A 21 -11.74 -6.55 7.94
N GLY A 22 -11.28 -5.60 8.75
CA GLY A 22 -11.43 -5.71 10.19
C GLY A 22 -10.11 -5.70 10.92
N GLY A 23 -9.66 -6.87 11.35
CA GLY A 23 -8.40 -6.97 12.06
C GLY A 23 -8.08 -8.39 12.47
N GLY A 24 -6.84 -8.61 12.91
CA GLY A 24 -6.42 -9.95 13.33
C GLY A 24 -4.92 -10.10 13.34
N GLY A 25 -4.45 -11.34 13.54
CA GLY A 25 -3.03 -11.60 13.57
C GLY A 25 -2.32 -11.17 12.30
N ARG A 26 -2.71 -11.75 11.18
CA ARG A 26 -2.11 -11.42 9.89
C ARG A 26 -2.29 -9.94 9.57
N ILE A 27 -3.35 -9.35 10.10
CA ILE A 27 -3.62 -7.93 9.86
C ILE A 27 -2.71 -7.04 10.70
N GLU A 28 -2.26 -7.56 11.84
CA GLU A 28 -1.37 -6.81 12.73
C GLU A 28 -0.20 -6.22 11.96
N GLU A 29 0.54 -7.08 11.26
CA GLU A 29 1.70 -6.63 10.49
C GLU A 29 1.26 -6.00 9.17
N LEU A 30 0.09 -6.42 8.68
CA LEU A 30 -0.44 -5.89 7.43
C LEU A 30 -0.64 -4.38 7.52
N LYS A 31 -0.99 -3.90 8.71
CA LYS A 31 -1.21 -2.47 8.92
C LYS A 31 0.11 -1.71 8.88
N LYS A 32 1.09 -2.20 9.62
CA LYS A 32 2.41 -1.56 9.68
C LYS A 32 2.94 -1.25 8.29
N LYS A 33 2.60 -2.11 7.33
CA LYS A 33 3.05 -1.93 5.95
C LYS A 33 2.19 -0.91 5.22
N CYS A 34 0.95 -0.74 5.67
CA CYS A 34 0.02 0.21 5.07
C CYS A 34 0.37 1.65 5.45
N GLU A 35 0.34 1.91 6.76
CA GLU A 35 0.65 3.25 7.28
C GLU A 35 1.92 3.82 6.67
N GLU A 36 2.88 2.94 6.38
CA GLU A 36 4.15 3.38 5.79
C GLU A 36 4.00 3.61 4.29
N LEU A 37 3.09 2.86 3.67
CA LEU A 37 2.86 2.98 2.24
C LEU A 37 1.98 4.19 1.90
N LYS A 38 0.92 4.38 2.68
CA LYS A 38 0.00 5.49 2.45
C LYS A 38 0.62 6.83 2.85
N LYS A 39 1.54 6.79 3.80
CA LYS A 39 2.22 7.99 4.29
C LYS A 39 3.33 8.43 3.34
N LYS A 40 3.96 7.47 2.68
CA LYS A 40 5.06 7.76 1.75
C LYS A 40 4.56 8.49 0.52
N ILE A 41 3.60 7.90 -0.18
CA ILE A 41 3.05 8.49 -1.40
C ILE A 41 2.37 9.83 -1.11
N GLU A 42 1.78 9.94 0.08
CA GLU A 42 1.10 11.17 0.48
C GLU A 42 2.08 12.31 0.71
N GLU A 43 3.32 11.97 1.07
CA GLU A 43 4.34 12.97 1.34
C GLU A 43 5.18 13.22 0.09
N LEU A 44 5.66 12.15 -0.53
CA LEU A 44 6.49 12.27 -1.72
C LEU A 44 5.71 12.90 -2.88
N GLY A 45 6.38 13.74 -3.65
CA GLY A 45 5.74 14.40 -4.77
C GLY A 45 6.50 14.18 -6.08
N GLY A 46 7.82 14.25 -6.00
CA GLY A 46 8.65 14.05 -7.18
C GLY A 46 9.98 13.43 -6.87
N GLY A 47 10.04 12.66 -5.78
CA GLY A 47 11.28 12.01 -5.39
C GLY A 47 11.04 10.69 -4.67
N GLY A 48 12.09 10.18 -4.04
CA GLY A 48 11.98 8.91 -3.32
C GLY A 48 11.74 7.73 -4.25
N GLU A 49 11.92 7.95 -5.55
CA GLU A 49 11.72 6.88 -6.53
C GLU A 49 10.27 6.40 -6.53
N VAL A 50 9.67 6.37 -7.71
CA VAL A 50 8.29 5.93 -7.86
C VAL A 50 8.20 4.40 -8.01
N LYS A 51 9.26 3.81 -8.54
CA LYS A 51 9.29 2.36 -8.75
C LYS A 51 9.55 1.62 -7.44
N LYS A 52 10.08 2.31 -6.45
CA LYS A 52 10.37 1.71 -5.15
C LYS A 52 9.09 1.48 -4.35
N VAL A 53 8.09 2.30 -4.60
CA VAL A 53 6.81 2.20 -3.88
C VAL A 53 5.92 1.13 -4.50
N GLU A 54 5.76 1.16 -5.82
CA GLU A 54 4.92 0.19 -6.52
C GLU A 54 5.39 -1.23 -6.26
N GLU A 55 6.71 -1.39 -6.11
CA GLU A 55 7.28 -2.70 -5.86
C GLU A 55 7.11 -3.10 -4.39
N GLU A 56 7.16 -2.11 -3.52
CA GLU A 56 7.01 -2.34 -2.08
C GLU A 56 5.56 -2.70 -1.74
N VAL A 57 4.63 -2.03 -2.40
CA VAL A 57 3.21 -2.27 -2.18
C VAL A 57 2.76 -3.60 -2.80
N LYS A 58 3.48 -4.03 -3.82
CA LYS A 58 3.16 -5.29 -4.50
C LYS A 58 2.98 -6.43 -3.50
N LYS A 59 3.67 -6.33 -2.37
CA LYS A 59 3.59 -7.35 -1.33
C LYS A 59 2.32 -7.20 -0.51
N LEU A 60 1.86 -5.96 -0.36
CA LEU A 60 0.66 -5.67 0.41
C LEU A 60 -0.60 -5.95 -0.39
N GLU A 61 -0.64 -5.44 -1.63
CA GLU A 61 -1.80 -5.64 -2.50
C GLU A 61 -2.13 -7.13 -2.65
N GLU A 62 -1.12 -7.93 -2.97
CA GLU A 62 -1.29 -9.36 -3.14
C GLU A 62 -1.92 -9.98 -1.89
N GLU A 63 -1.64 -9.39 -0.74
CA GLU A 63 -2.16 -9.86 0.53
C GLU A 63 -3.64 -9.50 0.67
N ILE A 64 -4.07 -8.46 -0.06
CA ILE A 64 -5.45 -8.02 -0.02
C ILE A 64 -6.36 -8.98 -0.79
N LYS A 65 -5.81 -9.58 -1.83
CA LYS A 65 -6.56 -10.52 -2.66
C LYS A 65 -7.17 -11.64 -1.81
N LYS A 66 -6.51 -11.96 -0.70
CA LYS A 66 -6.98 -13.01 0.19
C LYS A 66 -7.94 -12.45 1.25
N LEU A 67 -7.69 -11.21 1.66
CA LEU A 67 -8.52 -10.56 2.66
C LEU A 67 -8.89 -9.14 2.23
C1 HTU B . -5.22 -0.38 8.00
O1 HTU B . -7.36 -0.43 9.04
S1 HTU B . -3.60 1.98 5.16
C2 HTU B . -4.34 0.18 7.09
C3 HTU B . -4.70 1.26 6.30
C4 HTU B . -6.00 1.75 6.47
C5 HTU B . -6.88 1.19 7.37
C6 HTU B . -6.49 0.13 8.13
H1 HTU B . -4.91 -1.22 8.60
H2 HTU B . -3.35 -0.23 7.00
H4 HTU B . -6.31 2.59 5.87
H5 HTU B . -7.88 1.60 7.48
HO1 HTU B . -8.18 -0.66 8.59
N GLY A 1 5.20 4.71 -18.50
CA GLY A 1 3.89 4.01 -18.51
C GLY A 1 2.97 4.46 -17.40
N SER A 2 3.21 3.96 -16.19
CA SER A 2 2.40 4.32 -15.04
C SER A 2 3.28 4.79 -13.88
N ARG A 3 3.94 3.84 -13.22
CA ARG A 3 4.81 4.15 -12.09
C ARG A 3 4.00 4.66 -10.90
N VAL A 4 3.40 5.84 -11.06
CA VAL A 4 2.59 6.43 -10.00
C VAL A 4 1.17 5.88 -10.04
N LYS A 5 0.69 5.57 -11.25
CA LYS A 5 -0.66 5.03 -11.40
C LYS A 5 -0.83 3.80 -10.51
N ALA A 6 0.27 3.09 -10.28
CA ALA A 6 0.25 1.91 -9.42
C ALA A 6 0.26 2.31 -7.96
N LEU A 7 0.80 3.49 -7.68
CA LEU A 7 0.88 4.01 -6.31
C LEU A 7 -0.44 4.63 -5.88
N GLU A 8 -1.05 5.39 -6.78
CA GLU A 8 -2.31 6.07 -6.49
C GLU A 8 -3.47 5.09 -6.33
N GLU A 9 -3.43 4.00 -7.08
CA GLU A 9 -4.50 3.01 -7.04
C GLU A 9 -4.38 2.09 -5.81
N LYS A 10 -3.26 1.39 -5.72
CA LYS A 10 -3.03 0.46 -4.61
C LYS A 10 -3.32 1.09 -3.25
N VAL A 11 -2.98 2.36 -3.10
CA VAL A 11 -3.21 3.07 -1.85
C VAL A 11 -4.69 3.08 -1.49
N LYS A 12 -5.57 3.01 -2.49
CA LYS A 12 -7.01 3.00 -2.24
C LYS A 12 -7.46 1.62 -1.78
N ALA A 13 -6.85 0.58 -2.35
CA ALA A 13 -7.18 -0.79 -2.00
C ALA A 13 -6.44 -1.20 -0.73
N LEU A 14 -5.32 -0.54 -0.46
CA LEU A 14 -4.51 -0.85 0.70
C LEU A 14 -5.24 -0.52 2.00
N GLU A 15 -5.69 0.73 2.13
CA GLU A 15 -6.39 1.18 3.32
C GLU A 15 -7.86 0.75 3.34
N GLU A 16 -8.59 1.09 2.29
CA GLU A 16 -10.02 0.79 2.21
C GLU A 16 -10.31 -0.69 2.47
N LYS A 17 -9.45 -1.57 1.98
CA LYS A 17 -9.65 -3.01 2.17
C LYS A 17 -9.41 -3.41 3.61
N VAL A 18 -8.27 -3.00 4.16
CA VAL A 18 -7.92 -3.33 5.54
C VAL A 18 -8.89 -2.70 6.51
N LYS A 19 -9.35 -1.49 6.20
CA LYS A 19 -10.29 -0.78 7.06
C LYS A 19 -11.65 -1.48 7.06
N ALA A 20 -11.94 -2.18 5.97
CA ALA A 20 -13.20 -2.89 5.85
C ALA A 20 -13.07 -4.36 6.24
N LEU A 21 -11.82 -4.85 6.27
CA LEU A 21 -11.57 -6.25 6.63
C LEU A 21 -11.63 -6.43 8.14
N GLY A 22 -11.00 -5.52 8.87
CA GLY A 22 -10.99 -5.60 10.32
C GLY A 22 -9.64 -5.99 10.88
N GLY A 23 -9.51 -7.24 11.31
CA GLY A 23 -8.25 -7.71 11.85
C GLY A 23 -8.26 -9.18 12.19
N GLY A 24 -7.09 -9.78 12.32
CA GLY A 24 -7.00 -11.19 12.64
C GLY A 24 -5.58 -11.72 12.56
N GLY A 25 -4.72 -11.23 13.44
CA GLY A 25 -3.34 -11.67 13.45
C GLY A 25 -2.54 -11.14 12.27
N ARG A 26 -2.66 -11.79 11.12
CA ARG A 26 -1.96 -11.37 9.92
C ARG A 26 -2.23 -9.90 9.60
N ILE A 27 -3.40 -9.42 10.02
CA ILE A 27 -3.78 -8.04 9.77
C ILE A 27 -3.05 -7.08 10.69
N GLU A 28 -2.69 -7.56 11.88
CA GLU A 28 -1.98 -6.74 12.86
C GLU A 28 -0.75 -6.08 12.24
N GLU A 29 0.14 -6.89 11.67
CA GLU A 29 1.35 -6.38 11.04
C GLU A 29 1.05 -5.78 9.67
N LEU A 30 -0.02 -6.26 9.05
CA LEU A 30 -0.42 -5.77 7.72
C LEU A 30 -0.60 -4.26 7.72
N LYS A 31 -1.29 -3.75 8.74
CA LYS A 31 -1.54 -2.32 8.85
C LYS A 31 -0.24 -1.54 8.97
N LYS A 32 0.70 -2.08 9.75
CA LYS A 32 1.99 -1.43 9.95
C LYS A 32 2.66 -1.11 8.62
N LYS A 33 2.46 -1.98 7.65
CA LYS A 33 3.05 -1.79 6.31
C LYS A 33 2.23 -0.81 5.49
N CYS A 34 0.95 -0.67 5.83
CA CYS A 34 0.05 0.23 5.12
C CYS A 34 0.36 1.69 5.47
N GLU A 35 0.24 2.01 6.75
CA GLU A 35 0.49 3.37 7.24
C GLU A 35 1.79 3.94 6.69
N GLU A 36 2.78 3.07 6.49
CA GLU A 36 4.08 3.50 5.97
C GLU A 36 4.02 3.69 4.45
N LEU A 37 3.15 2.91 3.81
CA LEU A 37 2.99 2.98 2.35
C LEU A 37 2.13 4.16 1.93
N LYS A 38 1.01 4.34 2.61
CA LYS A 38 0.08 5.42 2.30
C LYS A 38 0.65 6.78 2.70
N LYS A 39 1.49 6.78 3.73
CA LYS A 39 2.10 8.01 4.23
C LYS A 39 3.28 8.44 3.37
N LYS A 40 3.98 7.47 2.79
CA LYS A 40 5.14 7.75 1.95
C LYS A 40 4.74 8.47 0.66
N ILE A 41 3.84 7.88 -0.09
CA ILE A 41 3.40 8.45 -1.37
C ILE A 41 2.87 9.88 -1.18
N GLU A 42 2.00 10.06 -0.19
CA GLU A 42 1.41 11.38 0.08
C GLU A 42 2.50 12.41 0.40
N GLU A 43 3.62 11.94 0.94
CA GLU A 43 4.71 12.84 1.29
C GLU A 43 5.71 12.99 0.14
N LEU A 44 6.12 11.86 -0.42
CA LEU A 44 7.08 11.86 -1.53
C LEU A 44 6.47 12.48 -2.78
N GLY A 45 7.08 13.55 -3.27
CA GLY A 45 6.59 14.21 -4.46
C GLY A 45 7.55 14.12 -5.62
N GLY A 46 8.83 14.38 -5.35
CA GLY A 46 9.84 14.32 -6.38
C GLY A 46 10.87 13.24 -6.12
N GLY A 47 11.15 12.99 -4.84
CA GLY A 47 12.13 11.98 -4.49
C GLY A 47 11.49 10.73 -3.92
N GLY A 48 12.32 9.81 -3.43
CA GLY A 48 11.81 8.58 -2.86
C GLY A 48 11.59 7.50 -3.92
N GLU A 49 11.77 7.86 -5.18
CA GLU A 49 11.60 6.90 -6.28
C GLU A 49 10.15 6.42 -6.35
N VAL A 50 9.57 6.50 -7.54
CA VAL A 50 8.19 6.08 -7.75
C VAL A 50 8.10 4.59 -8.06
N LYS A 51 9.14 4.05 -8.70
CA LYS A 51 9.17 2.64 -9.07
C LYS A 51 9.46 1.76 -7.86
N LYS A 52 10.12 2.32 -6.85
CA LYS A 52 10.44 1.57 -5.64
C LYS A 52 9.23 1.43 -4.72
N VAL A 53 8.28 2.34 -4.86
CA VAL A 53 7.07 2.30 -4.03
C VAL A 53 6.05 1.32 -4.58
N GLU A 54 5.94 1.24 -5.90
CA GLU A 54 4.99 0.33 -6.55
C GLU A 54 5.43 -1.11 -6.38
N GLU A 55 6.73 -1.33 -6.35
CA GLU A 55 7.28 -2.69 -6.21
C GLU A 55 7.09 -3.20 -4.79
N GLU A 56 7.31 -2.33 -3.81
CA GLU A 56 7.15 -2.71 -2.40
C GLU A 56 5.70 -2.98 -2.07
N VAL A 57 4.81 -2.10 -2.51
CA VAL A 57 3.38 -2.26 -2.26
C VAL A 57 2.84 -3.54 -2.89
N LYS A 58 3.51 -4.00 -3.94
CA LYS A 58 3.09 -5.22 -4.62
C LYS A 58 2.97 -6.39 -3.65
N LYS A 59 3.74 -6.33 -2.56
CA LYS A 59 3.72 -7.37 -1.54
C LYS A 59 2.52 -7.20 -0.62
N LEU A 60 2.08 -5.96 -0.45
CA LEU A 60 0.93 -5.67 0.41
C LEU A 60 -0.38 -5.95 -0.32
N GLU A 61 -0.49 -5.44 -1.54
CA GLU A 61 -1.69 -5.61 -2.35
C GLU A 61 -1.94 -7.08 -2.67
N GLU A 62 -0.88 -7.88 -2.71
CA GLU A 62 -1.00 -9.30 -3.02
C GLU A 62 -1.79 -10.04 -1.94
N GLU A 63 -1.67 -9.59 -0.69
CA GLU A 63 -2.39 -10.21 0.41
C GLU A 63 -3.84 -9.77 0.46
N ILE A 64 -4.09 -8.54 -0.01
CA ILE A 64 -5.44 -7.99 -0.01
C ILE A 64 -6.35 -8.79 -0.93
N LYS A 65 -5.78 -9.35 -1.99
CA LYS A 65 -6.54 -10.14 -2.95
C LYS A 65 -7.26 -11.29 -2.24
N LYS A 66 -6.61 -11.84 -1.22
CA LYS A 66 -7.18 -12.95 -0.47
C LYS A 66 -8.16 -12.44 0.60
N LEU A 67 -7.94 -11.21 1.06
CA LEU A 67 -8.80 -10.61 2.08
C LEU A 67 -9.17 -9.18 1.71
C1 HTU B . -5.14 -0.73 7.96
O1 HTU B . -7.30 -1.04 8.90
S1 HTU B . -3.62 1.97 5.36
C2 HTU B . -4.28 -0.02 7.14
C3 HTU B . -4.70 1.08 6.40
C4 HTU B . -6.05 1.43 6.53
C5 HTU B . -6.91 0.73 7.36
C6 HTU B . -6.45 -0.34 8.07
H1 HTU B . -4.77 -1.57 8.51
H2 HTU B . -3.26 -0.34 7.05
H4 HTU B . -6.42 2.27 5.98
H5 HTU B . -7.94 1.04 7.45
HO1 HTU B . -7.08 -0.86 9.81
N GLY A 1 5.27 3.49 -18.01
CA GLY A 1 4.15 4.37 -18.43
C GLY A 1 3.45 5.01 -17.25
N SER A 2 3.08 4.21 -16.27
CA SER A 2 2.39 4.71 -15.07
C SER A 2 3.09 4.22 -13.80
N ARG A 3 4.02 5.02 -13.31
CA ARG A 3 4.76 4.67 -12.10
C ARG A 3 3.99 5.10 -10.86
N VAL A 4 3.46 6.31 -10.88
CA VAL A 4 2.69 6.84 -9.75
C VAL A 4 1.26 6.33 -9.79
N LYS A 5 0.73 6.15 -10.99
CA LYS A 5 -0.64 5.66 -11.15
C LYS A 5 -0.83 4.36 -10.37
N ALA A 6 0.25 3.59 -10.25
CA ALA A 6 0.21 2.33 -9.51
C ALA A 6 0.30 2.59 -8.01
N LEU A 7 0.91 3.72 -7.65
CA LEU A 7 1.08 4.09 -6.26
C LEU A 7 -0.18 4.71 -5.68
N GLU A 8 -0.78 5.63 -6.43
CA GLU A 8 -2.01 6.29 -5.99
C GLU A 8 -3.18 5.32 -5.92
N GLU A 9 -3.20 4.35 -6.82
CA GLU A 9 -4.26 3.37 -6.88
C GLU A 9 -4.08 2.29 -5.81
N LYS A 10 -2.83 2.04 -5.43
CA LYS A 10 -2.52 1.03 -4.43
C LYS A 10 -2.84 1.51 -3.01
N VAL A 11 -2.85 2.82 -2.81
CA VAL A 11 -3.13 3.39 -1.50
C VAL A 11 -4.62 3.26 -1.16
N LYS A 12 -5.45 3.19 -2.19
CA LYS A 12 -6.89 3.06 -1.99
C LYS A 12 -7.26 1.63 -1.63
N ALA A 13 -6.67 0.67 -2.35
CA ALA A 13 -6.92 -0.74 -2.10
C ALA A 13 -6.21 -1.21 -0.85
N LEU A 14 -5.13 -0.52 -0.48
CA LEU A 14 -4.34 -0.88 0.68
C LEU A 14 -5.10 -0.64 1.99
N GLU A 15 -5.57 0.60 2.18
CA GLU A 15 -6.29 0.96 3.40
C GLU A 15 -7.76 0.52 3.38
N GLU A 16 -8.50 1.02 2.39
CA GLU A 16 -9.93 0.70 2.26
C GLU A 16 -10.23 -0.78 2.38
N LYS A 17 -9.36 -1.63 1.84
CA LYS A 17 -9.57 -3.07 1.91
C LYS A 17 -9.34 -3.59 3.32
N VAL A 18 -8.29 -3.11 3.96
CA VAL A 18 -7.97 -3.54 5.33
C VAL A 18 -8.94 -2.93 6.34
N LYS A 19 -9.37 -1.70 6.07
CA LYS A 19 -10.30 -1.02 6.94
C LYS A 19 -11.66 -1.70 6.95
N ALA A 20 -11.99 -2.37 5.84
CA ALA A 20 -13.27 -3.06 5.72
C ALA A 20 -13.14 -4.54 6.06
N LEU A 21 -11.91 -5.05 6.12
CA LEU A 21 -11.67 -6.45 6.43
C LEU A 21 -11.75 -6.70 7.94
N GLY A 22 -11.09 -5.85 8.71
CA GLY A 22 -11.10 -5.98 10.16
C GLY A 22 -10.76 -7.38 10.61
N GLY A 23 -9.49 -7.59 11.00
CA GLY A 23 -9.06 -8.89 11.46
C GLY A 23 -8.53 -8.87 12.87
N GLY A 24 -7.35 -9.45 13.07
CA GLY A 24 -6.75 -9.48 14.39
C GLY A 24 -5.24 -9.37 14.35
N GLY A 25 -4.55 -10.47 14.60
CA GLY A 25 -3.10 -10.47 14.59
C GLY A 25 -2.53 -10.31 13.20
N ARG A 26 -3.11 -11.02 12.24
CA ARG A 26 -2.65 -10.96 10.86
C ARG A 26 -2.67 -9.53 10.33
N ILE A 27 -3.72 -8.79 10.68
CA ILE A 27 -3.86 -7.41 10.25
C ILE A 27 -2.94 -6.48 11.02
N GLU A 28 -2.54 -6.90 12.22
CA GLU A 28 -1.65 -6.10 13.07
C GLU A 28 -0.38 -5.71 12.31
N GLU A 29 0.32 -6.71 11.79
CA GLU A 29 1.54 -6.49 11.05
C GLU A 29 1.24 -6.00 9.63
N LEU A 30 0.07 -6.37 9.13
CA LEU A 30 -0.34 -5.99 7.78
C LEU A 30 -0.55 -4.48 7.68
N LYS A 31 -1.22 -3.90 8.67
CA LYS A 31 -1.49 -2.47 8.69
C LYS A 31 -0.19 -1.69 8.85
N LYS A 32 0.77 -2.25 9.58
CA LYS A 32 2.05 -1.61 9.80
C LYS A 32 2.71 -1.27 8.47
N LYS A 33 2.55 -2.17 7.50
CA LYS A 33 3.12 -1.98 6.17
C LYS A 33 2.26 -1.03 5.33
N CYS A 34 0.98 -0.94 5.68
CA CYS A 34 0.04 -0.08 4.98
C CYS A 34 0.26 1.39 5.34
N GLU A 35 0.11 1.69 6.63
CA GLU A 35 0.28 3.06 7.13
C GLU A 35 1.57 3.68 6.59
N GLU A 36 2.60 2.87 6.42
CA GLU A 36 3.88 3.35 5.91
C GLU A 36 3.83 3.52 4.39
N LEU A 37 3.00 2.72 3.74
CA LEU A 37 2.87 2.76 2.29
C LEU A 37 1.97 3.93 1.85
N LYS A 38 0.88 4.15 2.57
CA LYS A 38 -0.05 5.21 2.24
C LYS A 38 0.52 6.58 2.59
N LYS A 39 1.38 6.62 3.59
CA LYS A 39 1.99 7.88 4.03
C LYS A 39 3.15 8.28 3.13
N LYS A 40 3.84 7.30 2.56
CA LYS A 40 4.98 7.56 1.69
C LYS A 40 4.54 8.21 0.38
N ILE A 41 3.62 7.56 -0.33
CA ILE A 41 3.13 8.06 -1.60
C ILE A 41 2.46 9.42 -1.44
N GLU A 42 1.60 9.55 -0.43
CA GLU A 42 0.89 10.79 -0.18
C GLU A 42 1.86 11.93 0.15
N GLU A 43 3.04 11.57 0.63
CA GLU A 43 4.05 12.57 0.99
C GLU A 43 5.01 12.82 -0.16
N LEU A 44 5.55 11.74 -0.74
CA LEU A 44 6.49 11.85 -1.84
C LEU A 44 5.82 12.46 -3.08
N GLY A 45 6.52 13.38 -3.72
CA GLY A 45 5.99 14.03 -4.91
C GLY A 45 6.81 13.74 -6.15
N GLY A 46 8.11 13.51 -5.95
CA GLY A 46 8.99 13.22 -7.07
C GLY A 46 10.16 12.35 -6.67
N GLY A 47 10.79 12.67 -5.54
CA GLY A 47 11.92 11.89 -5.07
C GLY A 47 11.50 10.60 -4.41
N GLY A 48 12.46 9.89 -3.84
CA GLY A 48 12.17 8.63 -3.17
C GLY A 48 11.89 7.50 -4.15
N GLU A 49 12.08 7.76 -5.44
CA GLU A 49 11.84 6.76 -6.47
C GLU A 49 10.37 6.34 -6.50
N VAL A 50 9.77 6.38 -7.68
CA VAL A 50 8.37 6.00 -7.84
C VAL A 50 8.23 4.50 -8.07
N LYS A 51 9.19 3.92 -8.79
CA LYS A 51 9.17 2.49 -9.09
C LYS A 51 9.46 1.65 -7.84
N LYS A 52 10.06 2.29 -6.83
CA LYS A 52 10.40 1.59 -5.60
C LYS A 52 9.15 1.35 -4.75
N VAL A 53 8.15 2.20 -4.90
CA VAL A 53 6.91 2.07 -4.14
C VAL A 53 5.97 1.05 -4.76
N GLU A 54 5.74 1.17 -6.06
CA GLU A 54 4.84 0.25 -6.76
C GLU A 54 5.29 -1.19 -6.59
N GLU A 55 6.59 -1.42 -6.60
CA GLU A 55 7.15 -2.76 -6.44
C GLU A 55 7.02 -3.22 -5.00
N GLU A 56 7.21 -2.29 -4.06
CA GLU A 56 7.12 -2.60 -2.64
C GLU A 56 5.69 -2.95 -2.26
N VAL A 57 4.74 -2.12 -2.69
CA VAL A 57 3.33 -2.34 -2.39
C VAL A 57 2.85 -3.69 -2.95
N LYS A 58 3.52 -4.15 -4.00
CA LYS A 58 3.17 -5.43 -4.63
C LYS A 58 3.13 -6.56 -3.61
N LYS A 59 3.87 -6.39 -2.51
CA LYS A 59 3.92 -7.40 -1.46
C LYS A 59 2.69 -7.31 -0.56
N LEU A 60 2.23 -6.09 -0.32
CA LEU A 60 1.07 -5.86 0.52
C LEU A 60 -0.24 -6.12 -0.23
N GLU A 61 -0.35 -5.55 -1.42
CA GLU A 61 -1.57 -5.70 -2.23
C GLU A 61 -1.82 -7.17 -2.57
N GLU A 62 -0.76 -7.96 -2.70
CA GLU A 62 -0.89 -9.37 -3.04
C GLU A 62 -1.71 -10.11 -1.98
N GLU A 63 -1.63 -9.67 -0.74
CA GLU A 63 -2.36 -10.30 0.34
C GLU A 63 -3.82 -9.82 0.38
N ILE A 64 -4.04 -8.60 -0.10
CA ILE A 64 -5.38 -8.02 -0.13
C ILE A 64 -6.28 -8.78 -1.11
N LYS A 65 -5.67 -9.37 -2.13
CA LYS A 65 -6.43 -10.12 -3.13
C LYS A 65 -7.17 -11.29 -2.48
N LYS A 66 -6.56 -11.89 -1.45
CA LYS A 66 -7.17 -13.00 -0.74
C LYS A 66 -8.17 -12.52 0.30
N LEU A 67 -7.95 -11.32 0.81
CA LEU A 67 -8.83 -10.74 1.82
C LEU A 67 -9.03 -9.24 1.59
C1 HTU B . -5.18 -1.12 7.96
O1 HTU B . -7.41 -1.46 8.73
S1 HTU B . -3.48 1.69 5.63
C2 HTU B . -4.27 -0.38 7.24
C3 HTU B . -4.64 0.76 6.53
C4 HTU B . -5.99 1.13 6.60
C5 HTU B . -6.91 0.39 7.32
C6 HTU B . -6.50 -0.73 8.00
H1 HTU B . -4.86 -2.00 8.49
H2 HTU B . -3.24 -0.69 7.20
H4 HTU B . -6.32 2.00 6.06
H5 HTU B . -7.94 0.70 7.35
HO1 HTU B . -7.00 -1.75 9.55
N GLY A 1 2.95 0.70 -18.65
CA GLY A 1 3.87 1.57 -17.87
C GLY A 1 3.11 2.50 -16.92
N SER A 2 3.38 2.35 -15.63
CA SER A 2 2.72 3.17 -14.62
C SER A 2 3.41 3.02 -13.27
N ARG A 3 4.21 4.01 -12.90
CA ARG A 3 4.93 3.98 -11.63
C ARG A 3 4.03 4.50 -10.50
N VAL A 4 3.48 5.69 -10.69
CA VAL A 4 2.60 6.30 -9.69
C VAL A 4 1.19 5.74 -9.79
N LYS A 5 0.76 5.41 -11.00
CA LYS A 5 -0.57 4.85 -11.22
C LYS A 5 -0.80 3.66 -10.30
N ALA A 6 0.27 2.94 -9.99
CA ALA A 6 0.20 1.79 -9.11
C ALA A 6 0.15 2.23 -7.65
N LEU A 7 0.70 3.42 -7.38
CA LEU A 7 0.74 3.96 -6.03
C LEU A 7 -0.59 4.62 -5.66
N GLU A 8 -1.14 5.41 -6.58
CA GLU A 8 -2.39 6.12 -6.34
C GLU A 8 -3.59 5.17 -6.26
N GLU A 9 -3.55 4.08 -7.03
CA GLU A 9 -4.64 3.12 -7.05
C GLU A 9 -4.62 2.19 -5.83
N LYS A 10 -3.52 1.46 -5.68
CA LYS A 10 -3.38 0.52 -4.57
C LYS A 10 -3.76 1.13 -3.23
N VAL A 11 -3.22 2.31 -2.94
CA VAL A 11 -3.51 2.99 -1.68
C VAL A 11 -5.00 2.98 -1.35
N LYS A 12 -5.83 2.95 -2.39
CA LYS A 12 -7.28 2.94 -2.19
C LYS A 12 -7.76 1.54 -1.79
N ALA A 13 -7.16 0.52 -2.40
CA ALA A 13 -7.51 -0.86 -2.10
C ALA A 13 -6.79 -1.34 -0.84
N LEU A 14 -5.67 -0.70 -0.54
CA LEU A 14 -4.87 -1.04 0.63
C LEU A 14 -5.63 -0.76 1.93
N GLU A 15 -6.07 0.48 2.10
CA GLU A 15 -6.78 0.90 3.30
C GLU A 15 -8.26 0.48 3.30
N GLU A 16 -8.98 0.85 2.25
CA GLU A 16 -10.40 0.54 2.14
C GLU A 16 -10.69 -0.94 2.37
N LYS A 17 -9.82 -1.80 1.86
CA LYS A 17 -10.01 -3.23 2.02
C LYS A 17 -9.83 -3.66 3.48
N VAL A 18 -8.81 -3.10 4.12
CA VAL A 18 -8.54 -3.42 5.52
C VAL A 18 -9.60 -2.80 6.43
N LYS A 19 -9.98 -1.57 6.14
CA LYS A 19 -10.99 -0.86 6.93
C LYS A 19 -12.30 -1.64 6.93
N ALA A 20 -12.54 -2.40 5.87
CA ALA A 20 -13.76 -3.19 5.74
C ALA A 20 -13.56 -4.63 6.22
N LEU A 21 -12.30 -5.03 6.38
CA LEU A 21 -11.98 -6.38 6.82
C LEU A 21 -11.92 -6.45 8.34
N GLY A 22 -11.26 -5.46 8.94
CA GLY A 22 -11.14 -5.42 10.39
C GLY A 22 -10.73 -6.75 11.00
N GLY A 23 -9.42 -6.94 11.18
CA GLY A 23 -8.93 -8.18 11.75
C GLY A 23 -8.16 -7.95 13.04
N GLY A 24 -6.98 -8.54 13.13
CA GLY A 24 -6.16 -8.39 14.32
C GLY A 24 -4.85 -9.15 14.23
N GLY A 25 -4.89 -10.32 13.59
CA GLY A 25 -3.68 -11.12 13.45
C GLY A 25 -2.88 -10.74 12.23
N ARG A 26 -3.22 -11.35 11.09
CA ARG A 26 -2.52 -11.07 9.84
C ARG A 26 -2.55 -9.59 9.49
N ILE A 27 -3.56 -8.89 10.00
CA ILE A 27 -3.72 -7.46 9.74
C ILE A 27 -2.75 -6.64 10.60
N GLU A 28 -2.32 -7.21 11.72
CA GLU A 28 -1.40 -6.52 12.62
C GLU A 28 -0.14 -6.06 11.88
N GLU A 29 0.54 -7.01 11.24
CA GLU A 29 1.75 -6.70 10.50
C GLU A 29 1.42 -6.05 9.16
N LEU A 30 0.25 -6.39 8.62
CA LEU A 30 -0.18 -5.84 7.34
C LEU A 30 -0.48 -4.34 7.47
N LYS A 31 -0.81 -3.91 8.68
CA LYS A 31 -1.14 -2.51 8.93
C LYS A 31 0.12 -1.64 8.91
N LYS A 32 1.10 -2.00 9.73
CA LYS A 32 2.35 -1.24 9.80
C LYS A 32 2.91 -0.96 8.40
N LYS A 33 2.69 -1.90 7.49
CA LYS A 33 3.16 -1.76 6.11
C LYS A 33 2.22 -0.87 5.31
N CYS A 34 0.95 -0.84 5.71
CA CYS A 34 -0.06 -0.05 5.04
C CYS A 34 0.06 1.43 5.41
N GLU A 35 -0.03 1.72 6.71
CA GLU A 35 0.06 3.08 7.19
C GLU A 35 1.34 3.76 6.71
N GLU A 36 2.44 3.00 6.66
CA GLU A 36 3.72 3.54 6.22
C GLU A 36 3.72 3.74 4.71
N LEU A 37 2.94 2.93 4.00
CA LEU A 37 2.86 3.01 2.55
C LEU A 37 2.08 4.26 2.11
N LYS A 38 0.98 4.53 2.79
CA LYS A 38 0.14 5.68 2.48
C LYS A 38 0.84 6.99 2.80
N LYS A 39 1.73 6.96 3.80
CA LYS A 39 2.46 8.15 4.23
C LYS A 39 3.58 8.51 3.25
N LYS A 40 4.17 7.50 2.63
CA LYS A 40 5.27 7.70 1.69
C LYS A 40 4.80 8.40 0.41
N ILE A 41 3.81 7.81 -0.25
CA ILE A 41 3.27 8.38 -1.48
C ILE A 41 2.73 9.79 -1.27
N GLU A 42 2.32 10.08 -0.02
CA GLU A 42 1.79 11.40 0.30
C GLU A 42 2.89 12.45 0.38
N GLU A 43 4.08 12.02 0.82
CA GLU A 43 5.21 12.92 0.93
C GLU A 43 6.08 12.89 -0.32
N LEU A 44 6.10 11.73 -0.97
CA LEU A 44 6.90 11.55 -2.19
C LEU A 44 6.56 12.61 -3.23
N GLY A 45 7.52 13.48 -3.53
CA GLY A 45 7.29 14.52 -4.51
C GLY A 45 8.24 14.41 -5.69
N GLY A 46 9.54 14.54 -5.42
CA GLY A 46 10.53 14.45 -6.48
C GLY A 46 11.53 13.33 -6.24
N GLY A 47 11.93 13.16 -4.99
CA GLY A 47 12.88 12.11 -4.66
C GLY A 47 12.23 10.89 -4.06
N GLY A 48 13.03 9.90 -3.70
CA GLY A 48 12.50 8.68 -3.12
C GLY A 48 12.19 7.62 -4.15
N GLU A 49 12.17 8.02 -5.43
CA GLU A 49 11.87 7.08 -6.50
C GLU A 49 10.46 6.55 -6.40
N VAL A 50 9.71 6.63 -7.50
CA VAL A 50 8.33 6.16 -7.53
C VAL A 50 8.26 4.67 -7.86
N LYS A 51 9.25 4.19 -8.62
CA LYS A 51 9.29 2.79 -9.01
C LYS A 51 9.63 1.89 -7.82
N LYS A 52 10.20 2.48 -6.77
CA LYS A 52 10.58 1.71 -5.59
C LYS A 52 9.36 1.42 -4.71
N VAL A 53 8.34 2.26 -4.80
CA VAL A 53 7.13 2.08 -4.00
C VAL A 53 6.18 1.06 -4.64
N GLU A 54 6.03 1.15 -5.96
CA GLU A 54 5.15 0.23 -6.68
C GLU A 54 5.64 -1.21 -6.58
N GLU A 55 6.95 -1.37 -6.37
CA GLU A 55 7.55 -2.69 -6.26
C GLU A 55 7.30 -3.29 -4.87
N GLU A 56 7.58 -2.50 -3.84
CA GLU A 56 7.40 -2.95 -2.46
C GLU A 56 5.93 -3.23 -2.17
N VAL A 57 5.05 -2.35 -2.63
CA VAL A 57 3.62 -2.50 -2.42
C VAL A 57 3.10 -3.77 -3.09
N LYS A 58 3.78 -4.22 -4.14
CA LYS A 58 3.38 -5.42 -4.87
C LYS A 58 3.10 -6.58 -3.91
N LYS A 59 3.83 -6.61 -2.80
CA LYS A 59 3.66 -7.66 -1.80
C LYS A 59 2.44 -7.39 -0.93
N LEU A 60 2.29 -6.14 -0.50
CA LEU A 60 1.17 -5.74 0.34
C LEU A 60 -0.16 -5.86 -0.41
N GLU A 61 -0.17 -5.40 -1.65
CA GLU A 61 -1.38 -5.44 -2.46
C GLU A 61 -1.87 -6.88 -2.67
N GLU A 62 -0.95 -7.77 -3.03
CA GLU A 62 -1.28 -9.17 -3.25
C GLU A 62 -1.90 -9.78 -1.99
N GLU A 63 -1.48 -9.28 -0.83
CA GLU A 63 -1.96 -9.77 0.45
C GLU A 63 -3.38 -9.27 0.72
N ILE A 64 -3.74 -8.15 0.09
CA ILE A 64 -5.06 -7.56 0.27
C ILE A 64 -6.15 -8.37 -0.43
N LYS A 65 -5.84 -8.86 -1.63
CA LYS A 65 -6.80 -9.64 -2.40
C LYS A 65 -7.24 -10.89 -1.63
N LYS A 66 -6.40 -11.34 -0.69
CA LYS A 66 -6.71 -12.51 0.10
C LYS A 66 -7.63 -12.16 1.28
N LEU A 67 -7.49 -10.95 1.79
CA LEU A 67 -8.30 -10.50 2.92
C LEU A 67 -9.77 -10.43 2.52
C1 HTU B . -5.27 -1.01 7.87
O1 HTU B . -7.31 -0.96 9.10
S1 HTU B . -3.75 1.38 5.00
C2 HTU B . -4.44 -0.46 6.91
C3 HTU B . -4.80 0.68 6.20
C4 HTU B . -6.04 1.25 6.50
C5 HTU B . -6.87 0.70 7.46
C6 HTU B . -6.48 -0.42 8.14
H1 HTU B . -4.97 -1.89 8.41
H2 HTU B . -3.50 -0.92 6.71
H4 HTU B . -6.35 2.13 5.96
H5 HTU B . -7.83 1.16 7.67
HO1 HTU B . -6.79 -1.31 9.82
N GLY A 1 5.34 5.23 -18.23
CA GLY A 1 3.90 4.93 -18.47
C GLY A 1 3.01 5.39 -17.34
N SER A 2 3.22 4.83 -16.16
CA SER A 2 2.43 5.20 -14.99
C SER A 2 3.07 4.65 -13.71
N ARG A 3 4.04 5.38 -13.19
CA ARG A 3 4.73 4.97 -11.98
C ARG A 3 3.91 5.34 -10.75
N VAL A 4 3.33 6.54 -10.75
CA VAL A 4 2.50 7.01 -9.64
C VAL A 4 1.10 6.42 -9.73
N LYS A 5 0.61 6.24 -10.95
CA LYS A 5 -0.71 5.67 -11.17
C LYS A 5 -0.86 4.37 -10.41
N ALA A 6 0.25 3.65 -10.27
CA ALA A 6 0.26 2.38 -9.54
C ALA A 6 0.29 2.62 -8.04
N LEU A 7 0.85 3.77 -7.65
CA LEU A 7 0.95 4.13 -6.23
C LEU A 7 -0.36 4.70 -5.70
N GLU A 8 -1.01 5.52 -6.51
CA GLU A 8 -2.27 6.15 -6.11
C GLU A 8 -3.43 5.17 -6.15
N GLU A 9 -3.33 4.15 -7.01
CA GLU A 9 -4.39 3.16 -7.14
C GLU A 9 -4.36 2.14 -6.01
N LYS A 10 -3.17 1.66 -5.67
CA LYS A 10 -3.01 0.67 -4.61
C LYS A 10 -3.42 1.23 -3.25
N VAL A 11 -3.07 2.50 -3.02
CA VAL A 11 -3.39 3.15 -1.75
C VAL A 11 -4.88 3.04 -1.43
N LYS A 12 -5.70 2.90 -2.46
CA LYS A 12 -7.14 2.76 -2.28
C LYS A 12 -7.49 1.36 -1.81
N ALA A 13 -6.91 0.36 -2.46
CA ALA A 13 -7.15 -1.03 -2.11
C ALA A 13 -6.40 -1.39 -0.84
N LEU A 14 -5.33 -0.67 -0.56
CA LEU A 14 -4.51 -0.92 0.62
C LEU A 14 -5.27 -0.66 1.91
N GLU A 15 -5.80 0.55 2.05
CA GLU A 15 -6.54 0.93 3.26
C GLU A 15 -7.99 0.43 3.25
N GLU A 16 -8.76 0.85 2.25
CA GLU A 16 -10.16 0.48 2.12
C GLU A 16 -10.39 -1.02 2.36
N LYS A 17 -9.48 -1.85 1.87
CA LYS A 17 -9.63 -3.30 2.02
C LYS A 17 -9.40 -3.71 3.48
N VAL A 18 -8.59 -2.95 4.18
CA VAL A 18 -8.29 -3.25 5.58
C VAL A 18 -9.41 -2.74 6.49
N LYS A 19 -9.85 -1.51 6.24
CA LYS A 19 -10.92 -0.92 7.04
C LYS A 19 -12.21 -1.71 6.91
N ALA A 20 -12.33 -2.46 5.82
CA ALA A 20 -13.53 -3.27 5.58
C ALA A 20 -13.33 -4.71 6.04
N LEU A 21 -12.08 -5.09 6.30
CA LEU A 21 -11.79 -6.45 6.73
C LEU A 21 -12.07 -6.62 8.21
N GLY A 22 -11.65 -5.64 9.01
CA GLY A 22 -11.88 -5.69 10.44
C GLY A 22 -10.58 -5.64 11.23
N GLY A 23 -10.29 -6.70 11.97
CA GLY A 23 -9.09 -6.75 12.77
C GLY A 23 -8.54 -8.16 12.90
N GLY A 24 -7.50 -8.30 13.72
CA GLY A 24 -6.89 -9.61 13.92
C GLY A 24 -5.37 -9.56 13.88
N GLY A 25 -4.74 -10.65 14.29
CA GLY A 25 -3.29 -10.70 14.31
C GLY A 25 -2.70 -10.48 12.93
N ARG A 26 -3.30 -11.10 11.92
CA ARG A 26 -2.82 -10.96 10.55
C ARG A 26 -2.84 -9.50 10.10
N ILE A 27 -3.88 -8.78 10.52
CA ILE A 27 -4.03 -7.38 10.17
C ILE A 27 -3.09 -6.49 10.98
N GLU A 28 -2.67 -6.96 12.15
CA GLU A 28 -1.77 -6.20 13.00
C GLU A 28 -0.53 -5.77 12.23
N GLU A 29 0.18 -6.74 11.66
CA GLU A 29 1.38 -6.45 10.89
C GLU A 29 1.04 -5.91 9.50
N LEU A 30 -0.14 -6.30 9.01
CA LEU A 30 -0.59 -5.88 7.69
C LEU A 30 -0.72 -4.35 7.61
N LYS A 31 -1.27 -3.75 8.66
CA LYS A 31 -1.46 -2.31 8.70
C LYS A 31 -0.13 -1.58 8.89
N LYS A 32 0.76 -2.16 9.69
CA LYS A 32 2.06 -1.56 9.94
C LYS A 32 2.75 -1.24 8.62
N LYS A 33 2.61 -2.13 7.65
CA LYS A 33 3.19 -1.94 6.33
C LYS A 33 2.32 -1.02 5.47
N CYS A 34 1.04 -0.95 5.81
CA CYS A 34 0.08 -0.13 5.09
C CYS A 34 0.28 1.35 5.42
N GLU A 35 0.14 1.70 6.69
CA GLU A 35 0.30 3.08 7.14
C GLU A 35 1.60 3.69 6.64
N GLU A 36 2.63 2.86 6.48
CA GLU A 36 3.93 3.33 6.01
C GLU A 36 3.92 3.52 4.50
N LEU A 37 3.08 2.75 3.81
CA LEU A 37 2.97 2.83 2.36
C LEU A 37 2.21 4.09 1.94
N LYS A 38 1.12 4.37 2.64
CA LYS A 38 0.29 5.54 2.34
C LYS A 38 1.02 6.84 2.67
N LYS A 39 1.86 6.79 3.69
CA LYS A 39 2.61 7.97 4.13
C LYS A 39 3.74 8.31 3.16
N LYS A 40 4.30 7.28 2.52
CA LYS A 40 5.40 7.46 1.58
C LYS A 40 4.94 8.24 0.34
N ILE A 41 3.91 7.73 -0.33
CA ILE A 41 3.39 8.37 -1.54
C ILE A 41 3.00 9.82 -1.29
N GLU A 42 2.10 10.03 -0.33
CA GLU A 42 1.62 11.37 0.00
C GLU A 42 2.77 12.28 0.45
N GLU A 43 3.88 11.69 0.85
CA GLU A 43 5.03 12.48 1.30
C GLU A 43 6.02 12.72 0.16
N LEU A 44 6.37 11.65 -0.55
CA LEU A 44 7.32 11.76 -1.66
C LEU A 44 6.80 12.70 -2.74
N GLY A 45 7.63 13.68 -3.12
CA GLY A 45 7.25 14.62 -4.14
C GLY A 45 8.25 14.70 -5.27
N GLY A 46 9.53 14.64 -4.92
CA GLY A 46 10.58 14.69 -5.93
C GLY A 46 11.53 13.51 -5.84
N GLY A 47 11.87 13.12 -4.61
CA GLY A 47 12.77 12.01 -4.42
C GLY A 47 12.07 10.79 -3.86
N GLY A 48 12.85 9.79 -3.46
CA GLY A 48 12.28 8.57 -2.92
C GLY A 48 11.98 7.52 -3.99
N GLU A 49 12.06 7.93 -5.24
CA GLU A 49 11.79 7.02 -6.36
C GLU A 49 10.35 6.55 -6.35
N VAL A 50 9.68 6.68 -7.49
CA VAL A 50 8.29 6.26 -7.61
C VAL A 50 8.19 4.78 -7.96
N LYS A 51 9.17 4.29 -8.71
CA LYS A 51 9.19 2.88 -9.12
C LYS A 51 9.48 1.96 -7.94
N LYS A 52 10.08 2.50 -6.89
CA LYS A 52 10.40 1.72 -5.70
C LYS A 52 9.18 1.48 -4.82
N VAL A 53 8.19 2.36 -4.93
CA VAL A 53 6.97 2.24 -4.14
C VAL A 53 5.98 1.27 -4.76
N GLU A 54 5.84 1.33 -6.08
CA GLU A 54 4.91 0.45 -6.81
C GLU A 54 5.34 -1.01 -6.71
N GLU A 55 6.64 -1.24 -6.68
CA GLU A 55 7.18 -2.60 -6.59
C GLU A 55 7.01 -3.19 -5.20
N GLU A 56 7.37 -2.41 -4.18
CA GLU A 56 7.27 -2.85 -2.80
C GLU A 56 5.83 -3.13 -2.40
N VAL A 57 4.92 -2.29 -2.87
CA VAL A 57 3.50 -2.45 -2.55
C VAL A 57 2.94 -3.76 -3.09
N LYS A 58 3.55 -4.27 -4.16
CA LYS A 58 3.10 -5.52 -4.77
C LYS A 58 3.03 -6.64 -3.73
N LYS A 59 3.85 -6.54 -2.70
CA LYS A 59 3.87 -7.54 -1.63
C LYS A 59 2.68 -7.38 -0.70
N LEU A 60 2.23 -6.14 -0.54
CA LEU A 60 1.10 -5.84 0.33
C LEU A 60 -0.23 -6.14 -0.38
N GLU A 61 -0.40 -5.55 -1.55
CA GLU A 61 -1.63 -5.74 -2.34
C GLU A 61 -1.86 -7.21 -2.64
N GLU A 62 -0.78 -7.99 -2.70
CA GLU A 62 -0.88 -9.41 -3.01
C GLU A 62 -1.62 -10.16 -1.90
N GLU A 63 -1.41 -9.75 -0.65
CA GLU A 63 -2.05 -10.40 0.48
C GLU A 63 -3.49 -9.92 0.65
N ILE A 64 -3.79 -8.74 0.13
CA ILE A 64 -5.12 -8.17 0.23
C ILE A 64 -6.11 -8.96 -0.62
N LYS A 65 -5.62 -9.50 -1.73
CA LYS A 65 -6.47 -10.28 -2.63
C LYS A 65 -7.08 -11.47 -1.90
N LYS A 66 -6.37 -11.98 -0.90
CA LYS A 66 -6.84 -13.12 -0.12
C LYS A 66 -7.83 -12.67 0.96
N LEU A 67 -7.61 -11.45 1.47
CA LEU A 67 -8.49 -10.91 2.51
C LEU A 67 -9.89 -10.65 1.96
C1 HTU B . -5.12 -0.67 7.98
O1 HTU B . -7.18 -0.50 9.17
S1 HTU B . -3.52 1.52 4.98
C2 HTU B . -4.27 -0.20 7.00
C3 HTU B . -4.59 0.91 6.21
C4 HTU B . -5.83 1.52 6.45
C5 HTU B . -6.68 1.04 7.44
C6 HTU B . -6.32 -0.03 8.19
H1 HTU B . -4.85 -1.52 8.56
H2 HTU B . -3.33 -0.70 6.83
H4 HTU B . -6.12 2.37 5.87
H5 HTU B . -7.63 1.55 7.60
HO1 HTU B . -6.70 -0.62 9.99
N GLY A 1 3.36 0.23 -18.17
CA GLY A 1 4.23 0.37 -16.97
C GLY A 1 3.53 1.07 -15.83
N SER A 2 3.48 2.39 -15.90
CA SER A 2 2.83 3.19 -14.85
C SER A 2 3.47 2.93 -13.50
N ARG A 3 4.23 3.90 -13.02
CA ARG A 3 4.90 3.78 -11.72
C ARG A 3 4.05 4.37 -10.61
N VAL A 4 3.57 5.60 -10.81
CA VAL A 4 2.73 6.27 -9.82
C VAL A 4 1.28 5.77 -9.92
N LYS A 5 0.83 5.48 -11.13
CA LYS A 5 -0.53 5.00 -11.34
C LYS A 5 -0.78 3.78 -10.46
N ALA A 6 0.28 3.04 -10.18
CA ALA A 6 0.17 1.85 -9.33
C ALA A 6 0.13 2.26 -7.86
N LEU A 7 0.70 3.43 -7.56
CA LEU A 7 0.73 3.95 -6.20
C LEU A 7 -0.58 4.62 -5.82
N GLU A 8 -1.11 5.42 -6.73
CA GLU A 8 -2.36 6.14 -6.49
C GLU A 8 -3.55 5.20 -6.32
N GLU A 9 -3.63 4.18 -7.17
CA GLU A 9 -4.75 3.23 -7.12
C GLU A 9 -4.58 2.21 -6.00
N LYS A 10 -3.51 1.43 -6.04
CA LYS A 10 -3.26 0.40 -5.03
C LYS A 10 -3.38 0.96 -3.61
N VAL A 11 -3.16 2.26 -3.45
CA VAL A 11 -3.25 2.88 -2.14
C VAL A 11 -4.71 2.99 -1.67
N LYS A 12 -5.64 3.01 -2.61
CA LYS A 12 -7.06 3.11 -2.27
C LYS A 12 -7.60 1.76 -1.81
N ALA A 13 -7.13 0.69 -2.44
CA ALA A 13 -7.56 -0.65 -2.09
C ALA A 13 -6.82 -1.17 -0.87
N LEU A 14 -5.62 -0.62 -0.63
CA LEU A 14 -4.81 -1.03 0.50
C LEU A 14 -5.45 -0.61 1.83
N GLU A 15 -5.74 0.68 1.96
CA GLU A 15 -6.33 1.21 3.19
C GLU A 15 -7.80 0.82 3.32
N GLU A 16 -8.61 1.21 2.33
CA GLU A 16 -10.04 0.91 2.35
C GLU A 16 -10.34 -0.53 2.72
N LYS A 17 -9.77 -1.47 1.96
CA LYS A 17 -9.99 -2.90 2.20
C LYS A 17 -9.79 -3.26 3.68
N VAL A 18 -8.70 -2.76 4.26
CA VAL A 18 -8.41 -3.05 5.66
C VAL A 18 -9.52 -2.57 6.58
N LYS A 19 -10.14 -1.45 6.23
CA LYS A 19 -11.22 -0.90 7.02
C LYS A 19 -12.44 -1.81 6.99
N ALA A 20 -12.59 -2.57 5.90
CA ALA A 20 -13.71 -3.48 5.76
C ALA A 20 -13.33 -4.90 6.15
N LEU A 21 -12.02 -5.18 6.20
CA LEU A 21 -11.54 -6.50 6.57
C LEU A 21 -11.54 -6.69 8.09
N GLY A 22 -11.05 -5.68 8.79
CA GLY A 22 -11.00 -5.74 10.24
C GLY A 22 -9.60 -5.97 10.77
N GLY A 23 -9.32 -7.20 11.21
CA GLY A 23 -8.01 -7.52 11.73
C GLY A 23 -7.95 -8.92 12.32
N GLY A 24 -6.77 -9.53 12.28
CA GLY A 24 -6.61 -10.87 12.82
C GLY A 24 -5.21 -11.41 12.63
N GLY A 25 -4.28 -10.96 13.46
CA GLY A 25 -2.91 -11.41 13.36
C GLY A 25 -2.23 -10.97 12.08
N ARG A 26 -2.56 -11.64 10.98
CA ARG A 26 -1.99 -11.32 9.67
C ARG A 26 -2.17 -9.84 9.35
N ILE A 27 -3.24 -9.26 9.86
CA ILE A 27 -3.54 -7.85 9.61
C ILE A 27 -2.75 -6.95 10.56
N GLU A 28 -2.36 -7.51 11.70
CA GLU A 28 -1.59 -6.74 12.70
C GLU A 28 -0.30 -6.20 12.11
N GLU A 29 0.51 -7.09 11.56
CA GLU A 29 1.79 -6.70 10.96
C GLU A 29 1.58 -6.06 9.59
N LEU A 30 0.55 -6.52 8.88
CA LEU A 30 0.23 -6.01 7.55
C LEU A 30 -0.16 -4.53 7.63
N LYS A 31 -0.71 -4.12 8.77
CA LYS A 31 -1.13 -2.74 8.97
C LYS A 31 0.06 -1.79 8.97
N LYS A 32 1.05 -2.09 9.82
CA LYS A 32 2.24 -1.24 9.93
C LYS A 32 2.82 -0.93 8.56
N LYS A 33 2.68 -1.85 7.63
CA LYS A 33 3.19 -1.67 6.26
C LYS A 33 2.26 -0.79 5.43
N CYS A 34 1.00 -0.75 5.81
CA CYS A 34 0.00 0.05 5.10
C CYS A 34 0.12 1.53 5.45
N GLU A 35 -0.05 1.84 6.74
CA GLU A 35 0.04 3.21 7.22
C GLU A 35 1.32 3.90 6.76
N GLU A 36 2.42 3.14 6.73
CA GLU A 36 3.71 3.66 6.31
C GLU A 36 3.77 3.81 4.79
N LEU A 37 3.02 2.96 4.10
CA LEU A 37 3.00 2.97 2.63
C LEU A 37 2.24 4.20 2.12
N LYS A 38 1.12 4.50 2.76
CA LYS A 38 0.29 5.64 2.36
C LYS A 38 0.97 6.96 2.72
N LYS A 39 1.80 6.94 3.76
CA LYS A 39 2.50 8.14 4.21
C LYS A 39 3.62 8.53 3.25
N LYS A 40 4.23 7.53 2.61
CA LYS A 40 5.32 7.77 1.68
C LYS A 40 4.84 8.40 0.38
N ILE A 41 3.89 7.75 -0.28
CA ILE A 41 3.34 8.24 -1.54
C ILE A 41 2.67 9.60 -1.36
N GLU A 42 2.21 9.88 -0.15
CA GLU A 42 1.54 11.15 0.14
C GLU A 42 2.56 12.27 0.32
N GLU A 43 3.75 11.92 0.77
CA GLU A 43 4.81 12.89 0.99
C GLU A 43 5.72 13.01 -0.23
N LEU A 44 6.15 11.86 -0.75
CA LEU A 44 7.03 11.84 -1.92
C LEU A 44 6.35 12.45 -3.13
N GLY A 45 7.09 13.28 -3.86
CA GLY A 45 6.54 13.92 -5.04
C GLY A 45 7.49 13.87 -6.21
N GLY A 46 8.34 12.85 -6.23
CA GLY A 46 9.30 12.70 -7.31
C GLY A 46 10.73 12.87 -6.85
N GLY A 47 11.10 12.17 -5.79
CA GLY A 47 12.44 12.27 -5.25
C GLY A 47 12.96 10.94 -4.73
N GLY A 48 12.10 10.20 -4.03
CA GLY A 48 12.50 8.93 -3.47
C GLY A 48 12.18 7.76 -4.39
N GLU A 49 12.21 8.01 -5.70
CA GLU A 49 11.92 6.98 -6.69
C GLU A 49 10.48 6.49 -6.56
N VAL A 50 9.76 6.49 -7.68
CA VAL A 50 8.38 6.03 -7.70
C VAL A 50 8.29 4.52 -7.89
N LYS A 51 9.28 3.96 -8.57
CA LYS A 51 9.32 2.52 -8.82
C LYS A 51 9.60 1.73 -7.54
N LYS A 52 10.18 2.39 -6.55
CA LYS A 52 10.52 1.74 -5.28
C LYS A 52 9.26 1.45 -4.46
N VAL A 53 8.23 2.27 -4.66
CA VAL A 53 6.98 2.11 -3.92
C VAL A 53 6.09 1.05 -4.56
N GLU A 54 5.83 1.20 -5.85
CA GLU A 54 4.99 0.25 -6.58
C GLU A 54 5.46 -1.18 -6.39
N GLU A 55 6.78 -1.34 -6.28
CA GLU A 55 7.36 -2.67 -6.08
C GLU A 55 7.17 -3.13 -4.64
N GLU A 56 7.20 -2.19 -3.71
CA GLU A 56 7.02 -2.49 -2.29
C GLU A 56 5.56 -2.81 -1.99
N VAL A 57 4.66 -2.13 -2.70
CA VAL A 57 3.22 -2.33 -2.51
C VAL A 57 2.79 -3.70 -3.02
N LYS A 58 3.46 -4.19 -4.05
CA LYS A 58 3.15 -5.49 -4.63
C LYS A 58 3.05 -6.57 -3.56
N LYS A 59 3.80 -6.41 -2.48
CA LYS A 59 3.80 -7.37 -1.39
C LYS A 59 2.57 -7.15 -0.49
N LEU A 60 2.15 -5.89 -0.39
CA LEU A 60 1.00 -5.53 0.42
C LEU A 60 -0.31 -5.83 -0.31
N GLU A 61 -0.38 -5.43 -1.58
CA GLU A 61 -1.57 -5.66 -2.39
C GLU A 61 -1.82 -7.14 -2.62
N GLU A 62 -0.76 -7.94 -2.53
CA GLU A 62 -0.87 -9.38 -2.75
C GLU A 62 -1.74 -10.04 -1.68
N GLU A 63 -1.70 -9.50 -0.47
CA GLU A 63 -2.49 -10.04 0.64
C GLU A 63 -3.91 -9.50 0.60
N ILE A 64 -4.06 -8.25 0.19
CA ILE A 64 -5.37 -7.60 0.11
C ILE A 64 -6.27 -8.30 -0.90
N LYS A 65 -5.67 -8.99 -1.86
CA LYS A 65 -6.41 -9.70 -2.89
C LYS A 65 -7.06 -10.96 -2.32
N LYS A 66 -6.49 -11.49 -1.25
CA LYS A 66 -7.01 -12.70 -0.63
C LYS A 66 -8.17 -12.36 0.31
N LEU A 67 -8.14 -11.16 0.87
CA LEU A 67 -9.19 -10.72 1.79
C LEU A 67 -10.43 -10.27 1.01
C1 HTU B . -6.89 1.28 7.20
O1 HTU B . -7.54 -0.22 8.92
S1 HTU B . -3.47 1.77 5.13
C2 HTU B . -5.94 1.74 6.31
C3 HTU B . -4.67 1.18 6.24
C4 HTU B . -4.41 0.12 7.11
C5 HTU B . -5.36 -0.35 7.98
C6 HTU B . -6.60 0.23 8.03
H1 HTU B . -7.87 1.74 7.23
H2 HTU B . -6.18 2.57 5.66
H4 HTU B . -3.43 -0.35 7.07
H5 HTU B . -5.13 -1.17 8.64
HO1 HTU B . -7.28 -0.01 9.81
N GLY A 1 5.73 5.43 -18.36
CA GLY A 1 4.77 4.35 -18.02
C GLY A 1 3.75 4.78 -16.98
N SER A 2 3.93 4.28 -15.75
CA SER A 2 3.02 4.61 -14.66
C SER A 2 3.80 5.00 -13.41
N ARG A 3 4.37 4.01 -12.73
CA ARG A 3 5.15 4.23 -11.52
C ARG A 3 4.25 4.74 -10.39
N VAL A 4 3.72 5.95 -10.55
CA VAL A 4 2.84 6.55 -9.55
C VAL A 4 1.41 6.03 -9.70
N LYS A 5 1.00 5.80 -10.95
CA LYS A 5 -0.34 5.28 -11.22
C LYS A 5 -0.62 4.05 -10.38
N ALA A 6 0.43 3.27 -10.12
CA ALA A 6 0.31 2.06 -9.32
C ALA A 6 0.26 2.40 -7.83
N LEU A 7 0.85 3.55 -7.47
CA LEU A 7 0.87 3.99 -6.08
C LEU A 7 -0.44 4.62 -5.67
N GLU A 8 -1.01 5.42 -6.57
CA GLU A 8 -2.27 6.11 -6.29
C GLU A 8 -3.44 5.14 -6.17
N GLU A 9 -3.47 4.13 -7.03
CA GLU A 9 -4.55 3.15 -7.03
C GLU A 9 -4.48 2.23 -5.81
N LYS A 10 -3.36 1.53 -5.65
CA LYS A 10 -3.16 0.61 -4.54
C LYS A 10 -3.55 1.24 -3.20
N VAL A 11 -3.26 2.52 -3.05
CA VAL A 11 -3.57 3.22 -1.81
C VAL A 11 -5.05 3.11 -1.47
N LYS A 12 -5.89 2.89 -2.48
CA LYS A 12 -7.32 2.76 -2.27
C LYS A 12 -7.66 1.37 -1.72
N ALA A 13 -7.13 0.34 -2.36
CA ALA A 13 -7.36 -1.03 -1.92
C ALA A 13 -6.55 -1.35 -0.67
N LEU A 14 -5.46 -0.62 -0.49
CA LEU A 14 -4.57 -0.81 0.65
C LEU A 14 -5.27 -0.49 1.97
N GLU A 15 -5.82 0.73 2.07
CA GLU A 15 -6.48 1.15 3.30
C GLU A 15 -7.90 0.63 3.42
N GLU A 16 -8.75 0.96 2.44
CA GLU A 16 -10.15 0.54 2.46
C GLU A 16 -10.31 -0.95 2.75
N LYS A 17 -9.73 -1.79 1.91
CA LYS A 17 -9.84 -3.24 2.09
C LYS A 17 -9.53 -3.68 3.51
N VAL A 18 -8.56 -3.02 4.15
CA VAL A 18 -8.18 -3.37 5.51
C VAL A 18 -9.29 -3.02 6.50
N LYS A 19 -10.08 -2.01 6.16
CA LYS A 19 -11.17 -1.59 7.03
C LYS A 19 -12.34 -2.57 6.96
N ALA A 20 -12.46 -3.27 5.83
CA ALA A 20 -13.52 -4.23 5.63
C ALA A 20 -13.07 -5.65 5.97
N LEU A 21 -11.75 -5.85 6.07
CA LEU A 21 -11.21 -7.17 6.38
C LEU A 21 -11.38 -7.50 7.86
N GLY A 22 -11.07 -6.53 8.72
CA GLY A 22 -11.19 -6.72 10.15
C GLY A 22 -9.88 -6.52 10.88
N GLY A 23 -9.27 -7.63 11.32
CA GLY A 23 -8.00 -7.53 12.03
C GLY A 23 -7.88 -8.59 13.11
N GLY A 24 -6.73 -9.26 13.14
CA GLY A 24 -6.50 -10.30 14.13
C GLY A 24 -5.32 -11.19 13.78
N GLY A 25 -4.11 -10.68 13.95
CA GLY A 25 -2.92 -11.46 13.65
C GLY A 25 -2.16 -10.93 12.45
N ARG A 26 -2.32 -11.60 11.32
CA ARG A 26 -1.64 -11.20 10.09
C ARG A 26 -1.95 -9.75 9.73
N ILE A 27 -3.09 -9.25 10.22
CA ILE A 27 -3.49 -7.88 9.94
C ILE A 27 -2.74 -6.88 10.81
N GLU A 28 -2.31 -7.32 11.99
CA GLU A 28 -1.58 -6.45 12.91
C GLU A 28 -0.36 -5.84 12.22
N GLU A 29 0.47 -6.69 11.64
CA GLU A 29 1.66 -6.23 10.94
C GLU A 29 1.31 -5.66 9.57
N LEU A 30 0.21 -6.13 9.00
CA LEU A 30 -0.24 -5.67 7.69
C LEU A 30 -0.45 -4.16 7.68
N LYS A 31 -1.02 -3.64 8.77
CA LYS A 31 -1.29 -2.22 8.90
C LYS A 31 0.01 -1.42 8.89
N LYS A 32 0.99 -1.87 9.68
CA LYS A 32 2.27 -1.19 9.76
C LYS A 32 2.84 -0.91 8.38
N LYS A 33 2.59 -1.83 7.45
CA LYS A 33 3.08 -1.68 6.08
C LYS A 33 2.18 -0.75 5.27
N CYS A 34 0.93 -0.62 5.71
CA CYS A 34 -0.04 0.23 5.03
C CYS A 34 0.21 1.70 5.34
N GLU A 35 0.14 2.05 6.62
CA GLU A 35 0.35 3.42 7.08
C GLU A 35 1.63 4.01 6.48
N GLU A 36 2.63 3.17 6.26
CA GLU A 36 3.89 3.63 5.70
C GLU A 36 3.79 3.79 4.18
N LEU A 37 2.92 3.01 3.56
CA LEU A 37 2.72 3.05 2.12
C LEU A 37 1.97 4.30 1.69
N LYS A 38 0.95 4.67 2.46
CA LYS A 38 0.15 5.85 2.15
C LYS A 38 0.92 7.14 2.41
N LYS A 39 1.36 7.32 3.64
CA LYS A 39 2.11 8.49 4.05
C LYS A 39 3.33 8.73 3.15
N LYS A 40 3.90 7.65 2.65
CA LYS A 40 5.08 7.75 1.78
C LYS A 40 4.76 8.44 0.47
N ILE A 41 3.76 7.92 -0.24
CA ILE A 41 3.35 8.49 -1.53
C ILE A 41 3.01 9.96 -1.40
N GLU A 42 2.61 10.38 -0.21
CA GLU A 42 2.26 11.78 0.04
C GLU A 42 3.51 12.65 0.15
N GLU A 43 4.58 12.06 0.66
CA GLU A 43 5.84 12.77 0.83
C GLU A 43 6.77 12.56 -0.37
N LEU A 44 6.45 11.57 -1.20
CA LEU A 44 7.26 11.26 -2.38
C LEU A 44 7.52 12.52 -3.21
N GLY A 45 8.76 12.98 -3.20
CA GLY A 45 9.12 14.17 -3.95
C GLY A 45 10.12 13.88 -5.05
N GLY A 46 11.31 13.41 -4.66
CA GLY A 46 12.34 13.10 -5.63
C GLY A 46 13.51 12.36 -5.01
N GLY A 47 13.21 11.49 -4.06
CA GLY A 47 14.26 10.72 -3.41
C GLY A 47 13.79 9.33 -3.00
N GLY A 48 12.58 9.25 -2.46
CA GLY A 48 12.04 7.97 -2.04
C GLY A 48 11.85 7.00 -3.20
N GLU A 49 11.92 7.52 -4.42
CA GLU A 49 11.75 6.68 -5.60
C GLU A 49 10.31 6.19 -5.72
N VAL A 50 9.72 6.39 -6.90
CA VAL A 50 8.35 5.97 -7.15
C VAL A 50 8.28 4.51 -7.60
N LYS A 51 9.33 4.05 -8.27
CA LYS A 51 9.38 2.67 -8.75
C LYS A 51 9.66 1.70 -7.62
N LYS A 52 10.23 2.20 -6.53
CA LYS A 52 10.55 1.35 -5.38
C LYS A 52 9.31 1.07 -4.54
N VAL A 53 8.33 1.97 -4.61
CA VAL A 53 7.10 1.80 -3.84
C VAL A 53 6.13 0.84 -4.54
N GLU A 54 5.94 1.02 -5.84
CA GLU A 54 5.05 0.17 -6.62
C GLU A 54 5.44 -1.30 -6.49
N GLU A 55 6.74 -1.55 -6.46
CA GLU A 55 7.25 -2.91 -6.33
C GLU A 55 7.05 -3.44 -4.92
N GLU A 56 7.19 -2.55 -3.94
CA GLU A 56 7.02 -2.92 -2.54
C GLU A 56 5.55 -3.16 -2.21
N VAL A 57 4.70 -2.23 -2.65
CA VAL A 57 3.27 -2.34 -2.40
C VAL A 57 2.69 -3.60 -3.05
N LYS A 58 3.36 -4.07 -4.11
CA LYS A 58 2.92 -5.27 -4.81
C LYS A 58 2.72 -6.44 -3.85
N LYS A 59 3.50 -6.44 -2.76
CA LYS A 59 3.42 -7.49 -1.76
C LYS A 59 2.22 -7.26 -0.84
N LEU A 60 1.91 -5.98 -0.61
CA LEU A 60 0.79 -5.62 0.25
C LEU A 60 -0.54 -5.89 -0.44
N GLU A 61 -0.67 -5.41 -1.67
CA GLU A 61 -1.89 -5.60 -2.44
C GLU A 61 -2.12 -7.07 -2.76
N GLU A 62 -1.04 -7.85 -2.76
CA GLU A 62 -1.13 -9.28 -3.06
C GLU A 62 -1.87 -10.03 -1.97
N GLU A 63 -1.77 -9.54 -0.73
CA GLU A 63 -2.43 -10.18 0.41
C GLU A 63 -3.89 -9.74 0.51
N ILE A 64 -4.17 -8.51 0.08
CA ILE A 64 -5.51 -7.95 0.13
C ILE A 64 -6.49 -8.80 -0.69
N LYS A 65 -6.12 -9.07 -1.94
CA LYS A 65 -6.98 -9.86 -2.82
C LYS A 65 -7.29 -11.22 -2.22
N LYS A 66 -6.44 -11.69 -1.31
CA LYS A 66 -6.63 -12.98 -0.67
C LYS A 66 -7.61 -12.88 0.50
N LEU A 67 -7.72 -11.68 1.07
CA LEU A 67 -8.64 -11.46 2.19
C LEU A 67 -10.08 -11.41 1.72
C1 HTU B . -5.27 -0.54 8.00
O1 HTU B . -7.42 -0.66 9.01
S1 HTU B . -3.69 1.88 5.19
C2 HTU B . -4.40 0.06 7.11
C3 HTU B . -4.79 1.13 6.31
C4 HTU B . -6.10 1.57 6.46
C5 HTU B . -6.98 0.99 7.35
C6 HTU B . -6.56 -0.07 8.12
H1 HTU B . -4.93 -1.36 8.60
H2 HTU B . -3.39 -0.32 7.02
H4 HTU B . -6.45 2.39 5.84
H5 HTU B . -7.99 1.35 7.44
HO1 HTU B . -6.96 -0.86 9.83
N GLY A 1 5.42 4.52 -18.92
CA GLY A 1 4.39 3.62 -18.33
C GLY A 1 3.64 4.26 -17.19
N SER A 2 3.33 3.47 -16.16
CA SER A 2 2.62 3.97 -14.99
C SER A 2 3.38 3.65 -13.70
N ARG A 3 4.08 4.65 -13.18
CA ARG A 3 4.85 4.48 -11.95
C ARG A 3 4.02 4.91 -10.74
N VAL A 4 3.38 6.07 -10.86
CA VAL A 4 2.55 6.59 -9.78
C VAL A 4 1.15 5.99 -9.82
N LYS A 5 0.66 5.71 -11.03
CA LYS A 5 -0.66 5.12 -11.20
C LYS A 5 -0.81 3.88 -10.32
N ALA A 6 0.29 3.17 -10.11
CA ALA A 6 0.29 1.97 -9.28
C ALA A 6 0.32 2.35 -7.80
N LEU A 7 0.86 3.53 -7.51
CA LEU A 7 0.95 4.02 -6.14
C LEU A 7 -0.36 4.64 -5.68
N GLU A 8 -0.94 5.50 -6.52
CA GLU A 8 -2.19 6.19 -6.20
C GLU A 8 -3.38 5.22 -6.14
N GLU A 9 -3.30 4.15 -6.91
CA GLU A 9 -4.38 3.16 -6.96
C GLU A 9 -4.34 2.23 -5.75
N LYS A 10 -3.23 1.51 -5.59
CA LYS A 10 -3.07 0.58 -4.47
C LYS A 10 -3.46 1.20 -3.14
N VAL A 11 -3.14 2.49 -2.97
CA VAL A 11 -3.47 3.18 -1.73
C VAL A 11 -4.95 3.07 -1.40
N LYS A 12 -5.78 2.92 -2.42
CA LYS A 12 -7.22 2.79 -2.22
C LYS A 12 -7.58 1.38 -1.76
N ALA A 13 -6.89 0.39 -2.32
CA ALA A 13 -7.12 -1.00 -1.97
C ALA A 13 -6.40 -1.36 -0.68
N LEU A 14 -5.35 -0.62 -0.38
CA LEU A 14 -4.56 -0.85 0.82
C LEU A 14 -5.34 -0.54 2.09
N GLU A 15 -5.84 0.68 2.19
CA GLU A 15 -6.60 1.12 3.37
C GLU A 15 -8.06 0.64 3.35
N GLU A 16 -8.78 0.95 2.28
CA GLU A 16 -10.19 0.59 2.15
C GLU A 16 -10.43 -0.89 2.42
N LYS A 17 -9.55 -1.75 1.93
CA LYS A 17 -9.70 -3.19 2.13
C LYS A 17 -9.54 -3.55 3.59
N VAL A 18 -8.58 -2.92 4.26
CA VAL A 18 -8.33 -3.19 5.67
C VAL A 18 -9.38 -2.54 6.56
N LYS A 19 -9.73 -1.29 6.25
CA LYS A 19 -10.73 -0.57 7.02
C LYS A 19 -12.06 -1.31 7.03
N ALA A 20 -12.29 -2.11 6.00
CA ALA A 20 -13.52 -2.88 5.89
C ALA A 20 -13.35 -4.30 6.43
N LEU A 21 -12.10 -4.72 6.60
CA LEU A 21 -11.81 -6.06 7.09
C LEU A 21 -11.78 -6.08 8.62
N GLY A 22 -11.13 -5.08 9.20
CA GLY A 22 -11.04 -4.99 10.65
C GLY A 22 -9.60 -4.91 11.14
N GLY A 23 -9.09 -6.03 11.64
CA GLY A 23 -7.73 -6.07 12.13
C GLY A 23 -7.53 -7.10 13.22
N GLY A 24 -6.30 -7.56 13.39
CA GLY A 24 -6.01 -8.55 14.41
C GLY A 24 -5.30 -9.78 13.84
N GLY A 25 -4.07 -10.00 14.27
CA GLY A 25 -3.32 -11.15 13.80
C GLY A 25 -2.61 -10.88 12.48
N ARG A 26 -3.09 -11.51 11.41
CA ARG A 26 -2.50 -11.32 10.10
C ARG A 26 -2.48 -9.86 9.68
N ILE A 27 -3.56 -9.16 10.02
CA ILE A 27 -3.69 -7.75 9.69
C ILE A 27 -2.81 -6.88 10.58
N GLU A 28 -2.51 -7.36 11.79
CA GLU A 28 -1.68 -6.63 12.72
C GLU A 28 -0.41 -6.12 12.02
N GLU A 29 0.34 -7.05 11.44
CA GLU A 29 1.55 -6.71 10.73
C GLU A 29 1.24 -6.14 9.34
N LEU A 30 0.07 -6.51 8.82
CA LEU A 30 -0.36 -6.06 7.50
C LEU A 30 -0.61 -4.54 7.48
N LYS A 31 -1.27 -4.04 8.52
CA LYS A 31 -1.57 -2.61 8.59
C LYS A 31 -0.29 -1.80 8.83
N LYS A 32 0.66 -2.38 9.55
CA LYS A 32 1.93 -1.71 9.83
C LYS A 32 2.60 -1.29 8.52
N LYS A 33 2.46 -2.14 7.51
CA LYS A 33 3.04 -1.88 6.19
C LYS A 33 2.16 -0.91 5.41
N CYS A 34 0.89 -0.86 5.76
CA CYS A 34 -0.08 0.02 5.09
C CYS A 34 0.20 1.49 5.39
N GLU A 35 0.14 1.85 6.66
CA GLU A 35 0.36 3.24 7.09
C GLU A 35 1.66 3.82 6.51
N GLU A 36 2.64 2.95 6.30
CA GLU A 36 3.92 3.39 5.75
C GLU A 36 3.84 3.57 4.23
N LEU A 37 2.96 2.81 3.61
CA LEU A 37 2.77 2.86 2.17
C LEU A 37 1.99 4.11 1.74
N LYS A 38 0.96 4.44 2.50
CA LYS A 38 0.12 5.61 2.20
C LYS A 38 0.83 6.91 2.55
N LYS A 39 1.72 6.85 3.53
CA LYS A 39 2.46 8.02 3.97
C LYS A 39 3.61 8.36 3.02
N LYS A 40 4.17 7.33 2.38
CA LYS A 40 5.27 7.52 1.45
C LYS A 40 4.80 8.20 0.16
N ILE A 41 3.81 7.61 -0.49
CA ILE A 41 3.29 8.16 -1.73
C ILE A 41 2.81 9.60 -1.57
N GLU A 42 2.17 9.89 -0.44
CA GLU A 42 1.66 11.23 -0.17
C GLU A 42 2.79 12.21 0.13
N GLU A 43 3.93 11.68 0.56
CA GLU A 43 5.08 12.52 0.89
C GLU A 43 6.04 12.65 -0.29
N LEU A 44 6.39 11.51 -0.89
CA LEU A 44 7.31 11.50 -2.03
C LEU A 44 6.77 12.35 -3.18
N GLY A 45 7.68 12.76 -4.06
CA GLY A 45 7.29 13.57 -5.19
C GLY A 45 8.19 13.33 -6.40
N GLY A 46 9.49 13.27 -6.16
CA GLY A 46 10.44 13.05 -7.23
C GLY A 46 11.85 12.89 -6.71
N GLY A 47 11.99 12.28 -5.54
CA GLY A 47 13.30 12.07 -4.96
C GLY A 47 13.48 10.68 -4.38
N GLY A 48 12.41 10.12 -3.81
CA GLY A 48 12.49 8.80 -3.23
C GLY A 48 12.15 7.69 -4.21
N GLU A 49 12.24 8.00 -5.50
CA GLU A 49 11.94 7.02 -6.54
C GLU A 49 10.48 6.58 -6.49
N VAL A 50 9.79 6.66 -7.62
CA VAL A 50 8.39 6.27 -7.70
C VAL A 50 8.25 4.77 -7.95
N LYS A 51 9.22 4.19 -8.64
CA LYS A 51 9.20 2.76 -8.95
C LYS A 51 9.52 1.92 -7.71
N LYS A 52 10.12 2.55 -6.72
CA LYS A 52 10.49 1.85 -5.49
C LYS A 52 9.27 1.62 -4.60
N VAL A 53 8.25 2.47 -4.76
CA VAL A 53 7.03 2.36 -3.97
C VAL A 53 6.09 1.32 -4.54
N GLU A 54 5.90 1.34 -5.86
CA GLU A 54 5.02 0.40 -6.52
C GLU A 54 5.49 -1.03 -6.33
N GLU A 55 6.80 -1.20 -6.17
CA GLU A 55 7.38 -2.52 -5.97
C GLU A 55 7.12 -3.04 -4.56
N GLU A 56 7.40 -2.22 -3.56
CA GLU A 56 7.20 -2.60 -2.17
C GLU A 56 5.73 -2.88 -1.87
N VAL A 57 4.86 -2.04 -2.43
CA VAL A 57 3.42 -2.20 -2.22
C VAL A 57 2.90 -3.48 -2.88
N LYS A 58 3.59 -3.93 -3.93
CA LYS A 58 3.21 -5.13 -4.64
C LYS A 58 3.02 -6.31 -3.68
N LYS A 59 3.74 -6.28 -2.56
CA LYS A 59 3.65 -7.35 -1.57
C LYS A 59 2.40 -7.18 -0.71
N LEU A 60 2.07 -5.94 -0.39
CA LEU A 60 0.90 -5.65 0.44
C LEU A 60 -0.40 -5.92 -0.33
N GLU A 61 -0.48 -5.37 -1.54
CA GLU A 61 -1.67 -5.55 -2.38
C GLU A 61 -2.00 -7.02 -2.56
N GLU A 62 -1.01 -7.79 -3.03
CA GLU A 62 -1.20 -9.23 -3.26
C GLU A 62 -1.76 -9.90 -2.01
N GLU A 63 -1.40 -9.36 -0.84
CA GLU A 63 -1.87 -9.89 0.42
C GLU A 63 -3.34 -9.55 0.65
N ILE A 64 -3.80 -8.49 -0.01
CA ILE A 64 -5.18 -8.04 0.12
C ILE A 64 -6.13 -8.95 -0.66
N LYS A 65 -5.62 -9.54 -1.74
CA LYS A 65 -6.44 -10.43 -2.57
C LYS A 65 -7.03 -11.57 -1.73
N LYS A 66 -6.35 -11.93 -0.65
CA LYS A 66 -6.82 -12.99 0.23
C LYS A 66 -7.79 -12.46 1.27
N LEU A 67 -7.58 -11.22 1.69
CA LEU A 67 -8.44 -10.58 2.68
C LEU A 67 -9.83 -10.33 2.11
C1 HTU B . -5.30 -0.60 8.09
O1 HTU B . -7.40 -0.58 9.21
S1 HTU B . -3.70 1.70 5.18
C2 HTU B . -4.44 -0.07 7.15
C3 HTU B . -4.80 1.02 6.36
C4 HTU B . -6.07 1.57 6.57
C5 HTU B . -6.93 1.03 7.52
C6 HTU B . -6.54 -0.05 8.27
H1 HTU B . -4.99 -1.46 8.67
H2 HTU B . -3.47 -0.52 7.01
H4 HTU B . -6.38 2.40 5.99
H5 HTU B . -7.91 1.47 7.66
HO1 HTU B . -7.51 0.06 9.93
#